data_8ZDP
#
_entry.id   8ZDP
#
_entity_poly.entity_id   1
_entity_poly.type   'polypeptide(L)'
_entity_poly.pdbx_seq_one_letter_code
;MTMPNGSGGLDPGAWLSHWVNQADLSSLAGRTEDEVRAYFENLVQADSGWGDASNTFFNLILGGFQNLSEFVTLIVQAVT
GAPGGLTDLQAFLTERWGDLADAFQAVANLIDAIAGEVGSSLADAIAKLATFLTELSPLNAGMLFGLIGTNHLPLLSVSH
IANINPELLVNAGFDSDVSVVDNPYWDWDGTVGRTAPLGAVKVVADGTIKDLLSGPDAIPVVEGQKLNVSAWLKYSGLVA
GAGAGSIRLSGTAYSADGEVVAYPDFGGIPDGASGTSDWTQVTGQYVVPAGVTQFRLRLSVRENATGGTVWFDDCSVKKA
GLLPQGLVDGLVQALSDLLTWLESLVDNVLSALGLDPIGTIVDKILDLADEFGDWLGATEDTAANLSNLLTKLLSDPASV
IGPLAQSMITGLTGALGNLNTAINQIGDVLVGTVVTPINSAISNVIDWFNSLLNFQDTTTSNQINQQNFQIATLASGIKK
QQWECRYSTAFVTFPEMFCDWGFALGGTTGAQSTGTAHTHTLNTDGLAALQIQILPAGYAIGGYIGISDTTIVDTIAMKM
YKETSSAINNVYLEVFREDSTGALTSVGSVDVSGQLTTASDYVEATLPAGVIVNAGERYVVRMRNATTVGNRVGVSVMKE
LVGGRELSIRTETATDSNKTFYTPSEVLTAQGVSVIMPWAMMAAKNLATTDQSFSDDFNRSAMGGLWFLKSDTGTNQVGV
SGGRAAFSGLTDGNQNALYIRPTAGDKQWVEATLYETGIAASGAREGLLMHANRDLSQVVYLGVNLNTAKIYTGPWNSLT
ERASVSTTGNDVLWQMYFDPATAAYTVLKNGQASGLTWTDSGSVVAHGPNYRFGGLRISRATFFNAGRIDNWTLKDWA
;
_entity_poly.pdbx_strand_id   v,w,x
#
# COMPACT_ATOMS: atom_id res chain seq x y z
N GLY A 116 140.01 43.08 -31.90
CA GLY A 116 139.03 43.89 -31.22
C GLY A 116 139.58 44.88 -30.21
N GLU A 117 140.89 44.89 -29.98
CA GLU A 117 141.48 45.81 -29.00
C GLU A 117 142.91 46.12 -29.40
N VAL A 118 143.34 47.36 -29.14
CA VAL A 118 144.69 47.77 -29.47
C VAL A 118 145.69 46.97 -28.63
N GLY A 119 146.85 46.71 -29.22
CA GLY A 119 147.89 45.96 -28.54
C GLY A 119 147.55 44.52 -28.25
N SER A 120 146.97 43.80 -29.21
CA SER A 120 146.58 42.42 -29.05
C SER A 120 147.44 41.52 -29.94
N SER A 121 147.12 40.24 -29.98
CA SER A 121 147.93 39.24 -30.65
C SER A 121 147.10 38.46 -31.67
N LEU A 122 147.79 37.62 -32.44
CA LEU A 122 147.11 36.78 -33.42
C LEU A 122 146.23 35.74 -32.77
N ALA A 123 146.60 35.27 -31.57
CA ALA A 123 145.71 34.36 -30.84
C ALA A 123 144.41 35.05 -30.48
N ASP A 124 144.48 36.30 -30.03
CA ASP A 124 143.26 37.06 -29.76
C ASP A 124 142.48 37.30 -31.05
N ALA A 125 143.18 37.53 -32.17
CA ALA A 125 142.50 37.73 -33.44
C ALA A 125 141.71 36.49 -33.86
N ILE A 126 142.34 35.31 -33.76
CA ILE A 126 141.66 34.09 -34.15
C ILE A 126 140.56 33.74 -33.16
N ALA A 127 140.73 34.08 -31.87
CA ALA A 127 139.65 33.89 -30.92
C ALA A 127 138.44 34.77 -31.26
N LYS A 128 138.70 36.02 -31.65
CA LYS A 128 137.61 36.89 -32.08
C LYS A 128 136.94 36.36 -33.35
N LEU A 129 137.74 35.81 -34.27
CA LEU A 129 137.17 35.20 -35.46
C LEU A 129 136.31 34.00 -35.10
N ALA A 130 136.72 33.23 -34.09
CA ALA A 130 135.91 32.12 -33.62
C ALA A 130 134.59 32.61 -33.02
N THR A 131 134.65 33.68 -32.23
CA THR A 131 133.43 34.27 -31.68
C THR A 131 132.54 34.87 -32.75
N PHE A 132 133.12 35.28 -33.88
CA PHE A 132 132.38 35.78 -35.02
C PHE A 132 131.36 34.75 -35.50
N LEU A 133 130.07 35.05 -35.36
CA LEU A 133 129.03 34.09 -35.69
C LEU A 133 128.78 34.09 -37.20
N THR A 134 128.79 32.90 -37.80
CA THR A 134 128.62 32.74 -39.22
C THR A 134 127.19 32.30 -39.54
N GLU A 135 126.91 32.09 -40.82
CA GLU A 135 125.58 31.67 -41.24
C GLU A 135 125.24 30.28 -40.73
N LEU A 136 126.24 29.43 -40.55
CA LEU A 136 126.03 28.07 -40.07
C LEU A 136 126.12 27.95 -38.55
N SER A 137 126.35 29.05 -37.85
CA SER A 137 126.49 29.04 -36.39
C SER A 137 125.13 29.26 -35.74
N PRO A 138 124.72 28.39 -34.82
CA PRO A 138 123.46 28.62 -34.10
C PRO A 138 123.57 29.82 -33.17
N LEU A 139 122.42 30.38 -32.82
CA LEU A 139 122.36 31.62 -32.08
C LEU A 139 121.69 31.42 -30.73
N ASN A 140 122.15 32.20 -29.74
CA ASN A 140 121.55 32.19 -28.42
C ASN A 140 120.09 32.59 -28.50
N ALA A 141 119.23 31.82 -27.85
CA ALA A 141 117.80 32.12 -27.78
C ALA A 141 117.42 32.86 -26.51
N GLY A 142 118.41 33.38 -25.78
CA GLY A 142 118.11 33.96 -24.48
C GLY A 142 117.24 35.21 -24.56
N MET A 143 117.63 36.16 -25.42
CA MET A 143 116.99 37.47 -25.41
C MET A 143 116.13 37.73 -26.64
N LEU A 144 116.70 37.66 -27.85
CA LEU A 144 115.97 37.96 -29.09
C LEU A 144 115.13 39.23 -28.97
N PHE A 145 115.76 40.38 -28.81
CA PHE A 145 115.02 41.62 -28.66
C PHE A 145 114.16 41.90 -29.90
N GLY A 146 113.00 42.49 -29.66
CA GLY A 146 112.10 42.83 -30.74
C GLY A 146 110.76 42.12 -30.64
N LEU A 147 110.32 41.52 -31.73
CA LEU A 147 109.02 40.86 -31.75
C LEU A 147 108.96 39.94 -32.97
N ILE A 148 108.61 38.68 -32.75
CA ILE A 148 108.59 37.69 -33.80
C ILE A 148 107.23 37.70 -34.47
N GLY A 149 107.23 37.71 -35.80
CA GLY A 149 105.98 37.81 -36.54
C GLY A 149 105.12 36.57 -36.41
N THR A 150 103.84 36.73 -36.76
CA THR A 150 102.88 35.63 -36.64
C THR A 150 103.09 34.58 -37.71
N ASN A 151 103.33 35.00 -38.95
CA ASN A 151 103.43 34.06 -40.06
C ASN A 151 104.63 33.14 -39.95
N HIS A 152 105.58 33.42 -39.07
CA HIS A 152 106.74 32.57 -38.88
C HIS A 152 106.51 31.47 -37.84
N LEU A 153 105.34 31.41 -37.24
CA LEU A 153 105.03 30.38 -36.24
C LEU A 153 104.08 29.36 -36.82
N PRO A 154 104.55 28.19 -37.21
CA PRO A 154 103.71 27.25 -37.97
C PRO A 154 102.78 26.42 -37.09
N LEU A 155 103.23 26.06 -35.91
CA LEU A 155 102.53 25.07 -35.09
C LEU A 155 102.86 25.29 -33.63
N LEU A 156 101.82 25.30 -32.80
CA LEU A 156 101.96 25.53 -31.38
C LEU A 156 101.87 24.21 -30.62
N SER A 157 101.83 24.29 -29.30
CA SER A 157 101.65 23.11 -28.45
C SER A 157 100.51 23.38 -27.48
N VAL A 158 99.47 22.54 -27.55
CA VAL A 158 98.29 22.73 -26.73
C VAL A 158 98.66 22.65 -25.25
N SER A 159 99.52 21.70 -24.88
CA SER A 159 99.98 21.63 -23.51
C SER A 159 100.77 22.89 -23.13
N HIS A 160 101.62 23.36 -24.03
CA HIS A 160 102.39 24.57 -23.75
C HIS A 160 101.51 25.80 -23.60
N ILE A 161 100.29 25.76 -24.15
CA ILE A 161 99.35 26.86 -23.90
C ILE A 161 99.04 26.96 -22.42
N ALA A 162 99.03 28.17 -21.89
CA ALA A 162 98.77 28.40 -20.49
C ALA A 162 98.35 29.86 -20.30
N ASN A 163 98.27 30.31 -19.06
CA ASN A 163 97.74 31.63 -18.71
C ASN A 163 98.89 32.53 -18.23
N ILE A 164 99.31 33.44 -19.10
CA ILE A 164 100.34 34.42 -18.81
C ILE A 164 100.04 35.71 -19.57
N ASN A 165 100.23 36.85 -18.92
CA ASN A 165 100.07 38.16 -19.54
C ASN A 165 101.39 38.90 -19.46
N PRO A 166 102.25 38.78 -20.46
CA PRO A 166 103.55 39.46 -20.43
C PRO A 166 103.50 40.81 -21.13
N GLU A 167 104.54 41.60 -20.89
CA GLU A 167 104.65 42.90 -21.52
C GLU A 167 104.80 42.76 -23.03
N LEU A 168 104.36 43.79 -23.75
CA LEU A 168 104.39 43.78 -25.21
C LEU A 168 105.59 44.53 -25.77
N LEU A 169 105.73 45.81 -25.40
CA LEU A 169 106.79 46.63 -25.94
C LEU A 169 108.15 46.24 -25.37
N VAL A 170 109.20 46.60 -26.11
CA VAL A 170 110.58 46.39 -25.68
C VAL A 170 111.13 47.73 -25.21
N ASN A 171 111.83 47.71 -24.07
CA ASN A 171 112.28 48.94 -23.41
C ASN A 171 111.10 49.85 -23.10
N ALA A 172 110.06 49.25 -22.53
CA ALA A 172 108.85 50.01 -22.19
C ALA A 172 109.12 51.05 -21.12
N GLY A 173 109.94 50.72 -20.14
CA GLY A 173 110.22 51.62 -19.04
C GLY A 173 111.22 52.71 -19.33
N PHE A 174 111.74 52.77 -20.56
CA PHE A 174 112.71 53.79 -20.96
C PHE A 174 113.97 53.75 -20.11
N ASP A 175 114.30 52.56 -19.57
CA ASP A 175 115.47 52.43 -18.71
C ASP A 175 116.78 52.52 -19.49
N SER A 176 116.73 52.45 -20.82
CA SER A 176 117.92 52.57 -21.66
C SER A 176 117.67 53.63 -22.72
N ASP A 177 118.68 53.84 -23.58
CA ASP A 177 118.61 54.86 -24.61
C ASP A 177 117.70 54.49 -25.77
N VAL A 178 117.35 53.22 -25.92
CA VAL A 178 116.54 52.78 -27.05
C VAL A 178 115.13 53.38 -26.94
N SER A 179 114.48 53.53 -28.09
CA SER A 179 113.13 54.07 -28.30
C SER A 179 113.09 55.60 -28.26
N VAL A 180 114.22 56.27 -28.02
CA VAL A 180 114.26 57.73 -28.02
C VAL A 180 115.37 58.11 -29.00
N VAL A 181 115.64 57.22 -29.96
CA VAL A 181 116.75 57.44 -30.88
C VAL A 181 116.41 58.57 -31.85
N ASP A 182 117.45 59.30 -32.27
CA ASP A 182 117.39 60.36 -33.28
C ASP A 182 116.20 61.28 -33.08
N ASN A 183 116.20 61.96 -31.94
CA ASN A 183 115.12 62.89 -31.62
C ASN A 183 115.64 64.12 -30.89
N PRO A 184 115.57 65.30 -31.50
CA PRO A 184 115.91 66.54 -30.77
C PRO A 184 114.83 66.99 -29.81
N TYR A 185 113.67 66.35 -29.80
CA TYR A 185 112.58 66.76 -28.92
C TYR A 185 112.70 66.06 -27.56
N TRP A 186 112.74 64.74 -27.57
CA TRP A 186 112.91 63.93 -26.36
C TRP A 186 114.37 63.50 -26.22
N ASP A 187 114.74 63.13 -25.00
CA ASP A 187 116.03 62.50 -24.78
C ASP A 187 115.94 61.53 -23.62
N TRP A 188 116.91 60.63 -23.54
CA TRP A 188 116.96 59.65 -22.47
C TRP A 188 117.68 60.22 -21.26
N ASP A 189 117.21 59.86 -20.07
CA ASP A 189 117.81 60.32 -18.83
C ASP A 189 118.08 59.13 -17.93
N GLY A 190 119.23 59.15 -17.26
CA GLY A 190 119.59 58.13 -16.29
C GLY A 190 119.57 58.58 -14.85
N THR A 191 119.05 59.76 -14.54
CA THR A 191 119.05 60.27 -13.19
C THR A 191 117.66 60.51 -12.60
N VAL A 192 116.61 60.53 -13.42
CA VAL A 192 115.25 60.72 -12.94
C VAL A 192 114.45 59.46 -13.28
N GLY A 193 113.83 58.86 -12.28
CA GLY A 193 113.08 57.65 -12.47
C GLY A 193 112.93 56.91 -11.16
N ARG A 194 112.34 55.71 -11.26
CA ARG A 194 112.14 54.85 -10.10
C ARG A 194 112.94 53.56 -10.19
N THR A 195 112.76 52.80 -11.26
CA THR A 195 113.49 51.55 -11.43
C THR A 195 114.89 51.81 -11.99
N ALA A 196 115.83 50.96 -11.59
CA ALA A 196 117.19 51.12 -12.06
C ALA A 196 117.27 50.94 -13.57
N PRO A 197 118.12 51.70 -14.27
CA PRO A 197 119.06 52.70 -13.75
C PRO A 197 118.44 54.10 -13.73
N LEU A 198 117.21 54.24 -13.24
CA LEU A 198 116.51 55.53 -13.19
C LEU A 198 116.45 56.18 -14.57
N GLY A 199 116.12 55.36 -15.57
CA GLY A 199 116.04 55.85 -16.94
C GLY A 199 114.61 56.25 -17.30
N ALA A 200 114.45 57.48 -17.78
CA ALA A 200 113.16 58.00 -18.18
C ALA A 200 113.36 58.88 -19.40
N VAL A 201 112.28 59.57 -19.80
CA VAL A 201 112.29 60.44 -20.96
C VAL A 201 112.21 61.89 -20.49
N LYS A 202 113.16 62.71 -20.93
CA LYS A 202 113.18 64.13 -20.66
C LYS A 202 112.77 64.89 -21.91
N VAL A 203 112.19 66.07 -21.70
CA VAL A 203 111.64 66.87 -22.79
C VAL A 203 111.45 68.29 -22.30
N VAL A 204 111.48 69.24 -23.22
CA VAL A 204 111.19 70.64 -22.94
C VAL A 204 110.04 71.07 -23.85
N ALA A 205 109.04 71.73 -23.25
CA ALA A 205 107.84 72.17 -23.98
C ALA A 205 107.98 73.66 -24.27
N ASP A 206 108.49 73.96 -25.47
CA ASP A 206 108.69 75.35 -25.90
C ASP A 206 107.43 75.90 -26.57
N GLY A 207 106.30 75.79 -25.90
CA GLY A 207 105.06 76.32 -26.44
C GLY A 207 104.50 75.55 -27.62
N THR A 208 104.85 74.27 -27.76
CA THR A 208 104.52 73.55 -28.98
C THR A 208 103.86 72.20 -28.70
N ILE A 209 103.61 71.43 -29.76
CA ILE A 209 103.08 70.07 -29.67
C ILE A 209 104.25 69.12 -29.45
N LYS A 210 103.96 67.89 -29.03
CA LYS A 210 105.02 66.93 -28.77
C LYS A 210 104.54 65.53 -29.09
N ASP A 211 105.41 64.73 -29.69
CA ASP A 211 105.10 63.34 -30.00
C ASP A 211 106.34 62.48 -29.85
N LEU A 212 106.11 61.21 -29.51
CA LEU A 212 107.19 60.25 -29.32
C LEU A 212 106.69 58.86 -29.69
N LEU A 213 107.51 58.13 -30.43
CA LEU A 213 107.17 56.81 -30.94
C LEU A 213 108.01 55.74 -30.26
N SER A 214 107.40 54.58 -30.06
CA SER A 214 108.11 53.44 -29.49
C SER A 214 109.17 52.92 -30.45
N GLY A 215 110.34 52.61 -29.90
CA GLY A 215 111.45 52.12 -30.69
C GLY A 215 111.17 50.82 -31.41
N PRO A 216 110.63 49.82 -30.70
CA PRO A 216 110.19 48.59 -31.38
C PRO A 216 109.07 48.89 -32.36
N ASP A 217 108.96 48.01 -33.36
CA ASP A 217 108.03 48.21 -34.47
C ASP A 217 106.60 47.94 -34.00
N ALA A 218 105.68 47.89 -34.97
CA ALA A 218 104.26 47.82 -34.65
C ALA A 218 103.90 46.52 -33.95
N ILE A 219 103.17 46.63 -32.85
CA ILE A 219 102.61 45.45 -32.18
C ILE A 219 101.44 44.92 -33.01
N PRO A 220 101.42 43.65 -33.36
CA PRO A 220 100.29 43.13 -34.14
C PRO A 220 99.02 43.03 -33.32
N VAL A 221 98.09 43.95 -33.57
CA VAL A 221 96.84 44.02 -32.83
C VAL A 221 95.71 43.55 -33.75
N VAL A 222 94.72 42.88 -33.17
CA VAL A 222 93.64 42.26 -33.93
C VAL A 222 92.33 42.47 -33.17
N GLU A 223 91.23 42.15 -33.86
CA GLU A 223 89.91 42.37 -33.28
C GLU A 223 89.72 41.50 -32.04
N GLY A 224 88.83 41.94 -31.16
CA GLY A 224 88.73 41.27 -29.88
C GLY A 224 89.99 41.49 -29.07
N GLN A 225 90.29 40.52 -28.20
CA GLN A 225 91.49 40.49 -27.37
C GLN A 225 91.79 41.86 -26.75
N LYS A 226 90.91 42.29 -25.85
CA LYS A 226 91.01 43.60 -25.23
C LYS A 226 92.41 43.84 -24.66
N LEU A 227 92.81 45.11 -24.61
CA LEU A 227 94.13 45.50 -24.13
C LEU A 227 94.00 46.50 -22.99
N ASN A 228 95.06 46.61 -22.20
CA ASN A 228 95.13 47.66 -21.18
C ASN A 228 96.46 48.38 -21.29
N VAL A 229 96.41 49.71 -21.21
CA VAL A 229 97.57 50.58 -21.35
C VAL A 229 97.72 51.40 -20.08
N SER A 230 98.94 51.43 -19.53
CA SER A 230 99.22 52.21 -18.34
C SER A 230 100.64 52.71 -18.39
N ALA A 231 100.92 53.76 -17.62
CA ALA A 231 102.25 54.34 -17.51
C ALA A 231 102.25 55.35 -16.37
N TRP A 232 103.38 55.44 -15.66
CA TRP A 232 103.53 56.42 -14.59
C TRP A 232 104.11 57.69 -15.20
N LEU A 233 103.32 58.75 -15.20
CA LEU A 233 103.69 60.03 -15.80
C LEU A 233 103.90 61.08 -14.72
N LYS A 234 104.71 62.07 -15.05
CA LYS A 234 105.02 63.16 -14.14
C LYS A 234 105.32 64.41 -14.97
N TYR A 235 105.07 65.57 -14.39
CA TYR A 235 105.42 66.84 -15.02
C TYR A 235 106.04 67.74 -13.97
N SER A 236 107.28 68.18 -14.22
CA SER A 236 108.04 69.01 -13.31
C SER A 236 108.21 70.40 -13.92
N GLY A 237 107.92 71.42 -13.13
CA GLY A 237 108.02 72.79 -13.61
C GLY A 237 107.13 73.10 -14.79
N LEU A 238 105.94 72.49 -14.84
CA LEU A 238 105.08 72.62 -16.01
C LEU A 238 104.57 74.05 -16.11
N VAL A 239 105.16 74.81 -17.04
CA VAL A 239 104.67 76.14 -17.37
C VAL A 239 103.67 76.07 -18.54
N ALA A 240 103.24 74.86 -18.89
CA ALA A 240 102.29 74.69 -19.97
C ALA A 240 100.97 75.38 -19.65
N GLY A 241 100.28 75.81 -20.70
CA GLY A 241 99.01 76.48 -20.53
C GLY A 241 97.98 75.62 -19.83
N ALA A 242 97.33 76.17 -18.81
CA ALA A 242 96.35 75.42 -18.04
C ALA A 242 95.08 75.21 -18.85
N GLY A 243 94.99 74.07 -19.53
CA GLY A 243 93.83 73.78 -20.36
C GLY A 243 93.58 72.30 -20.54
N ALA A 244 92.69 71.96 -21.47
CA ALA A 244 92.36 70.57 -21.75
C ALA A 244 93.27 70.03 -22.84
N GLY A 245 94.04 69.01 -22.51
CA GLY A 245 94.96 68.42 -23.46
C GLY A 245 96.30 68.08 -22.84
N SER A 246 97.38 68.58 -23.45
CA SER A 246 98.76 68.32 -23.03
C SER A 246 98.95 66.80 -23.03
N ILE A 247 99.18 66.16 -21.88
CA ILE A 247 99.47 64.72 -21.87
C ILE A 247 98.23 63.94 -22.30
N ARG A 248 98.40 63.09 -23.32
CA ARG A 248 97.33 62.20 -23.79
C ARG A 248 97.99 60.86 -24.12
N LEU A 249 98.02 59.97 -23.13
CA LEU A 249 98.58 58.63 -23.34
C LEU A 249 97.67 57.84 -24.27
N SER A 250 98.19 57.45 -25.43
CA SER A 250 97.36 56.84 -26.45
C SER A 250 98.21 55.94 -27.34
N GLY A 251 97.58 55.37 -28.36
CA GLY A 251 98.24 54.47 -29.26
C GLY A 251 97.95 54.81 -30.71
N THR A 252 98.80 54.26 -31.58
CA THR A 252 98.68 54.39 -33.02
C THR A 252 98.21 53.05 -33.56
N ALA A 253 97.01 53.04 -34.15
CA ALA A 253 96.43 51.82 -34.72
C ALA A 253 96.62 51.89 -36.24
N TYR A 254 97.55 51.10 -36.75
CA TYR A 254 97.83 51.05 -38.18
C TYR A 254 97.00 49.96 -38.84
N SER A 255 96.54 50.25 -40.06
CA SER A 255 95.72 49.33 -40.81
C SER A 255 96.60 48.26 -41.44
N ALA A 256 96.04 47.49 -42.37
CA ALA A 256 96.78 46.41 -43.01
C ALA A 256 98.02 46.94 -43.72
N ASP A 257 97.89 48.06 -44.43
CA ASP A 257 99.02 48.71 -45.07
C ASP A 257 99.77 49.66 -44.15
N GLY A 258 99.25 49.91 -42.95
CA GLY A 258 99.93 50.80 -42.01
C GLY A 258 99.42 52.22 -42.04
N GLU A 259 98.10 52.41 -41.97
CA GLU A 259 97.48 53.72 -42.00
C GLU A 259 96.83 54.01 -40.66
N VAL A 260 97.04 55.23 -40.16
CA VAL A 260 96.44 55.65 -38.90
C VAL A 260 94.93 55.72 -39.07
N VAL A 261 94.19 55.19 -38.09
CA VAL A 261 92.75 55.16 -38.15
C VAL A 261 92.12 56.02 -37.05
N ALA A 262 92.73 56.06 -35.86
CA ALA A 262 92.15 56.79 -34.75
C ALA A 262 93.24 57.16 -33.77
N TYR A 263 92.86 57.96 -32.77
CA TYR A 263 93.74 58.37 -31.68
C TYR A 263 93.08 57.98 -30.35
N PRO A 264 93.03 56.69 -30.05
CA PRO A 264 92.32 56.26 -28.83
C PRO A 264 93.08 56.62 -27.57
N ASP A 265 92.60 57.63 -26.84
CA ASP A 265 93.26 58.08 -25.64
C ASP A 265 92.90 57.18 -24.47
N PHE A 266 93.90 56.51 -23.91
CA PHE A 266 93.71 55.62 -22.78
C PHE A 266 93.99 56.29 -21.44
N GLY A 267 94.36 57.57 -21.44
CA GLY A 267 94.65 58.25 -20.19
C GLY A 267 95.31 59.58 -20.46
N GLY A 268 95.73 60.21 -19.37
CA GLY A 268 96.37 61.51 -19.45
C GLY A 268 95.86 62.47 -18.39
N ILE A 269 96.35 63.70 -18.43
CA ILE A 269 95.96 64.71 -17.44
C ILE A 269 94.63 65.33 -17.85
N PRO A 270 93.82 65.78 -16.89
CA PRO A 270 92.55 66.45 -17.24
C PRO A 270 92.76 67.90 -17.64
N ASP A 271 91.67 68.64 -17.80
CA ASP A 271 91.74 70.05 -18.15
C ASP A 271 92.49 70.82 -17.06
N GLY A 272 93.13 71.91 -17.47
CA GLY A 272 93.93 72.70 -16.56
C GLY A 272 95.36 72.20 -16.45
N ALA A 273 96.04 72.13 -17.60
CA ALA A 273 97.39 71.57 -17.69
C ALA A 273 98.39 72.58 -17.14
N SER A 274 98.67 72.49 -15.84
CA SER A 274 99.67 73.32 -15.19
C SER A 274 100.03 72.71 -13.85
N GLY A 275 101.09 73.23 -13.26
CA GLY A 275 101.52 72.82 -11.94
C GLY A 275 102.59 71.76 -11.94
N THR A 276 102.63 71.01 -10.84
CA THR A 276 103.60 69.93 -10.66
C THR A 276 102.90 68.77 -9.97
N SER A 277 103.36 67.56 -10.27
CA SER A 277 102.82 66.35 -9.66
C SER A 277 103.94 65.34 -9.51
N ASP A 278 103.57 64.10 -9.22
CA ASP A 278 104.51 62.99 -9.08
C ASP A 278 104.07 61.86 -10.01
N TRP A 279 104.69 60.69 -9.86
CA TRP A 279 104.36 59.54 -10.68
C TRP A 279 102.90 59.15 -10.51
N THR A 280 102.09 59.37 -11.53
CA THR A 280 100.68 59.06 -11.51
C THR A 280 100.35 58.11 -12.65
N GLN A 281 99.46 57.15 -12.38
CA GLN A 281 99.11 56.12 -13.35
C GLN A 281 97.75 56.40 -13.96
N VAL A 282 97.67 56.30 -15.27
CA VAL A 282 96.40 56.37 -16.00
C VAL A 282 96.17 55.03 -16.68
N THR A 283 95.00 54.45 -16.44
CA THR A 283 94.67 53.11 -16.94
C THR A 283 93.64 53.23 -18.05
N GLY A 284 93.92 52.58 -19.18
CA GLY A 284 92.98 52.60 -20.29
C GLY A 284 92.71 51.24 -20.88
N GLN A 285 91.44 50.83 -20.85
CA GLN A 285 91.01 49.58 -21.46
C GLN A 285 90.59 49.85 -22.91
N TYR A 286 91.29 49.26 -23.85
CA TYR A 286 91.06 49.48 -25.27
C TYR A 286 90.44 48.24 -25.89
N VAL A 287 89.35 48.44 -26.61
CA VAL A 287 88.67 47.39 -27.37
C VAL A 287 88.93 47.65 -28.85
N VAL A 288 89.44 46.64 -29.55
CA VAL A 288 89.92 46.81 -30.92
C VAL A 288 88.75 46.79 -31.90
N PRO A 289 88.54 47.86 -32.66
CA PRO A 289 87.55 47.81 -33.75
C PRO A 289 88.06 46.99 -34.92
N ALA A 290 87.15 46.64 -35.81
CA ALA A 290 87.49 45.79 -36.93
C ALA A 290 88.41 46.52 -37.91
N GLY A 291 89.08 45.74 -38.74
CA GLY A 291 89.97 46.29 -39.75
C GLY A 291 91.21 46.98 -39.20
N VAL A 292 91.76 46.48 -38.11
CA VAL A 292 92.98 47.01 -37.51
C VAL A 292 93.97 45.86 -37.35
N THR A 293 95.21 46.08 -37.79
CA THR A 293 96.20 45.01 -37.81
C THR A 293 97.45 45.30 -36.99
N GLN A 294 97.86 46.57 -36.86
CA GLN A 294 99.11 46.90 -36.19
C GLN A 294 98.84 47.91 -35.08
N PHE A 295 99.65 47.83 -34.01
CA PHE A 295 99.52 48.76 -32.90
C PHE A 295 100.89 49.27 -32.47
N ARG A 296 100.91 50.51 -32.02
CA ARG A 296 102.08 51.12 -31.41
C ARG A 296 101.61 51.99 -30.25
N LEU A 297 102.52 52.28 -29.33
CA LEU A 297 102.22 53.16 -28.20
C LEU A 297 102.81 54.53 -28.48
N ARG A 298 101.96 55.55 -28.60
CA ARG A 298 102.41 56.90 -28.89
C ARG A 298 102.36 57.74 -27.63
N LEU A 299 103.29 58.68 -27.53
CA LEU A 299 103.32 59.65 -26.44
C LEU A 299 103.01 61.00 -27.06
N SER A 300 101.86 61.56 -26.70
CA SER A 300 101.37 62.78 -27.33
C SER A 300 101.12 63.85 -26.28
N VAL A 301 101.56 65.07 -26.60
CA VAL A 301 101.29 66.25 -25.79
C VAL A 301 100.74 67.31 -26.72
N ARG A 302 99.53 67.80 -26.42
CA ARG A 302 98.82 68.73 -27.28
C ARG A 302 99.64 70.01 -27.50
N GLU A 303 99.30 70.72 -28.59
CA GLU A 303 100.06 71.89 -28.98
C GLU A 303 99.91 73.05 -27.99
N ASN A 304 98.84 73.08 -27.21
CA ASN A 304 98.63 74.17 -26.27
C ASN A 304 99.64 74.19 -25.13
N ALA A 305 100.41 73.12 -24.95
CA ALA A 305 101.42 73.10 -23.89
C ALA A 305 102.48 74.16 -24.16
N THR A 306 102.97 74.79 -23.07
CA THR A 306 103.89 75.91 -23.20
C THR A 306 105.04 75.87 -22.20
N GLY A 307 105.37 74.72 -21.64
CA GLY A 307 106.51 74.64 -20.75
C GLY A 307 106.44 73.42 -19.84
N GLY A 308 107.57 73.16 -19.20
CA GLY A 308 107.71 72.07 -18.27
C GLY A 308 108.49 70.89 -18.85
N THR A 309 108.85 69.97 -17.96
CA THR A 309 109.54 68.74 -18.34
C THR A 309 108.65 67.56 -17.99
N VAL A 310 108.35 66.73 -18.99
CA VAL A 310 107.44 65.61 -18.81
C VAL A 310 108.26 64.32 -18.75
N TRP A 311 107.96 63.49 -17.77
CA TRP A 311 108.62 62.21 -17.57
C TRP A 311 107.60 61.08 -17.67
N PHE A 312 108.01 59.99 -18.32
CA PHE A 312 107.19 58.80 -18.44
C PHE A 312 108.02 57.57 -18.09
N ASP A 313 107.43 56.66 -17.32
CA ASP A 313 108.15 55.46 -16.92
C ASP A 313 107.15 54.32 -16.74
N ASP A 314 107.70 53.10 -16.66
CA ASP A 314 106.92 51.90 -16.38
C ASP A 314 105.74 51.76 -17.33
N CYS A 315 105.97 52.06 -18.61
CA CYS A 315 104.94 51.87 -19.62
C CYS A 315 104.60 50.40 -19.73
N SER A 316 103.32 50.11 -19.94
CA SER A 316 102.85 48.73 -20.00
C SER A 316 101.59 48.69 -20.86
N VAL A 317 101.73 48.14 -22.06
CA VAL A 317 100.59 47.82 -22.92
C VAL A 317 100.50 46.30 -22.95
N LYS A 318 99.40 45.76 -22.41
CA LYS A 318 99.26 44.33 -22.24
C LYS A 318 97.99 43.84 -22.93
N LYS A 319 98.10 42.68 -23.58
CA LYS A 319 96.92 41.96 -24.04
C LYS A 319 96.35 41.17 -22.86
N ALA A 320 95.09 41.43 -22.54
CA ALA A 320 94.46 40.82 -21.37
C ALA A 320 93.15 40.17 -21.78
N GLY A 321 92.75 39.18 -20.99
CA GLY A 321 91.52 38.44 -21.19
C GLY A 321 91.77 36.96 -21.22
N LEU A 322 90.75 36.22 -21.60
CA LEU A 322 90.81 34.77 -21.72
C LEU A 322 90.54 34.39 -23.17
N LEU A 323 90.38 33.09 -23.42
CA LEU A 323 90.09 32.62 -24.77
C LEU A 323 88.75 33.18 -25.23
N PRO A 324 88.70 33.89 -26.34
CA PRO A 324 87.41 34.36 -26.86
C PRO A 324 86.50 33.19 -27.19
N GLN A 325 85.20 33.40 -26.96
CA GLN A 325 84.22 32.33 -27.16
C GLN A 325 84.17 31.88 -28.61
N GLY A 326 84.24 32.82 -29.56
CA GLY A 326 84.08 32.51 -30.95
C GLY A 326 85.32 32.01 -31.67
N LEU A 327 86.15 31.24 -30.97
CA LEU A 327 87.31 30.60 -31.57
C LEU A 327 87.27 29.09 -31.54
N VAL A 328 86.58 28.50 -30.57
CA VAL A 328 86.38 27.06 -30.51
C VAL A 328 85.31 26.63 -31.49
N ASP A 329 85.49 25.43 -32.05
CA ASP A 329 84.69 24.99 -33.19
C ASP A 329 83.28 24.62 -32.76
N GLY A 330 82.29 25.32 -33.30
CA GLY A 330 80.89 24.97 -33.12
C GLY A 330 80.42 24.92 -31.68
N LEU A 331 81.31 25.22 -30.75
CA LEU A 331 80.96 25.18 -29.34
C LEU A 331 79.93 26.25 -29.00
N VAL A 332 80.06 27.44 -29.59
CA VAL A 332 79.08 28.50 -29.35
C VAL A 332 77.70 28.03 -29.78
N GLN A 333 77.62 27.47 -30.99
CA GLN A 333 76.34 27.00 -31.50
C GLN A 333 75.80 25.87 -30.63
N ALA A 334 76.66 24.95 -30.20
CA ALA A 334 76.21 23.81 -29.41
C ALA A 334 75.69 24.26 -28.03
N LEU A 335 76.42 25.15 -27.37
CA LEU A 335 75.98 25.65 -26.07
C LEU A 335 74.68 26.44 -26.20
N SER A 336 74.59 27.27 -27.23
CA SER A 336 73.35 27.99 -27.48
C SER A 336 72.20 27.03 -27.73
N ASP A 337 72.45 25.97 -28.52
CA ASP A 337 71.40 25.01 -28.82
C ASP A 337 70.95 24.29 -27.56
N LEU A 338 71.88 23.90 -26.68
CA LEU A 338 71.50 23.23 -25.45
C LEU A 338 70.67 24.14 -24.56
N LEU A 339 71.12 25.38 -24.37
CA LEU A 339 70.39 26.30 -23.52
C LEU A 339 69.00 26.61 -24.07
N THR A 340 68.91 26.84 -25.38
CA THR A 340 67.61 27.10 -25.99
C THR A 340 66.71 25.88 -25.95
N TRP A 341 67.28 24.68 -26.09
CA TRP A 341 66.47 23.47 -25.98
C TRP A 341 65.89 23.33 -24.59
N LEU A 342 66.70 23.57 -23.56
CA LEU A 342 66.20 23.49 -22.19
C LEU A 342 65.09 24.52 -21.95
N GLU A 343 65.35 25.77 -22.33
CA GLU A 343 64.36 26.82 -22.07
C GLU A 343 63.10 26.60 -22.90
N SER A 344 63.23 26.10 -24.13
CA SER A 344 62.07 25.84 -24.96
C SER A 344 61.24 24.69 -24.41
N LEU A 345 61.90 23.65 -23.90
CA LEU A 345 61.18 22.58 -23.24
C LEU A 345 60.39 23.11 -22.05
N VAL A 346 61.03 23.95 -21.23
CA VAL A 346 60.37 24.50 -20.07
C VAL A 346 59.17 25.35 -20.50
N ASP A 347 59.37 26.21 -21.50
CA ASP A 347 58.30 27.10 -21.94
C ASP A 347 57.14 26.33 -22.55
N ASN A 348 57.44 25.32 -23.37
CA ASN A 348 56.37 24.54 -23.99
C ASN A 348 55.59 23.74 -22.95
N VAL A 349 56.29 23.17 -21.97
CA VAL A 349 55.59 22.45 -20.90
C VAL A 349 54.70 23.41 -20.12
N LEU A 350 55.22 24.60 -19.79
CA LEU A 350 54.41 25.56 -19.05
C LEU A 350 53.20 26.00 -19.84
N SER A 351 53.37 26.23 -21.14
CA SER A 351 52.24 26.60 -21.99
C SER A 351 51.20 25.48 -22.05
N ALA A 352 51.66 24.23 -22.14
CA ALA A 352 50.73 23.12 -22.16
C ALA A 352 49.95 23.02 -20.85
N LEU A 353 50.63 23.22 -19.72
CA LEU A 353 49.94 23.16 -18.44
C LEU A 353 49.13 24.41 -18.12
N GLY A 354 49.31 25.48 -18.89
CA GLY A 354 48.42 26.63 -18.75
C GLY A 354 49.11 27.94 -18.42
N LEU A 355 50.13 27.91 -17.56
CA LEU A 355 50.78 29.13 -17.14
C LEU A 355 51.60 29.73 -18.29
N ASP A 356 51.66 31.06 -18.31
CA ASP A 356 52.44 31.78 -19.30
C ASP A 356 53.86 32.00 -18.79
N PRO A 357 54.88 31.50 -19.48
CA PRO A 357 56.26 31.60 -18.97
C PRO A 357 56.86 32.97 -19.25
N ILE A 358 57.01 33.77 -18.19
CA ILE A 358 57.71 35.04 -18.26
C ILE A 358 58.69 35.11 -17.10
N GLY A 359 59.95 35.41 -17.40
CA GLY A 359 60.98 35.54 -16.39
C GLY A 359 62.21 34.74 -16.77
N THR A 360 63.02 34.44 -15.76
CA THR A 360 64.23 33.66 -15.98
C THR A 360 63.92 32.17 -15.98
N ILE A 361 64.96 31.38 -16.29
CA ILE A 361 64.79 29.93 -16.28
C ILE A 361 64.47 29.44 -14.88
N VAL A 362 65.09 30.03 -13.86
CA VAL A 362 64.83 29.63 -12.48
C VAL A 362 63.38 29.93 -12.11
N ASP A 363 62.90 31.12 -12.46
CA ASP A 363 61.52 31.48 -12.16
C ASP A 363 60.54 30.59 -12.89
N LYS A 364 60.82 30.29 -14.16
CA LYS A 364 59.95 29.40 -14.92
C LYS A 364 59.93 28.01 -14.31
N ILE A 365 61.08 27.52 -13.86
CA ILE A 365 61.14 26.20 -13.24
C ILE A 365 60.36 26.19 -11.93
N LEU A 366 60.46 27.27 -11.14
CA LEU A 366 59.70 27.34 -9.90
C LEU A 366 58.20 27.37 -10.17
N ASP A 367 57.78 28.14 -11.17
CA ASP A 367 56.37 28.15 -11.54
C ASP A 367 55.92 26.78 -12.00
N LEU A 368 56.79 26.07 -12.74
CA LEU A 368 56.47 24.72 -13.18
C LEU A 368 56.31 23.78 -12.00
N ALA A 369 57.18 23.93 -10.99
CA ALA A 369 57.06 23.09 -9.80
C ALA A 369 55.76 23.37 -9.06
N ASP A 370 55.39 24.64 -8.93
CA ASP A 370 54.12 24.98 -8.29
C ASP A 370 52.94 24.41 -9.08
N GLU A 371 53.02 24.46 -10.41
CA GLU A 371 51.96 23.91 -11.22
C GLU A 371 51.82 22.41 -11.03
N PHE A 372 52.95 21.69 -10.97
CA PHE A 372 52.85 20.25 -10.68
C PHE A 372 52.35 19.99 -9.26
N GLY A 373 52.65 20.86 -8.30
CA GLY A 373 52.06 20.70 -6.99
C GLY A 373 50.54 20.82 -7.02
N ASP A 374 50.05 21.80 -7.78
CA ASP A 374 48.60 21.92 -7.96
C ASP A 374 48.03 20.71 -8.69
N TRP A 375 48.79 20.18 -9.66
CA TRP A 375 48.39 18.95 -10.34
C TRP A 375 48.21 17.81 -9.35
N LEU A 376 49.19 17.63 -8.46
CA LEU A 376 49.12 16.60 -7.44
C LEU A 376 47.90 16.79 -6.56
N GLY A 377 47.68 18.03 -6.12
CA GLY A 377 46.51 18.31 -5.30
C GLY A 377 45.22 17.94 -6.00
N ALA A 378 45.10 18.32 -7.28
CA ALA A 378 43.89 18.05 -8.03
C ALA A 378 43.67 16.55 -8.19
N THR A 379 44.71 15.81 -8.56
CA THR A 379 44.57 14.37 -8.77
C THR A 379 44.16 13.68 -7.48
N GLU A 380 44.86 14.00 -6.38
CA GLU A 380 44.54 13.34 -5.11
C GLU A 380 43.16 13.71 -4.62
N ASP A 381 42.75 14.97 -4.81
CA ASP A 381 41.41 15.37 -4.39
C ASP A 381 40.34 14.66 -5.21
N THR A 382 40.57 14.52 -6.52
CA THR A 382 39.61 13.78 -7.34
C THR A 382 39.51 12.33 -6.89
N ALA A 383 40.64 11.69 -6.65
CA ALA A 383 40.62 10.29 -6.22
C ALA A 383 39.91 10.15 -4.87
N ALA A 384 40.23 11.03 -3.92
CA ALA A 384 39.60 10.95 -2.61
C ALA A 384 38.11 11.22 -2.69
N ASN A 385 37.70 12.19 -3.49
CA ASN A 385 36.27 12.47 -3.65
C ASN A 385 35.54 11.29 -4.26
N LEU A 386 36.16 10.64 -5.27
CA LEU A 386 35.51 9.48 -5.87
C LEU A 386 35.38 8.35 -4.86
N SER A 387 36.44 8.09 -4.08
CA SER A 387 36.37 7.03 -3.09
C SER A 387 35.33 7.33 -2.02
N ASN A 388 35.28 8.58 -1.55
CA ASN A 388 34.33 8.96 -0.52
C ASN A 388 32.90 8.86 -1.05
N LEU A 389 32.67 9.30 -2.29
CA LEU A 389 31.34 9.20 -2.87
C LEU A 389 30.92 7.75 -3.01
N LEU A 390 31.82 6.88 -3.46
CA LEU A 390 31.49 5.46 -3.58
C LEU A 390 31.14 4.87 -2.23
N THR A 391 31.96 5.14 -1.21
CA THR A 391 31.72 4.57 0.11
C THR A 391 30.41 5.08 0.70
N LYS A 392 30.15 6.38 0.58
CA LYS A 392 28.92 6.94 1.12
C LYS A 392 27.69 6.42 0.38
N LEU A 393 27.77 6.33 -0.95
CA LEU A 393 26.65 5.80 -1.71
C LEU A 393 26.39 4.34 -1.39
N LEU A 394 27.44 3.58 -1.05
CA LEU A 394 27.23 2.20 -0.63
C LEU A 394 26.61 2.11 0.76
N SER A 395 27.12 2.90 1.71
CA SER A 395 26.70 2.76 3.09
C SER A 395 25.40 3.52 3.38
N ASP A 396 25.43 4.84 3.26
CA ASP A 396 24.27 5.69 3.56
C ASP A 396 23.91 6.52 2.33
N PRO A 397 22.92 6.10 1.55
CA PRO A 397 22.54 6.85 0.35
C PRO A 397 21.53 7.96 0.58
N ALA A 398 21.29 8.37 1.82
CA ALA A 398 20.26 9.37 2.10
C ALA A 398 20.74 10.77 1.74
N SER A 399 21.85 11.21 2.35
CA SER A 399 22.31 12.58 2.13
C SER A 399 22.74 12.82 0.68
N VAL A 400 23.44 11.85 0.09
CA VAL A 400 23.98 12.06 -1.25
C VAL A 400 22.88 12.10 -2.30
N ILE A 401 21.90 11.19 -2.20
CA ILE A 401 20.85 11.09 -3.21
C ILE A 401 19.67 11.96 -2.79
N GLY A 402 19.20 12.80 -3.70
CA GLY A 402 18.07 13.66 -3.44
C GLY A 402 16.76 12.92 -3.58
N PRO A 403 15.67 13.64 -3.31
CA PRO A 403 14.34 13.05 -3.45
C PRO A 403 14.07 12.61 -4.89
N LEU A 404 13.32 11.52 -5.03
CA LEU A 404 13.05 10.94 -6.33
C LEU A 404 11.58 10.54 -6.44
N ALA A 405 11.07 10.55 -7.66
CA ALA A 405 9.66 10.27 -7.91
C ALA A 405 9.35 8.79 -7.74
N GLN A 406 8.16 8.52 -7.18
CA GLN A 406 7.71 7.15 -6.99
C GLN A 406 7.72 6.37 -8.29
N SER A 407 7.40 7.04 -9.41
CA SER A 407 7.34 6.37 -10.70
C SER A 407 8.68 5.78 -11.10
N MET A 408 9.78 6.22 -10.50
CA MET A 408 11.07 5.63 -10.82
C MET A 408 11.16 4.19 -10.32
N ILE A 409 10.50 3.88 -9.21
CA ILE A 409 10.53 2.53 -8.67
C ILE A 409 9.69 1.62 -9.53
N THR A 410 10.21 0.42 -9.82
CA THR A 410 9.52 -0.52 -10.70
C THR A 410 8.31 -1.12 -9.99
N GLY A 411 7.12 -0.84 -10.51
CA GLY A 411 5.90 -1.44 -10.02
C GLY A 411 5.32 -0.79 -8.77
N LEU A 412 5.97 0.24 -8.22
CA LEU A 412 5.44 0.90 -7.03
C LEU A 412 4.11 1.57 -7.34
N THR A 413 4.05 2.33 -8.44
CA THR A 413 2.81 2.99 -8.81
C THR A 413 1.74 1.97 -9.15
N GLY A 414 2.11 0.85 -9.77
CA GLY A 414 1.14 -0.19 -10.05
C GLY A 414 0.56 -0.80 -8.79
N ALA A 415 1.41 -1.10 -7.81
CA ALA A 415 0.94 -1.67 -6.56
C ALA A 415 0.05 -0.68 -5.80
N LEU A 416 0.46 0.59 -5.76
CA LEU A 416 -0.36 1.58 -5.07
C LEU A 416 -1.71 1.76 -5.76
N GLY A 417 -1.72 1.79 -7.10
CA GLY A 417 -2.97 1.89 -7.81
C GLY A 417 -3.87 0.68 -7.58
N ASN A 418 -3.28 -0.52 -7.56
CA ASN A 418 -4.06 -1.72 -7.30
C ASN A 418 -4.68 -1.67 -5.91
N LEU A 419 -3.90 -1.26 -4.90
CA LEU A 419 -4.43 -1.20 -3.54
C LEU A 419 -5.53 -0.15 -3.43
N ASN A 420 -5.32 1.03 -4.03
CA ASN A 420 -6.34 2.08 -3.97
C ASN A 420 -7.61 1.66 -4.68
N THR A 421 -7.48 1.00 -5.83
CA THR A 421 -8.66 0.53 -6.56
C THR A 421 -9.39 -0.56 -5.77
N ALA A 422 -8.64 -1.43 -5.09
CA ALA A 422 -9.27 -2.43 -4.24
C ALA A 422 -10.06 -1.78 -3.11
N ILE A 423 -9.48 -0.76 -2.48
CA ILE A 423 -10.19 -0.05 -1.42
C ILE A 423 -11.44 0.63 -1.97
N ASN A 424 -11.32 1.27 -3.13
CA ASN A 424 -12.46 1.94 -3.73
C ASN A 424 -13.56 0.95 -4.09
N GLN A 425 -13.19 -0.22 -4.62
CA GLN A 425 -14.18 -1.23 -4.95
C GLN A 425 -14.85 -1.77 -3.69
N ILE A 426 -14.09 -1.95 -2.62
CA ILE A 426 -14.66 -2.39 -1.35
C ILE A 426 -15.68 -1.37 -0.86
N GLY A 427 -15.36 -0.09 -0.97
CA GLY A 427 -16.31 0.94 -0.60
C GLY A 427 -17.54 0.96 -1.49
N ASP A 428 -17.35 0.75 -2.79
CA ASP A 428 -18.44 0.91 -3.74
C ASP A 428 -19.42 -0.26 -3.67
N VAL A 429 -18.92 -1.48 -3.50
CA VAL A 429 -19.79 -2.65 -3.54
C VAL A 429 -20.85 -2.58 -2.46
N LEU A 430 -20.48 -2.04 -1.28
CA LEU A 430 -21.42 -1.99 -0.17
C LEU A 430 -22.62 -1.10 -0.47
N VAL A 431 -22.48 -0.13 -1.38
CA VAL A 431 -23.59 0.73 -1.76
C VAL A 431 -24.14 0.41 -3.13
N GLY A 432 -23.52 -0.53 -3.86
CA GLY A 432 -24.00 -0.96 -5.16
C GLY A 432 -22.95 -0.74 -6.24
N THR A 433 -23.40 -0.24 -7.39
CA THR A 433 -22.53 0.09 -8.52
C THR A 433 -21.62 -1.10 -8.87
N VAL A 434 -22.28 -2.16 -9.34
CA VAL A 434 -21.59 -3.42 -9.62
C VAL A 434 -20.36 -3.16 -10.48
N VAL A 435 -19.23 -3.69 -10.05
CA VAL A 435 -17.95 -3.46 -10.71
C VAL A 435 -17.20 -4.78 -10.79
N THR A 436 -16.30 -4.87 -11.77
CA THR A 436 -15.50 -6.08 -11.93
C THR A 436 -14.53 -6.21 -10.77
N PRO A 437 -14.55 -7.31 -10.03
CA PRO A 437 -13.64 -7.45 -8.89
C PRO A 437 -12.20 -7.54 -9.34
N ILE A 438 -11.31 -6.99 -8.52
CA ILE A 438 -9.88 -7.02 -8.83
C ILE A 438 -9.32 -8.43 -8.67
N ASN A 439 -9.62 -9.08 -7.55
CA ASN A 439 -9.04 -10.38 -7.27
C ASN A 439 -10.01 -11.19 -6.40
N SER A 440 -9.48 -12.26 -5.80
CA SER A 440 -10.34 -13.22 -5.09
C SER A 440 -11.01 -12.58 -3.88
N ALA A 441 -10.31 -11.68 -3.18
CA ALA A 441 -10.90 -11.03 -2.02
C ALA A 441 -12.12 -10.20 -2.42
N ILE A 442 -11.99 -9.43 -3.50
CA ILE A 442 -13.11 -8.62 -3.96
C ILE A 442 -14.24 -9.50 -4.47
N SER A 443 -13.90 -10.61 -5.13
CA SER A 443 -14.94 -11.54 -5.58
C SER A 443 -15.70 -12.12 -4.40
N ASN A 444 -14.99 -12.50 -3.33
CA ASN A 444 -15.63 -13.01 -2.14
C ASN A 444 -16.52 -11.95 -1.49
N VAL A 445 -16.06 -10.70 -1.48
CA VAL A 445 -16.88 -9.63 -0.94
C VAL A 445 -18.15 -9.46 -1.77
N ILE A 446 -18.03 -9.56 -3.09
CA ILE A 446 -19.20 -9.49 -3.97
C ILE A 446 -20.18 -10.60 -3.63
N ASP A 447 -19.68 -11.82 -3.49
CA ASP A 447 -20.56 -12.95 -3.18
C ASP A 447 -21.25 -12.77 -1.84
N TRP A 448 -20.51 -12.32 -0.82
CA TRP A 448 -21.11 -12.12 0.50
C TRP A 448 -22.14 -11.02 0.48
N PHE A 449 -21.89 -9.94 -0.26
CA PHE A 449 -22.87 -8.87 -0.36
C PHE A 449 -24.13 -9.33 -1.07
N ASN A 450 -23.98 -10.15 -2.12
CA ASN A 450 -25.16 -10.69 -2.79
C ASN A 450 -25.95 -11.60 -1.84
N SER A 451 -25.25 -12.41 -1.05
CA SER A 451 -25.94 -13.26 -0.08
C SER A 451 -26.68 -12.42 0.95
N LEU A 452 -26.05 -11.34 1.42
CA LEU A 452 -26.70 -10.47 2.40
C LEU A 452 -27.92 -9.79 1.79
N LEU A 453 -27.85 -9.37 0.54
CA LEU A 453 -29.02 -8.77 -0.12
C LEU A 453 -30.15 -9.79 -0.25
N ASN A 454 -29.82 -11.03 -0.61
CA ASN A 454 -30.83 -12.07 -0.68
C ASN A 454 -31.50 -12.28 0.67
N PHE A 455 -30.69 -12.36 1.73
CA PHE A 455 -31.25 -12.50 3.07
C PHE A 455 -32.12 -11.30 3.43
N GLN A 456 -31.69 -10.10 3.06
CA GLN A 456 -32.45 -8.89 3.36
C GLN A 456 -33.83 -8.93 2.72
N ASP A 457 -33.88 -9.23 1.42
CA ASP A 457 -35.18 -9.24 0.74
C ASP A 457 -36.06 -10.37 1.26
N THR A 458 -35.48 -11.54 1.52
CA THR A 458 -36.28 -12.63 2.07
C THR A 458 -36.86 -12.28 3.43
N THR A 459 -36.06 -11.65 4.29
CA THR A 459 -36.54 -11.27 5.61
C THR A 459 -37.63 -10.22 5.53
N THR A 460 -37.47 -9.23 4.66
CA THR A 460 -38.51 -8.21 4.51
C THR A 460 -39.81 -8.82 4.00
N SER A 461 -39.72 -9.69 2.99
CA SER A 461 -40.92 -10.34 2.48
C SER A 461 -41.58 -11.20 3.55
N ASN A 462 -40.77 -11.94 4.33
CA ASN A 462 -41.33 -12.77 5.38
C ASN A 462 -42.01 -11.93 6.46
N GLN A 463 -41.41 -10.78 6.82
CA GLN A 463 -42.03 -9.92 7.81
C GLN A 463 -43.38 -9.39 7.31
N ILE A 464 -43.42 -8.94 6.06
CA ILE A 464 -44.67 -8.42 5.51
C ILE A 464 -45.73 -9.51 5.48
N ASN A 465 -45.34 -10.71 5.01
CA ASN A 465 -46.29 -11.81 4.93
C ASN A 465 -46.79 -12.21 6.31
N GLN A 466 -45.89 -12.26 7.30
CA GLN A 466 -46.29 -12.65 8.65
C GLN A 466 -47.27 -11.64 9.23
N GLN A 467 -46.98 -10.34 9.11
CA GLN A 467 -47.89 -9.34 9.66
C GLN A 467 -49.25 -9.39 8.96
N ASN A 468 -49.25 -9.55 7.64
CA ASN A 468 -50.51 -9.66 6.92
C ASN A 468 -51.28 -10.90 7.34
N PHE A 469 -50.58 -12.01 7.60
CA PHE A 469 -51.24 -13.21 8.10
C PHE A 469 -51.87 -12.96 9.45
N GLN A 470 -51.15 -12.28 10.35
CA GLN A 470 -51.71 -11.93 11.65
C GLN A 470 -53.00 -11.15 11.49
N ILE A 471 -52.96 -10.11 10.64
CA ILE A 471 -54.12 -9.24 10.49
C ILE A 471 -55.29 -10.01 9.88
N ALA A 472 -55.02 -10.84 8.88
CA ALA A 472 -56.09 -11.61 8.25
C ALA A 472 -56.73 -12.58 9.24
N THR A 473 -55.91 -13.27 10.03
CA THR A 473 -56.45 -14.20 11.02
C THR A 473 -57.27 -13.46 12.07
N LEU A 474 -56.81 -12.29 12.50
CA LEU A 474 -57.59 -11.50 13.45
C LEU A 474 -58.91 -11.03 12.86
N ALA A 475 -58.88 -10.62 11.58
CA ALA A 475 -60.09 -10.12 10.94
C ALA A 475 -61.13 -11.22 10.77
N SER A 476 -60.72 -12.38 10.26
CA SER A 476 -61.63 -13.49 10.06
C SER A 476 -61.63 -14.37 11.31
N GLY A 477 -62.24 -15.56 11.21
CA GLY A 477 -62.24 -16.48 12.31
C GLY A 477 -63.60 -17.08 12.61
N ILE A 478 -63.95 -17.13 13.90
CA ILE A 478 -65.22 -17.73 14.31
C ILE A 478 -66.38 -16.85 13.89
N LYS A 479 -67.44 -17.48 13.39
CA LYS A 479 -68.66 -16.79 13.03
C LYS A 479 -69.85 -17.50 13.66
N LYS A 480 -70.92 -16.76 13.91
CA LYS A 480 -72.10 -17.34 14.53
C LYS A 480 -72.80 -18.30 13.58
N GLN A 481 -73.29 -19.40 14.12
CA GLN A 481 -73.98 -20.40 13.31
C GLN A 481 -75.36 -19.90 12.89
N GLN A 482 -76.03 -20.70 12.06
CA GLN A 482 -77.31 -20.27 11.50
C GLN A 482 -78.40 -20.19 12.55
N TRP A 483 -78.42 -21.12 13.50
CA TRP A 483 -79.50 -21.12 14.49
C TRP A 483 -79.32 -20.01 15.52
N GLU A 484 -78.07 -19.65 15.85
CA GLU A 484 -77.85 -18.57 16.79
C GLU A 484 -78.33 -17.23 16.23
N CYS A 485 -78.08 -16.98 14.95
CA CYS A 485 -78.46 -15.72 14.33
C CYS A 485 -78.61 -15.89 12.82
N ARG A 486 -79.37 -14.97 12.23
CA ARG A 486 -79.42 -14.90 10.77
C ARG A 486 -78.11 -14.41 10.21
N TYR A 487 -77.56 -13.34 10.76
CA TYR A 487 -76.33 -12.75 10.25
C TYR A 487 -75.11 -13.52 10.71
N SER A 488 -74.03 -13.38 9.95
CA SER A 488 -72.82 -14.13 10.25
C SER A 488 -72.24 -13.76 11.60
N THR A 489 -72.19 -12.46 11.91
CA THR A 489 -71.64 -11.97 13.17
C THR A 489 -72.72 -11.17 13.89
N ALA A 490 -73.05 -11.58 15.10
CA ALA A 490 -74.06 -10.89 15.90
C ALA A 490 -74.00 -11.40 17.33
N PHE A 491 -74.74 -10.73 18.19
CA PHE A 491 -74.89 -11.11 19.59
C PHE A 491 -76.37 -11.04 19.95
N VAL A 492 -76.87 -12.08 20.60
CA VAL A 492 -78.28 -12.20 20.93
C VAL A 492 -78.42 -12.62 22.39
N THR A 493 -79.47 -12.12 23.03
CA THR A 493 -79.69 -12.44 24.44
C THR A 493 -79.97 -13.92 24.66
N PHE A 494 -80.59 -14.59 23.68
CA PHE A 494 -80.75 -16.04 23.72
C PHE A 494 -80.96 -16.52 22.30
N PRO A 495 -80.54 -17.75 21.97
CA PRO A 495 -80.48 -18.17 20.57
C PRO A 495 -81.78 -17.93 19.81
N GLU A 496 -81.63 -17.42 18.58
CA GLU A 496 -82.77 -17.09 17.74
C GLU A 496 -83.59 -18.31 17.34
N MET A 497 -83.03 -19.51 17.50
CA MET A 497 -83.78 -20.71 17.14
C MET A 497 -85.03 -20.87 18.01
N PHE A 498 -84.96 -20.43 19.28
CA PHE A 498 -86.17 -20.41 20.10
C PHE A 498 -87.18 -19.40 19.56
N CYS A 499 -86.70 -18.22 19.15
CA CYS A 499 -87.60 -17.20 18.64
C CYS A 499 -88.26 -17.64 17.33
N ASP A 500 -87.61 -18.53 16.59
CA ASP A 500 -88.14 -18.98 15.31
C ASP A 500 -88.94 -20.26 15.41
N TRP A 501 -88.69 -21.11 16.41
CA TRP A 501 -89.28 -22.43 16.47
C TRP A 501 -89.90 -22.73 17.83
N GLY A 502 -90.28 -23.99 18.03
CA GLY A 502 -90.84 -24.44 19.29
C GLY A 502 -90.57 -25.91 19.49
N PHE A 503 -91.06 -26.44 20.61
CA PHE A 503 -90.91 -27.83 20.98
C PHE A 503 -92.27 -28.50 21.03
N ALA A 504 -92.31 -29.78 20.63
CA ALA A 504 -93.54 -30.56 20.74
C ALA A 504 -93.64 -31.17 22.12
N LEU A 505 -94.83 -31.08 22.71
CA LEU A 505 -95.04 -31.60 24.06
C LEU A 505 -95.23 -33.11 24.03
N GLY A 506 -95.08 -33.72 25.19
CA GLY A 506 -95.29 -35.15 25.34
C GLY A 506 -95.41 -35.54 26.79
N GLY A 507 -96.10 -36.65 27.03
CA GLY A 507 -96.27 -37.13 28.38
C GLY A 507 -97.71 -37.11 28.85
N THR A 508 -97.92 -36.84 30.14
CA THR A 508 -99.24 -36.88 30.73
C THR A 508 -99.29 -35.88 31.88
N THR A 509 -100.41 -35.15 31.98
CA THR A 509 -100.58 -34.18 33.05
C THR A 509 -100.90 -34.88 34.37
N GLY A 510 -101.18 -34.07 35.39
CA GLY A 510 -101.49 -34.54 36.72
C GLY A 510 -102.96 -34.46 37.05
N ALA A 511 -103.25 -34.28 38.34
CA ALA A 511 -104.63 -34.21 38.80
C ALA A 511 -105.30 -32.92 38.34
N GLN A 512 -106.63 -32.94 38.37
CA GLN A 512 -107.43 -31.81 37.95
C GLN A 512 -107.83 -30.94 39.14
N SER A 513 -108.35 -29.75 38.83
CA SER A 513 -108.80 -28.85 39.89
C SER A 513 -110.09 -29.35 40.53
N THR A 514 -111.06 -29.78 39.71
CA THR A 514 -112.33 -30.24 40.23
C THR A 514 -112.97 -31.18 39.20
N GLY A 515 -113.93 -31.96 39.66
CA GLY A 515 -114.61 -32.92 38.83
C GLY A 515 -114.01 -34.31 38.92
N THR A 516 -114.39 -35.14 37.94
CA THR A 516 -113.90 -36.51 37.89
C THR A 516 -112.38 -36.52 37.71
N ALA A 517 -111.70 -37.33 38.53
CA ALA A 517 -110.25 -37.41 38.46
C ALA A 517 -109.81 -38.08 37.18
N HIS A 518 -108.95 -37.39 36.42
CA HIS A 518 -108.45 -37.92 35.17
C HIS A 518 -107.18 -37.17 34.79
N THR A 519 -106.42 -37.76 33.88
CA THR A 519 -105.18 -37.16 33.37
C THR A 519 -105.20 -37.19 31.85
N HIS A 520 -104.96 -36.03 31.24
CA HIS A 520 -104.94 -35.93 29.79
C HIS A 520 -103.59 -36.36 29.25
N THR A 521 -103.59 -36.77 27.98
CA THR A 521 -102.39 -37.27 27.31
C THR A 521 -101.85 -36.17 26.39
N LEU A 522 -100.58 -35.83 26.59
CA LEU A 522 -99.94 -34.83 25.74
C LEU A 522 -99.64 -35.41 24.37
N ASN A 523 -99.51 -34.51 23.39
CA ASN A 523 -99.21 -34.90 22.02
C ASN A 523 -98.49 -33.75 21.34
N THR A 524 -98.25 -33.90 20.03
CA THR A 524 -97.57 -32.87 19.26
C THR A 524 -98.40 -31.60 19.11
N ASP A 525 -99.70 -31.66 19.42
CA ASP A 525 -100.54 -30.48 19.31
C ASP A 525 -100.17 -29.41 20.32
N GLY A 526 -99.43 -29.76 21.38
CA GLY A 526 -98.97 -28.78 22.34
C GLY A 526 -97.59 -28.27 21.98
N LEU A 527 -97.46 -26.94 21.94
CA LEU A 527 -96.24 -26.28 21.53
C LEU A 527 -95.66 -25.51 22.70
N ALA A 528 -94.38 -25.74 22.98
CA ALA A 528 -93.65 -25.00 24.00
C ALA A 528 -92.72 -24.01 23.31
N ALA A 529 -92.92 -22.73 23.57
CA ALA A 529 -92.12 -21.67 22.95
C ALA A 529 -92.23 -20.42 23.80
N LEU A 530 -91.55 -19.37 23.37
CA LEU A 530 -91.60 -18.10 24.08
C LEU A 530 -92.99 -17.47 23.94
N GLN A 531 -93.29 -16.55 24.85
CA GLN A 531 -94.59 -15.90 24.89
C GLN A 531 -94.48 -14.49 24.31
N ILE A 532 -95.62 -13.81 24.24
CA ILE A 532 -95.70 -12.45 23.75
C ILE A 532 -96.20 -11.57 24.88
N GLN A 533 -95.52 -10.46 25.13
CA GLN A 533 -95.87 -9.55 26.20
C GLN A 533 -96.37 -8.25 25.60
N ILE A 534 -97.61 -7.87 25.94
CA ILE A 534 -98.14 -6.59 25.52
C ILE A 534 -97.59 -5.49 26.44
N LEU A 535 -97.59 -4.27 25.93
CA LEU A 535 -96.95 -3.18 26.66
C LEU A 535 -97.53 -1.83 26.24
N PRO A 536 -98.02 -1.04 27.18
CA PRO A 536 -98.60 0.26 26.85
C PRO A 536 -97.52 1.33 26.73
N ALA A 537 -97.95 2.52 26.33
CA ALA A 537 -97.02 3.63 26.13
C ALA A 537 -96.36 4.03 27.45
N GLY A 538 -95.12 4.50 27.35
CA GLY A 538 -94.38 4.92 28.52
C GLY A 538 -93.66 3.80 29.26
N TYR A 539 -93.78 2.56 28.81
CA TYR A 539 -93.13 1.42 29.44
C TYR A 539 -91.94 0.99 28.58
N ALA A 540 -90.79 0.84 29.20
CA ALA A 540 -89.56 0.48 28.51
C ALA A 540 -89.07 -0.88 29.00
N ILE A 541 -88.58 -1.70 28.08
CA ILE A 541 -88.10 -3.03 28.41
C ILE A 541 -86.78 -3.29 27.71
N GLY A 542 -85.86 -3.95 28.42
CA GLY A 542 -84.58 -4.27 27.83
C GLY A 542 -83.98 -5.52 28.45
N GLY A 543 -83.09 -6.14 27.69
CA GLY A 543 -82.38 -7.32 28.18
C GLY A 543 -80.89 -7.18 27.97
N TYR A 544 -80.13 -7.81 28.86
CA TYR A 544 -78.68 -7.76 28.78
C TYR A 544 -78.18 -8.59 27.61
N ILE A 545 -77.15 -8.10 26.94
CA ILE A 545 -76.53 -8.80 25.81
C ILE A 545 -75.06 -8.98 26.11
N GLY A 546 -74.56 -10.19 25.90
CA GLY A 546 -73.14 -10.46 26.03
C GLY A 546 -72.43 -10.33 24.70
N ILE A 547 -71.17 -9.91 24.76
CA ILE A 547 -70.34 -9.73 23.58
C ILE A 547 -69.36 -10.89 23.53
N SER A 548 -69.50 -11.74 22.52
CA SER A 548 -68.62 -12.89 22.40
C SER A 548 -67.23 -12.49 21.93
N ASP A 549 -67.15 -11.59 20.95
CA ASP A 549 -65.88 -11.14 20.41
C ASP A 549 -66.01 -9.68 20.00
N THR A 550 -64.89 -8.97 20.01
CA THR A 550 -64.90 -7.56 19.69
C THR A 550 -65.11 -7.35 18.19
N THR A 551 -65.93 -6.36 17.87
CA THR A 551 -66.25 -5.99 16.49
C THR A 551 -66.96 -4.64 16.53
N ILE A 552 -67.47 -4.21 15.39
CA ILE A 552 -68.24 -2.97 15.27
C ILE A 552 -69.70 -3.33 15.00
N VAL A 553 -70.60 -2.74 15.77
CA VAL A 553 -72.03 -2.99 15.61
C VAL A 553 -72.60 -1.97 14.65
N ASP A 554 -73.63 -2.37 13.90
CA ASP A 554 -74.21 -1.49 12.91
C ASP A 554 -75.73 -1.43 13.03
N THR A 555 -76.34 -2.49 13.55
CA THR A 555 -77.79 -2.57 13.60
C THR A 555 -78.24 -3.40 14.80
N ILE A 556 -79.48 -3.19 15.20
CA ILE A 556 -80.09 -3.92 16.30
C ILE A 556 -81.50 -4.33 15.88
N ALA A 557 -81.95 -5.47 16.41
CA ALA A 557 -83.23 -6.04 15.99
C ALA A 557 -83.98 -6.58 17.19
N MET A 558 -85.30 -6.61 17.06
CA MET A 558 -86.19 -7.22 18.05
C MET A 558 -87.42 -7.77 17.36
N LYS A 559 -88.07 -8.73 18.01
CA LYS A 559 -89.34 -9.26 17.51
C LYS A 559 -90.47 -8.53 18.23
N MET A 560 -91.19 -7.71 17.49
CA MET A 560 -92.26 -6.90 18.05
C MET A 560 -93.29 -6.60 16.98
N TYR A 561 -94.47 -6.18 17.43
CA TYR A 561 -95.55 -5.81 16.53
C TYR A 561 -96.48 -4.83 17.26
N LYS A 562 -97.39 -4.24 16.49
CA LYS A 562 -98.40 -3.35 17.05
C LYS A 562 -99.74 -4.08 17.14
N GLU A 563 -100.48 -3.80 18.21
CA GLU A 563 -101.75 -4.49 18.42
C GLU A 563 -102.80 -4.05 17.41
N THR A 564 -103.11 -2.77 17.40
CA THR A 564 -104.11 -2.21 16.49
C THR A 564 -103.42 -1.52 15.32
N SER A 565 -104.12 -1.50 14.18
CA SER A 565 -103.60 -0.92 12.94
C SER A 565 -103.55 0.59 12.95
N SER A 566 -103.84 1.25 14.06
CA SER A 566 -103.82 2.71 14.09
C SER A 566 -102.38 3.22 13.98
N ALA A 567 -102.26 4.50 13.64
CA ALA A 567 -100.95 5.12 13.45
C ALA A 567 -100.18 5.15 14.77
N ILE A 568 -98.86 4.93 14.69
CA ILE A 568 -98.00 4.92 15.85
C ILE A 568 -96.77 5.76 15.56
N ASN A 569 -96.13 6.22 16.62
CA ASN A 569 -94.90 7.01 16.53
C ASN A 569 -94.16 6.88 17.85
N ASN A 570 -93.02 7.56 17.95
CA ASN A 570 -92.25 7.62 19.20
C ASN A 570 -91.92 6.24 19.72
N VAL A 571 -91.63 5.31 18.82
CA VAL A 571 -91.20 3.97 19.16
C VAL A 571 -89.70 3.91 18.90
N TYR A 572 -88.92 3.74 19.98
CA TYR A 572 -87.48 3.91 19.92
C TYR A 572 -86.77 2.66 20.40
N LEU A 573 -85.70 2.30 19.70
CA LEU A 573 -84.77 1.27 20.11
C LEU A 573 -83.42 1.90 20.39
N GLU A 574 -82.86 1.62 21.56
CA GLU A 574 -81.61 2.22 21.98
C GLU A 574 -80.70 1.14 22.56
N VAL A 575 -79.40 1.43 22.57
CA VAL A 575 -78.39 0.52 23.10
C VAL A 575 -77.66 1.19 24.25
N PHE A 576 -77.55 0.47 25.36
CA PHE A 576 -76.87 0.96 26.56
C PHE A 576 -75.69 0.06 26.86
N ARG A 577 -74.54 0.67 27.13
CA ARG A 577 -73.34 -0.06 27.54
C ARG A 577 -73.28 -0.07 29.05
N GLU A 578 -72.96 -1.23 29.62
CA GLU A 578 -72.81 -1.37 31.07
C GLU A 578 -71.36 -1.14 31.43
N ASP A 579 -71.10 -0.18 32.31
CA ASP A 579 -69.74 0.16 32.70
C ASP A 579 -69.26 -0.84 33.77
N SER A 580 -68.09 -0.55 34.35
CA SER A 580 -67.59 -1.40 35.42
C SER A 580 -68.51 -1.33 36.65
N THR A 581 -69.01 -0.14 36.96
CA THR A 581 -69.89 0.04 38.11
C THR A 581 -71.27 -0.53 37.89
N GLY A 582 -71.60 -0.95 36.67
CA GLY A 582 -72.93 -1.44 36.35
C GLY A 582 -73.88 -0.38 35.82
N ALA A 583 -73.47 0.88 35.80
CA ALA A 583 -74.31 1.93 35.24
C ALA A 583 -74.44 1.77 33.72
N LEU A 584 -75.57 2.21 33.19
CA LEU A 584 -75.88 2.11 31.77
C LEU A 584 -75.70 3.46 31.11
N THR A 585 -74.97 3.48 30.00
CA THR A 585 -74.74 4.69 29.22
C THR A 585 -75.31 4.52 27.82
N SER A 586 -76.12 5.47 27.38
CA SER A 586 -76.71 5.38 26.05
C SER A 586 -75.66 5.71 24.98
N VAL A 587 -75.59 4.86 23.96
CA VAL A 587 -74.62 5.03 22.89
C VAL A 587 -75.31 4.92 21.54
N GLY A 588 -76.64 4.83 21.54
CA GLY A 588 -77.37 4.74 20.30
C GLY A 588 -78.85 4.96 20.53
N SER A 589 -79.54 5.29 19.44
CA SER A 589 -80.98 5.53 19.46
C SER A 589 -81.49 5.57 18.03
N VAL A 590 -82.64 4.96 17.80
CA VAL A 590 -83.22 4.89 16.45
C VAL A 590 -84.74 4.77 16.58
N ASP A 591 -85.44 5.39 15.65
CA ASP A 591 -86.89 5.35 15.60
C ASP A 591 -87.32 4.22 14.66
N VAL A 592 -88.12 3.28 15.18
CA VAL A 592 -88.54 2.12 14.40
C VAL A 592 -90.05 2.05 14.25
N SER A 593 -90.76 3.12 14.58
CA SER A 593 -92.22 3.11 14.46
C SER A 593 -92.66 3.03 13.01
N GLY A 594 -91.88 3.58 12.09
CA GLY A 594 -92.30 3.62 10.69
C GLY A 594 -92.41 2.24 10.06
N GLN A 595 -91.46 1.35 10.37
CA GLN A 595 -91.40 0.04 9.73
C GLN A 595 -92.11 -1.05 10.52
N LEU A 596 -92.77 -0.71 11.63
CA LEU A 596 -93.47 -1.72 12.41
C LEU A 596 -94.69 -2.23 11.66
N THR A 597 -95.03 -3.49 11.90
CA THR A 597 -96.16 -4.14 11.24
C THR A 597 -96.98 -4.88 12.30
N THR A 598 -98.30 -4.97 12.04
CA THR A 598 -99.19 -5.63 12.98
C THR A 598 -98.80 -7.09 13.21
N ALA A 599 -98.29 -7.76 12.18
CA ALA A 599 -97.84 -9.12 12.33
C ALA A 599 -96.53 -9.18 13.11
N SER A 600 -96.32 -10.28 13.83
CA SER A 600 -95.10 -10.47 14.60
C SER A 600 -93.95 -10.73 13.65
N ASP A 601 -93.16 -9.69 13.36
CA ASP A 601 -92.06 -9.78 12.41
C ASP A 601 -90.83 -9.10 13.01
N TYR A 602 -89.67 -9.50 12.49
CA TYR A 602 -88.41 -8.91 12.94
C TYR A 602 -88.36 -7.43 12.57
N VAL A 603 -87.89 -6.61 13.51
CA VAL A 603 -87.66 -5.20 13.28
C VAL A 603 -86.16 -4.97 13.40
N GLU A 604 -85.55 -4.53 12.31
CA GLU A 604 -84.11 -4.27 12.24
C GLU A 604 -83.89 -2.80 11.98
N ALA A 605 -83.01 -2.18 12.76
CA ALA A 605 -82.76 -0.75 12.63
C ALA A 605 -81.27 -0.48 12.69
N THR A 606 -80.81 0.41 11.82
CA THR A 606 -79.41 0.79 11.74
C THR A 606 -79.12 1.92 12.71
N LEU A 607 -78.02 1.81 13.44
CA LEU A 607 -77.62 2.85 14.37
C LEU A 607 -77.17 4.09 13.61
N PRO A 608 -77.27 5.27 14.23
CA PRO A 608 -76.73 6.47 13.58
C PRO A 608 -75.26 6.37 13.25
N ALA A 609 -74.47 5.69 14.10
CA ALA A 609 -73.06 5.47 13.84
C ALA A 609 -72.65 4.19 14.53
N GLY A 610 -71.54 3.61 14.04
CA GLY A 610 -71.03 2.39 14.64
C GLY A 610 -70.52 2.64 16.05
N VAL A 611 -70.74 1.67 16.92
CA VAL A 611 -70.27 1.72 18.31
C VAL A 611 -69.44 0.48 18.56
N ILE A 612 -68.14 0.67 18.80
CA ILE A 612 -67.25 -0.47 18.98
C ILE A 612 -67.62 -1.22 20.26
N VAL A 613 -67.51 -2.54 20.21
CA VAL A 613 -67.80 -3.39 21.36
C VAL A 613 -66.61 -4.31 21.59
N ASN A 614 -66.48 -4.77 22.83
CA ASN A 614 -65.39 -5.65 23.23
C ASN A 614 -65.94 -6.82 24.02
N ALA A 615 -65.27 -7.96 23.87
CA ALA A 615 -65.69 -9.17 24.58
C ALA A 615 -65.56 -8.98 26.08
N GLY A 616 -66.56 -9.45 26.82
CA GLY A 616 -66.60 -9.35 28.26
C GLY A 616 -67.50 -8.27 28.80
N GLU A 617 -67.91 -7.31 27.97
CA GLU A 617 -68.82 -6.26 28.41
C GLU A 617 -70.26 -6.66 28.12
N ARG A 618 -71.18 -5.94 28.75
CA ARG A 618 -72.60 -6.23 28.64
C ARG A 618 -73.34 -5.02 28.06
N TYR A 619 -74.35 -5.30 27.26
CA TYR A 619 -75.13 -4.28 26.59
C TYR A 619 -76.61 -4.57 26.75
N VAL A 620 -77.42 -3.52 26.65
CA VAL A 620 -78.86 -3.58 26.83
C VAL A 620 -79.51 -2.99 25.59
N VAL A 621 -80.48 -3.71 25.03
CA VAL A 621 -81.28 -3.20 23.92
C VAL A 621 -82.63 -2.79 24.49
N ARG A 622 -82.80 -1.49 24.69
CA ARG A 622 -84.00 -0.97 25.33
C ARG A 622 -85.01 -0.54 24.28
N MET A 623 -86.25 -0.99 24.46
CA MET A 623 -87.40 -0.57 23.69
C MET A 623 -88.19 0.41 24.55
N ARG A 624 -88.40 1.62 24.04
CA ARG A 624 -88.94 2.72 24.85
C ARG A 624 -90.47 2.82 24.73
N ASN A 625 -90.97 2.99 23.51
CA ASN A 625 -92.41 3.02 23.24
C ASN A 625 -93.12 4.12 24.02
N ALA A 626 -92.78 5.37 23.66
CA ALA A 626 -93.36 6.55 24.27
C ALA A 626 -94.36 7.22 23.32
N THR A 627 -95.16 6.40 22.63
CA THR A 627 -96.05 6.88 21.59
C THR A 627 -97.07 7.88 22.13
N THR A 628 -97.60 8.70 21.22
CA THR A 628 -98.59 9.71 21.56
C THR A 628 -100.01 9.22 21.33
N VAL A 629 -100.23 8.43 20.27
CA VAL A 629 -101.57 7.91 19.99
C VAL A 629 -102.05 7.02 21.12
N GLY A 630 -101.19 6.12 21.59
CA GLY A 630 -101.51 5.23 22.69
C GLY A 630 -101.63 3.77 22.31
N ASN A 631 -101.33 3.39 21.08
CA ASN A 631 -101.40 1.99 20.68
C ASN A 631 -100.32 1.19 21.38
N ARG A 632 -100.69 0.05 21.94
CA ARG A 632 -99.75 -0.79 22.66
C ARG A 632 -98.87 -1.57 21.69
N VAL A 633 -97.76 -2.07 22.21
CA VAL A 633 -96.77 -2.81 21.43
C VAL A 633 -96.55 -4.16 22.08
N GLY A 634 -96.56 -5.22 21.27
CA GLY A 634 -96.24 -6.56 21.75
C GLY A 634 -94.82 -6.92 21.40
N VAL A 635 -94.09 -7.45 22.39
CA VAL A 635 -92.70 -7.84 22.23
C VAL A 635 -92.57 -9.30 22.61
N SER A 636 -91.85 -10.07 21.79
CA SER A 636 -91.64 -11.47 22.08
C SER A 636 -90.66 -11.62 23.24
N VAL A 637 -91.06 -12.33 24.28
CA VAL A 637 -90.27 -12.48 25.49
C VAL A 637 -90.25 -13.93 25.93
N MET A 638 -89.33 -14.25 26.82
CA MET A 638 -89.24 -15.55 27.45
C MET A 638 -89.75 -15.46 28.89
N LYS A 639 -90.06 -16.63 29.45
CA LYS A 639 -90.59 -16.72 30.81
C LYS A 639 -89.43 -16.84 31.79
N GLU A 640 -89.17 -15.76 32.52
CA GLU A 640 -88.14 -15.81 33.55
C GLU A 640 -88.59 -16.68 34.71
N LEU A 641 -87.63 -17.31 35.37
CA LEU A 641 -87.91 -18.21 36.48
C LEU A 641 -87.31 -17.65 37.76
N VAL A 642 -88.10 -17.69 38.84
CA VAL A 642 -87.64 -17.18 40.12
C VAL A 642 -86.52 -18.07 40.67
N GLY A 643 -85.72 -17.50 41.57
CA GLY A 643 -84.62 -18.19 42.17
C GLY A 643 -83.30 -18.07 41.43
N GLY A 644 -83.29 -17.42 40.27
CA GLY A 644 -82.06 -17.27 39.51
C GLY A 644 -81.63 -15.83 39.38
N ARG A 645 -80.57 -15.60 38.60
CA ARG A 645 -80.07 -14.25 38.38
C ARG A 645 -81.06 -13.40 37.61
N GLU A 646 -81.05 -12.10 37.87
CA GLU A 646 -81.89 -11.14 37.17
C GLU A 646 -81.03 -10.32 36.24
N LEU A 647 -81.37 -10.36 34.93
CA LEU A 647 -80.57 -9.69 33.92
C LEU A 647 -81.46 -9.04 32.86
N SER A 648 -82.64 -8.60 33.24
CA SER A 648 -83.51 -7.81 32.37
C SER A 648 -84.01 -6.60 33.15
N ILE A 649 -84.20 -5.49 32.43
CA ILE A 649 -84.63 -4.24 33.05
C ILE A 649 -85.98 -3.85 32.47
N ARG A 650 -86.81 -3.26 33.33
CA ARG A 650 -88.15 -2.85 32.95
C ARG A 650 -88.52 -1.60 33.75
N THR A 651 -89.02 -0.59 33.05
CA THR A 651 -89.41 0.67 33.67
C THR A 651 -90.80 1.07 33.21
N GLU A 652 -91.55 1.68 34.12
CA GLU A 652 -92.95 2.05 33.86
C GLU A 652 -93.17 3.55 33.75
N THR A 653 -92.49 4.36 34.57
CA THR A 653 -92.72 5.79 34.54
C THR A 653 -92.16 6.40 33.26
N ALA A 654 -92.83 7.46 32.78
CA ALA A 654 -92.39 8.13 31.56
C ALA A 654 -91.00 8.73 31.72
N THR A 655 -90.70 9.25 32.91
CA THR A 655 -89.37 9.80 33.15
C THR A 655 -88.29 8.73 33.01
N ASP A 656 -88.53 7.56 33.60
CA ASP A 656 -87.57 6.47 33.46
C ASP A 656 -87.47 5.98 32.01
N SER A 657 -88.60 5.97 31.30
CA SER A 657 -88.56 5.58 29.89
C SER A 657 -87.72 6.55 29.07
N ASN A 658 -87.84 7.84 29.35
CA ASN A 658 -87.07 8.86 28.65
C ASN A 658 -85.66 9.01 29.20
N LYS A 659 -85.32 8.33 30.29
CA LYS A 659 -83.98 8.42 30.85
C LYS A 659 -82.94 7.94 29.85
N THR A 660 -81.78 8.61 29.85
CA THR A 660 -80.69 8.26 28.95
C THR A 660 -79.40 7.91 29.70
N PHE A 661 -79.41 7.93 31.03
CA PHE A 661 -78.21 7.59 31.81
C PHE A 661 -78.68 7.02 33.15
N TYR A 662 -78.65 5.69 33.26
CA TYR A 662 -79.16 5.01 34.44
C TYR A 662 -78.07 4.84 35.49
N THR A 663 -78.37 5.22 36.71
CA THR A 663 -77.47 4.99 37.84
C THR A 663 -77.60 3.55 38.33
N PRO A 664 -76.59 3.05 39.06
CA PRO A 664 -76.68 1.67 39.57
C PRO A 664 -77.91 1.41 40.40
N SER A 665 -78.36 2.38 41.22
CA SER A 665 -79.54 2.18 42.03
C SER A 665 -80.78 1.95 41.16
N GLU A 666 -80.96 2.81 40.15
CA GLU A 666 -82.08 2.64 39.25
C GLU A 666 -81.98 1.34 38.46
N VAL A 667 -80.76 0.95 38.10
CA VAL A 667 -80.58 -0.32 37.40
C VAL A 667 -81.02 -1.49 38.27
N LEU A 668 -80.63 -1.46 39.55
CA LEU A 668 -81.04 -2.53 40.46
C LEU A 668 -82.55 -2.54 40.66
N THR A 669 -83.17 -1.37 40.78
CA THR A 669 -84.61 -1.31 40.94
C THR A 669 -85.33 -1.87 39.71
N ALA A 670 -84.85 -1.51 38.51
CA ALA A 670 -85.45 -2.03 37.29
C ALA A 670 -85.27 -3.54 37.20
N GLN A 671 -84.09 -4.05 37.57
CA GLN A 671 -83.86 -5.48 37.54
C GLN A 671 -84.80 -6.20 38.49
N GLY A 672 -85.00 -5.66 39.68
CA GLY A 672 -85.94 -6.26 40.61
C GLY A 672 -87.37 -6.23 40.11
N VAL A 673 -87.77 -5.12 39.48
CA VAL A 673 -89.15 -4.98 39.01
C VAL A 673 -89.42 -5.91 37.84
N SER A 674 -88.44 -6.10 36.96
CA SER A 674 -88.66 -6.81 35.71
C SER A 674 -89.15 -8.24 35.95
N VAL A 675 -90.03 -8.71 35.07
CA VAL A 675 -90.67 -10.01 35.20
C VAL A 675 -90.51 -10.79 33.89
N ILE A 676 -90.10 -10.11 32.83
CA ILE A 676 -89.95 -10.74 31.53
C ILE A 676 -88.51 -10.61 31.06
N MET A 677 -88.21 -11.17 29.89
CA MET A 677 -86.88 -11.09 29.30
C MET A 677 -87.01 -11.06 27.78
N PRO A 678 -86.76 -9.90 27.16
CA PRO A 678 -87.04 -9.77 25.72
C PRO A 678 -85.96 -10.43 24.87
N TRP A 679 -86.23 -10.45 23.57
CA TRP A 679 -85.30 -10.96 22.57
C TRP A 679 -84.68 -9.77 21.84
N ALA A 680 -83.36 -9.70 21.82
CA ALA A 680 -82.67 -8.53 21.33
C ALA A 680 -81.49 -8.95 20.45
N MET A 681 -81.07 -8.03 19.58
CA MET A 681 -79.99 -8.29 18.63
C MET A 681 -78.98 -7.15 18.65
N MET A 682 -77.73 -7.50 18.37
CA MET A 682 -76.67 -6.53 18.08
C MET A 682 -75.82 -7.15 16.98
N ALA A 683 -76.04 -6.72 15.74
CA ALA A 683 -75.50 -7.43 14.59
C ALA A 683 -74.30 -6.72 13.99
N ALA A 684 -73.74 -7.34 12.94
CA ALA A 684 -72.59 -6.83 12.19
C ALA A 684 -72.86 -6.96 10.70
N LYS A 685 -74.00 -6.42 10.26
CA LYS A 685 -74.51 -6.68 8.92
C LYS A 685 -73.47 -6.41 7.83
N ASN A 686 -72.84 -5.24 7.87
CA ASN A 686 -71.85 -4.88 6.86
C ASN A 686 -70.52 -4.52 7.52
N LEU A 687 -69.44 -5.10 7.00
CA LEU A 687 -68.09 -4.85 7.48
C LEU A 687 -67.19 -4.44 6.33
N ALA A 688 -66.15 -3.68 6.66
CA ALA A 688 -65.08 -3.38 5.72
C ALA A 688 -64.17 -4.61 5.66
N THR A 689 -64.46 -5.49 4.70
CA THR A 689 -63.75 -6.76 4.62
C THR A 689 -62.30 -6.54 4.24
N THR A 690 -61.40 -7.16 4.98
CA THR A 690 -59.98 -7.07 4.67
C THR A 690 -59.61 -8.09 3.60
N ASP A 691 -58.39 -7.95 3.07
CA ASP A 691 -57.86 -8.89 2.09
C ASP A 691 -57.08 -9.96 2.83
N GLN A 692 -57.67 -11.15 2.95
CA GLN A 692 -57.02 -12.23 3.68
C GLN A 692 -55.76 -12.68 2.96
N SER A 693 -54.72 -12.95 3.74
CA SER A 693 -53.44 -13.43 3.20
C SER A 693 -52.93 -14.55 4.09
N PHE A 694 -52.31 -15.55 3.48
CA PHE A 694 -51.82 -16.72 4.21
C PHE A 694 -50.43 -17.08 3.70
N SER A 695 -49.65 -17.69 4.59
CA SER A 695 -48.29 -18.10 4.25
C SER A 695 -47.95 -19.34 5.06
N ASP A 696 -47.27 -20.29 4.41
CA ASP A 696 -46.84 -21.51 5.07
C ASP A 696 -45.39 -21.81 4.67
N ASP A 697 -44.54 -22.01 5.67
CA ASP A 697 -43.15 -22.34 5.44
C ASP A 697 -42.93 -23.82 5.14
N PHE A 698 -43.96 -24.65 5.34
CA PHE A 698 -43.87 -26.09 5.10
C PHE A 698 -42.72 -26.71 5.90
N ASN A 699 -42.54 -26.23 7.12
CA ASN A 699 -41.41 -26.66 7.92
C ASN A 699 -41.86 -27.43 9.15
N ARG A 700 -42.81 -28.34 8.96
CA ARG A 700 -43.34 -29.13 10.07
C ARG A 700 -43.28 -30.62 9.76
N SER A 701 -43.89 -31.45 10.62
CA SER A 701 -43.76 -32.89 10.48
C SER A 701 -44.67 -33.45 9.39
N ALA A 702 -45.98 -33.21 9.51
CA ALA A 702 -46.96 -33.73 8.58
C ALA A 702 -47.57 -32.59 7.77
N MET A 703 -48.32 -32.95 6.73
CA MET A 703 -48.95 -31.95 5.88
C MET A 703 -49.94 -31.11 6.67
N GLY A 704 -50.74 -31.75 7.52
CA GLY A 704 -51.67 -31.05 8.38
C GLY A 704 -53.05 -30.91 7.78
N GLY A 705 -53.97 -30.43 8.61
CA GLY A 705 -55.36 -30.24 8.22
C GLY A 705 -55.66 -28.95 7.49
N LEU A 706 -54.65 -28.13 7.24
CA LEU A 706 -54.83 -26.88 6.51
C LEU A 706 -54.70 -27.05 5.00
N TRP A 707 -54.74 -28.28 4.51
CA TRP A 707 -54.53 -28.56 3.09
C TRP A 707 -55.42 -29.72 2.68
N PHE A 708 -56.42 -29.44 1.83
CA PHE A 708 -57.21 -30.49 1.22
C PHE A 708 -56.37 -31.14 0.13
N LEU A 709 -56.12 -32.44 0.27
CA LEU A 709 -55.20 -33.17 -0.61
C LEU A 709 -56.01 -34.03 -1.57
N LYS A 710 -55.66 -33.98 -2.85
CA LYS A 710 -56.29 -34.83 -3.86
C LYS A 710 -55.22 -35.25 -4.86
N SER A 711 -55.08 -36.57 -5.04
CA SER A 711 -54.05 -37.10 -5.90
C SER A 711 -54.64 -38.19 -6.79
N ASP A 712 -53.97 -38.44 -7.91
CA ASP A 712 -54.37 -39.55 -8.76
C ASP A 712 -53.71 -40.87 -8.36
N THR A 713 -52.80 -40.85 -7.39
CA THR A 713 -52.18 -42.09 -6.93
C THR A 713 -53.19 -42.97 -6.20
N GLY A 714 -54.00 -42.38 -5.32
CA GLY A 714 -54.99 -43.12 -4.58
C GLY A 714 -54.75 -43.15 -3.09
N THR A 715 -53.49 -43.32 -2.69
CA THR A 715 -53.14 -43.37 -1.27
C THR A 715 -52.11 -42.32 -0.85
N ASN A 716 -51.18 -41.96 -1.73
CA ASN A 716 -50.11 -41.03 -1.41
C ASN A 716 -50.47 -39.63 -1.91
N GLN A 717 -50.25 -38.62 -1.07
CA GLN A 717 -50.54 -37.24 -1.43
C GLN A 717 -49.31 -36.37 -1.21
N VAL A 718 -49.48 -35.05 -1.31
CA VAL A 718 -48.36 -34.15 -1.08
C VAL A 718 -47.87 -34.31 0.34
N GLY A 719 -46.63 -34.75 0.50
CA GLY A 719 -46.04 -35.00 1.80
C GLY A 719 -44.88 -34.06 2.05
N VAL A 720 -44.77 -33.58 3.29
CA VAL A 720 -43.68 -32.70 3.66
C VAL A 720 -42.53 -33.53 4.21
N SER A 721 -41.34 -33.32 3.63
CA SER A 721 -40.12 -33.98 4.07
C SER A 721 -38.98 -32.98 4.03
N GLY A 722 -38.11 -33.03 5.04
CA GLY A 722 -36.98 -32.14 5.10
C GLY A 722 -37.37 -30.67 5.09
N GLY A 723 -38.58 -30.35 5.53
CA GLY A 723 -39.04 -28.98 5.49
C GLY A 723 -39.51 -28.49 4.14
N ARG A 724 -39.84 -29.39 3.23
CA ARG A 724 -40.33 -28.99 1.91
C ARG A 724 -41.37 -29.98 1.43
N ALA A 725 -42.36 -29.47 0.71
CA ALA A 725 -43.39 -30.33 0.12
C ALA A 725 -42.80 -31.14 -1.03
N ALA A 726 -43.33 -32.35 -1.20
CA ALA A 726 -42.81 -33.24 -2.23
C ALA A 726 -43.85 -34.32 -2.53
N PHE A 727 -43.55 -35.11 -3.55
CA PHE A 727 -44.43 -36.17 -4.02
C PHE A 727 -44.14 -37.43 -3.21
N SER A 728 -45.04 -37.77 -2.29
CA SER A 728 -44.89 -38.99 -1.52
C SER A 728 -45.17 -40.20 -2.39
N GLY A 729 -44.37 -41.25 -2.20
CA GLY A 729 -44.56 -42.49 -2.93
C GLY A 729 -43.76 -42.53 -4.22
N LEU A 730 -43.61 -43.75 -4.74
CA LEU A 730 -42.88 -43.98 -5.98
C LEU A 730 -43.79 -44.08 -7.19
N THR A 731 -45.10 -43.90 -7.02
CA THR A 731 -46.02 -44.05 -8.12
C THR A 731 -45.91 -42.88 -9.09
N ASP A 732 -46.48 -43.08 -10.28
CA ASP A 732 -46.50 -42.07 -11.34
C ASP A 732 -47.86 -41.40 -11.35
N GLY A 733 -47.87 -40.07 -11.23
CA GLY A 733 -49.13 -39.35 -11.24
C GLY A 733 -48.97 -37.91 -10.79
N ASN A 734 -50.07 -37.37 -10.28
CA ASN A 734 -50.16 -35.97 -9.88
C ASN A 734 -50.76 -35.86 -8.49
N GLN A 735 -50.34 -34.81 -7.77
CA GLN A 735 -50.83 -34.53 -6.43
C GLN A 735 -51.11 -33.03 -6.33
N ASN A 736 -52.27 -32.70 -5.76
CA ASN A 736 -52.69 -31.31 -5.59
C ASN A 736 -53.06 -31.08 -4.14
N ALA A 737 -52.67 -29.92 -3.62
CA ALA A 737 -53.02 -29.49 -2.27
C ALA A 737 -53.69 -28.12 -2.37
N LEU A 738 -54.83 -27.97 -1.72
CA LEU A 738 -55.60 -26.73 -1.77
C LEU A 738 -55.72 -26.15 -0.38
N TYR A 739 -55.45 -24.85 -0.26
CA TYR A 739 -55.60 -24.18 1.03
C TYR A 739 -57.06 -24.14 1.43
N ILE A 740 -57.34 -24.46 2.69
CA ILE A 740 -58.71 -24.43 3.18
C ILE A 740 -59.24 -23.00 3.18
N ARG A 741 -58.42 -22.06 3.60
CA ARG A 741 -58.85 -20.68 3.72
C ARG A 741 -58.90 -20.03 2.34
N PRO A 742 -60.03 -19.46 1.94
CA PRO A 742 -60.12 -18.75 0.67
C PRO A 742 -59.65 -17.31 0.83
N THR A 743 -59.66 -16.57 -0.27
CA THR A 743 -59.26 -15.17 -0.28
C THR A 743 -60.50 -14.28 -0.33
N ALA A 744 -60.28 -12.97 -0.45
CA ALA A 744 -61.38 -12.02 -0.40
C ALA A 744 -62.09 -11.89 -1.74
N GLY A 745 -61.36 -11.45 -2.77
CA GLY A 745 -61.98 -11.21 -4.06
C GLY A 745 -61.30 -11.91 -5.21
N ASP A 746 -61.66 -11.51 -6.44
CA ASP A 746 -61.07 -12.15 -7.61
C ASP A 746 -59.60 -11.80 -7.76
N LYS A 747 -59.16 -10.67 -7.21
CA LYS A 747 -57.74 -10.34 -7.23
C LYS A 747 -56.95 -11.40 -6.46
N GLN A 748 -55.88 -11.88 -7.07
CA GLN A 748 -55.17 -13.03 -6.52
C GLN A 748 -53.68 -12.89 -6.78
N TRP A 749 -52.87 -13.34 -5.83
CA TRP A 749 -51.42 -13.31 -5.95
C TRP A 749 -50.87 -14.51 -5.19
N VAL A 750 -50.15 -15.39 -5.88
CA VAL A 750 -49.56 -16.56 -5.25
C VAL A 750 -48.06 -16.53 -5.51
N GLU A 751 -47.29 -17.09 -4.59
CA GLU A 751 -45.84 -17.09 -4.74
C GLU A 751 -45.25 -18.22 -3.93
N ALA A 752 -44.11 -18.73 -4.40
CA ALA A 752 -43.36 -19.78 -3.71
C ALA A 752 -42.03 -19.96 -4.42
N THR A 753 -41.03 -20.40 -3.67
CA THR A 753 -39.71 -20.68 -4.23
C THR A 753 -39.63 -22.16 -4.60
N LEU A 754 -39.07 -22.44 -5.77
CA LEU A 754 -38.95 -23.79 -6.28
C LEU A 754 -37.56 -24.34 -5.95
N TYR A 755 -37.51 -25.51 -5.32
CA TYR A 755 -36.26 -26.11 -4.89
C TYR A 755 -36.07 -27.47 -5.54
N GLU A 756 -34.81 -27.78 -5.87
CA GLU A 756 -34.43 -29.08 -6.43
C GLU A 756 -35.21 -29.40 -7.71
N THR A 757 -35.47 -28.36 -8.51
CA THR A 757 -36.14 -28.53 -9.79
C THR A 757 -35.18 -28.62 -10.96
N GLY A 758 -33.91 -28.25 -10.77
CA GLY A 758 -32.92 -28.34 -11.82
C GLY A 758 -32.30 -29.71 -12.00
N ILE A 759 -32.70 -30.69 -11.18
CA ILE A 759 -32.21 -32.04 -11.29
C ILE A 759 -33.26 -32.99 -11.86
N ALA A 760 -34.33 -32.44 -12.44
CA ALA A 760 -35.37 -33.27 -13.02
C ALA A 760 -34.87 -33.96 -14.29
N ALA A 761 -35.58 -34.99 -14.71
CA ALA A 761 -35.23 -35.74 -15.90
C ALA A 761 -36.07 -35.34 -17.10
N SER A 762 -37.40 -35.47 -16.99
CA SER A 762 -38.28 -35.17 -18.12
C SER A 762 -39.73 -35.04 -17.67
N GLY A 763 -40.39 -33.96 -18.08
CA GLY A 763 -41.81 -33.82 -17.83
C GLY A 763 -42.20 -33.52 -16.41
N ALA A 764 -41.25 -33.19 -15.53
CA ALA A 764 -41.56 -32.89 -14.15
C ALA A 764 -42.33 -31.57 -14.08
N ARG A 765 -43.63 -31.66 -13.84
CA ARG A 765 -44.51 -30.50 -13.80
C ARG A 765 -44.89 -30.19 -12.36
N GLU A 766 -44.50 -29.02 -11.90
CA GLU A 766 -44.77 -28.60 -10.52
C GLU A 766 -45.01 -27.10 -10.51
N GLY A 767 -45.68 -26.64 -9.46
CA GLY A 767 -45.89 -25.21 -9.33
C GLY A 767 -47.09 -24.89 -8.45
N LEU A 768 -47.66 -23.72 -8.71
CA LEU A 768 -48.70 -23.16 -7.86
C LEU A 768 -50.04 -23.19 -8.58
N LEU A 769 -51.10 -23.25 -7.78
CA LEU A 769 -52.47 -23.30 -8.26
C LEU A 769 -53.22 -22.08 -7.72
N MET A 770 -54.01 -21.45 -8.58
CA MET A 770 -54.80 -20.30 -8.18
C MET A 770 -56.13 -20.34 -8.93
N HIS A 771 -57.12 -19.64 -8.37
CA HIS A 771 -58.48 -19.65 -8.91
C HIS A 771 -59.03 -21.07 -8.99
N ALA A 772 -58.72 -21.87 -7.98
CA ALA A 772 -59.13 -23.25 -7.94
C ALA A 772 -60.51 -23.38 -7.31
N ASN A 773 -61.36 -24.20 -7.92
CA ASN A 773 -62.67 -24.46 -7.38
C ASN A 773 -62.56 -25.35 -6.14
N ARG A 774 -63.59 -25.28 -5.30
CA ARG A 774 -63.64 -26.11 -4.10
C ARG A 774 -63.58 -27.59 -4.46
N ASP A 775 -64.21 -27.97 -5.57
CA ASP A 775 -64.18 -29.35 -6.05
C ASP A 775 -63.15 -29.55 -7.16
N LEU A 776 -62.27 -28.58 -7.39
CA LEU A 776 -61.25 -28.65 -8.42
C LEU A 776 -61.86 -28.77 -9.81
N SER A 777 -63.04 -28.19 -10.01
CA SER A 777 -63.71 -28.28 -11.31
C SER A 777 -62.91 -27.55 -12.39
N GLN A 778 -62.38 -26.37 -12.08
CA GLN A 778 -61.54 -25.65 -13.02
C GLN A 778 -60.49 -24.88 -12.24
N VAL A 779 -59.23 -24.97 -12.70
CA VAL A 779 -58.11 -24.33 -12.02
C VAL A 779 -57.22 -23.64 -13.04
N VAL A 780 -56.40 -22.73 -12.53
CA VAL A 780 -55.32 -22.10 -13.27
C VAL A 780 -54.02 -22.54 -12.63
N TYR A 781 -53.13 -23.13 -13.43
CA TYR A 781 -51.97 -23.83 -12.93
C TYR A 781 -50.71 -23.32 -13.60
N LEU A 782 -49.65 -23.17 -12.83
CA LEU A 782 -48.34 -22.78 -13.35
C LEU A 782 -47.43 -24.00 -13.26
N GLY A 783 -47.04 -24.55 -14.40
CA GLY A 783 -46.18 -25.71 -14.43
C GLY A 783 -44.77 -25.38 -14.88
N VAL A 784 -43.80 -25.55 -14.00
CA VAL A 784 -42.41 -25.19 -14.27
C VAL A 784 -41.57 -26.45 -14.23
N ASN A 785 -40.97 -26.80 -15.36
CA ASN A 785 -40.04 -27.91 -15.42
C ASN A 785 -38.61 -27.38 -15.47
N LEU A 786 -37.65 -28.28 -15.71
CA LEU A 786 -36.25 -27.86 -15.82
C LEU A 786 -36.02 -26.94 -17.01
N ASN A 787 -36.92 -26.96 -18.00
CA ASN A 787 -36.70 -26.27 -19.27
C ASN A 787 -37.66 -25.11 -19.49
N THR A 788 -38.95 -25.30 -19.22
CA THR A 788 -39.97 -24.35 -19.61
C THR A 788 -40.93 -24.07 -18.45
N ALA A 789 -41.79 -23.09 -18.67
CA ALA A 789 -42.87 -22.75 -17.75
C ALA A 789 -44.13 -22.49 -18.56
N LYS A 790 -45.21 -23.19 -18.20
CA LYS A 790 -46.45 -23.13 -18.96
C LYS A 790 -47.61 -22.80 -18.02
N ILE A 791 -48.68 -22.32 -18.62
CA ILE A 791 -49.93 -22.01 -17.91
C ILE A 791 -51.00 -22.99 -18.39
N TYR A 792 -51.67 -23.63 -17.45
CA TYR A 792 -52.70 -24.61 -17.73
C TYR A 792 -54.02 -24.15 -17.14
N THR A 793 -55.12 -24.56 -17.78
CA THR A 793 -56.46 -24.25 -17.30
C THR A 793 -57.33 -25.49 -17.36
N GLY A 794 -58.31 -25.54 -16.45
CA GLY A 794 -59.33 -26.56 -16.50
C GLY A 794 -59.30 -27.51 -15.32
N PRO A 795 -60.07 -28.60 -15.42
CA PRO A 795 -60.09 -29.60 -14.35
C PRO A 795 -58.76 -30.34 -14.26
N TRP A 796 -58.48 -30.85 -13.06
CA TRP A 796 -57.22 -31.54 -12.82
C TRP A 796 -57.11 -32.84 -13.59
N ASN A 797 -58.22 -33.41 -14.04
CA ASN A 797 -58.15 -34.63 -14.85
C ASN A 797 -57.46 -34.36 -16.19
N SER A 798 -57.79 -33.25 -16.83
CA SER A 798 -57.20 -32.89 -18.12
C SER A 798 -57.01 -31.38 -18.16
N LEU A 799 -55.79 -30.94 -18.43
CA LEU A 799 -55.45 -29.52 -18.46
C LEU A 799 -55.23 -29.08 -19.90
N THR A 800 -55.50 -27.80 -20.16
CA THR A 800 -55.28 -27.20 -21.47
C THR A 800 -54.24 -26.11 -21.34
N GLU A 801 -53.24 -26.13 -22.23
CA GLU A 801 -52.15 -25.18 -22.18
C GLU A 801 -52.57 -23.89 -22.87
N ARG A 802 -52.53 -22.78 -22.14
CA ARG A 802 -52.86 -21.48 -22.69
C ARG A 802 -51.64 -20.75 -23.25
N ALA A 803 -50.51 -20.80 -22.53
CA ALA A 803 -49.30 -20.14 -22.98
C ALA A 803 -48.09 -20.84 -22.37
N SER A 804 -46.92 -20.57 -22.95
CA SER A 804 -45.70 -21.21 -22.52
C SER A 804 -44.52 -20.26 -22.77
N VAL A 805 -43.43 -20.51 -22.05
CA VAL A 805 -42.21 -19.75 -22.21
C VAL A 805 -41.03 -20.66 -21.88
N SER A 806 -39.89 -20.37 -22.50
CA SER A 806 -38.68 -21.17 -22.33
C SER A 806 -37.68 -20.37 -21.50
N THR A 807 -37.36 -20.88 -20.30
CA THR A 807 -36.45 -20.21 -19.39
C THR A 807 -35.33 -21.15 -18.95
N THR A 808 -34.54 -20.71 -17.97
CA THR A 808 -33.48 -21.55 -17.42
C THR A 808 -33.24 -21.16 -15.97
N GLY A 809 -32.61 -22.06 -15.23
CA GLY A 809 -32.33 -21.83 -13.82
C GLY A 809 -33.60 -21.70 -13.00
N ASN A 810 -34.54 -22.62 -13.21
CA ASN A 810 -35.86 -22.54 -12.56
C ASN A 810 -35.81 -23.10 -11.14
N ASP A 811 -35.00 -22.45 -10.31
CA ASP A 811 -34.89 -22.75 -8.89
C ASP A 811 -34.99 -21.47 -8.09
N VAL A 812 -35.94 -20.61 -8.45
CA VAL A 812 -36.06 -19.29 -7.87
C VAL A 812 -37.44 -19.10 -7.26
N LEU A 813 -37.72 -17.90 -6.77
CA LEU A 813 -39.00 -17.56 -6.16
C LEU A 813 -39.96 -17.17 -7.28
N TRP A 814 -40.74 -18.14 -7.74
CA TRP A 814 -41.74 -17.89 -8.77
C TRP A 814 -43.01 -17.35 -8.15
N GLN A 815 -43.55 -16.29 -8.73
CA GLN A 815 -44.81 -15.71 -8.30
C GLN A 815 -45.69 -15.48 -9.52
N MET A 816 -46.99 -15.41 -9.28
CA MET A 816 -47.91 -15.06 -10.36
C MET A 816 -49.17 -14.44 -9.77
N TYR A 817 -49.69 -13.45 -10.48
CA TYR A 817 -50.83 -12.69 -10.00
C TYR A 817 -51.83 -12.49 -11.13
N PHE A 818 -53.05 -12.12 -10.75
CA PHE A 818 -54.12 -11.84 -11.68
C PHE A 818 -54.60 -10.41 -11.50
N ASP A 819 -54.62 -9.65 -12.59
CA ASP A 819 -55.16 -8.30 -12.57
C ASP A 819 -56.53 -8.32 -13.21
N PRO A 820 -57.61 -8.04 -12.47
CA PRO A 820 -58.95 -8.00 -13.08
C PRO A 820 -59.24 -6.72 -13.83
N ALA A 821 -58.38 -5.69 -13.73
CA ALA A 821 -58.60 -4.47 -14.49
C ALA A 821 -58.57 -4.75 -15.99
N THR A 822 -57.63 -5.56 -16.45
CA THR A 822 -57.58 -6.03 -17.82
C THR A 822 -57.86 -7.52 -17.95
N ALA A 823 -58.17 -8.19 -16.84
CA ALA A 823 -58.43 -9.63 -16.83
C ALA A 823 -57.26 -10.41 -17.42
N ALA A 824 -56.09 -10.19 -16.85
CA ALA A 824 -54.86 -10.78 -17.36
C ALA A 824 -54.05 -11.40 -16.22
N TYR A 825 -53.39 -12.51 -16.53
CA TYR A 825 -52.54 -13.22 -15.57
C TYR A 825 -51.09 -13.01 -15.94
N THR A 826 -50.27 -12.69 -14.95
CA THR A 826 -48.85 -12.41 -15.17
C THR A 826 -48.01 -13.26 -14.23
N VAL A 827 -46.90 -13.79 -14.75
CA VAL A 827 -46.00 -14.63 -13.98
C VAL A 827 -44.63 -13.95 -13.92
N LEU A 828 -44.12 -13.78 -12.72
CA LEU A 828 -42.82 -13.16 -12.48
C LEU A 828 -41.86 -14.19 -11.90
N LYS A 829 -40.63 -14.19 -12.40
CA LYS A 829 -39.58 -15.10 -11.97
C LYS A 829 -38.49 -14.30 -11.30
N ASN A 830 -38.29 -14.54 -10.00
CA ASN A 830 -37.26 -13.87 -9.21
C ASN A 830 -37.41 -12.35 -9.29
N GLY A 831 -38.65 -11.88 -9.28
CA GLY A 831 -38.92 -10.46 -9.38
C GLY A 831 -38.73 -9.86 -10.76
N GLN A 832 -38.59 -10.68 -11.79
CA GLN A 832 -38.41 -10.21 -13.15
C GLN A 832 -39.66 -10.52 -13.97
N ALA A 833 -39.85 -9.76 -15.06
CA ALA A 833 -41.05 -9.90 -15.86
C ALA A 833 -41.18 -11.30 -16.46
N SER A 834 -40.06 -11.84 -16.98
CA SER A 834 -40.01 -13.19 -17.52
C SER A 834 -40.92 -13.38 -18.73
N GLY A 835 -41.61 -12.33 -19.15
CA GLY A 835 -42.41 -12.38 -20.36
C GLY A 835 -43.52 -13.40 -20.38
N LEU A 836 -43.99 -13.86 -19.22
CA LEU A 836 -45.06 -14.84 -19.13
C LEU A 836 -46.36 -14.12 -18.78
N THR A 837 -47.26 -14.03 -19.76
CA THR A 837 -48.51 -13.31 -19.56
C THR A 837 -49.59 -13.96 -20.42
N TRP A 838 -50.78 -14.10 -19.84
CA TRP A 838 -51.93 -14.64 -20.53
C TRP A 838 -53.08 -13.65 -20.45
N THR A 839 -53.77 -13.46 -21.57
CA THR A 839 -54.93 -12.58 -21.65
C THR A 839 -56.17 -13.42 -21.90
N ASP A 840 -57.17 -13.29 -21.02
CA ASP A 840 -58.40 -14.07 -21.13
C ASP A 840 -59.43 -13.29 -21.93
N SER A 841 -59.19 -13.24 -23.24
CA SER A 841 -60.14 -12.58 -24.13
C SER A 841 -61.48 -13.31 -24.15
N GLY A 842 -61.44 -14.64 -24.17
CA GLY A 842 -62.65 -15.44 -24.21
C GLY A 842 -63.33 -15.67 -22.88
N SER A 843 -62.74 -15.19 -21.79
CA SER A 843 -63.31 -15.35 -20.44
C SER A 843 -63.56 -16.82 -20.11
N VAL A 844 -62.58 -17.66 -20.44
CA VAL A 844 -62.70 -19.09 -20.14
C VAL A 844 -62.65 -19.37 -18.64
N VAL A 845 -62.11 -18.43 -17.86
CA VAL A 845 -61.96 -18.61 -16.42
C VAL A 845 -63.03 -17.79 -15.72
N ALA A 846 -63.90 -18.45 -14.98
CA ALA A 846 -64.97 -17.76 -14.25
C ALA A 846 -64.46 -17.28 -12.90
N HIS A 847 -64.89 -16.10 -12.50
CA HIS A 847 -64.51 -15.49 -11.23
C HIS A 847 -65.75 -15.26 -10.39
N GLY A 848 -65.64 -15.56 -9.10
CA GLY A 848 -66.76 -15.40 -8.19
C GLY A 848 -66.42 -15.88 -6.80
N PRO A 849 -67.45 -16.01 -5.95
CA PRO A 849 -67.20 -16.48 -4.57
C PRO A 849 -66.59 -17.87 -4.49
N ASN A 850 -66.85 -18.73 -5.47
CA ASN A 850 -66.44 -20.12 -5.43
C ASN A 850 -65.12 -20.38 -6.14
N TYR A 851 -64.43 -19.34 -6.60
CA TYR A 851 -63.19 -19.50 -7.35
C TYR A 851 -62.09 -18.63 -6.76
N ARG A 852 -61.93 -18.68 -5.45
CA ARG A 852 -60.92 -17.90 -4.74
C ARG A 852 -60.10 -18.79 -3.82
N PHE A 853 -59.65 -19.93 -4.35
CA PHE A 853 -58.84 -20.87 -3.60
C PHE A 853 -57.54 -21.14 -4.34
N GLY A 854 -56.44 -21.18 -3.59
CA GLY A 854 -55.13 -21.46 -4.14
C GLY A 854 -54.54 -22.74 -3.56
N GLY A 855 -53.31 -23.02 -3.98
CA GLY A 855 -52.64 -24.21 -3.50
C GLY A 855 -51.40 -24.53 -4.30
N LEU A 856 -51.03 -25.81 -4.27
CA LEU A 856 -49.78 -26.32 -4.81
C LEU A 856 -50.07 -27.57 -5.64
N ARG A 857 -49.21 -27.82 -6.62
CA ARG A 857 -49.35 -29.01 -7.46
C ARG A 857 -47.98 -29.57 -7.78
N ILE A 858 -47.84 -30.89 -7.70
CA ILE A 858 -46.59 -31.57 -8.01
C ILE A 858 -46.90 -32.88 -8.75
N SER A 859 -46.19 -33.15 -9.84
CA SER A 859 -46.37 -34.37 -10.60
C SER A 859 -45.06 -35.14 -10.69
N ARG A 860 -45.15 -36.46 -10.58
CA ARG A 860 -44.00 -37.34 -10.67
C ARG A 860 -44.20 -38.34 -11.80
N ALA A 861 -43.14 -38.59 -12.56
CA ALA A 861 -43.22 -39.51 -13.69
C ALA A 861 -41.86 -40.14 -13.95
N THR A 862 -41.88 -41.24 -14.69
CA THR A 862 -40.70 -41.98 -15.16
C THR A 862 -39.58 -42.04 -14.11
N PHE A 863 -39.96 -42.42 -12.89
CA PHE A 863 -39.02 -42.71 -11.81
C PHE A 863 -38.14 -41.50 -11.47
N PHE A 864 -38.67 -40.29 -11.64
CA PHE A 864 -37.96 -39.07 -11.26
C PHE A 864 -38.96 -38.07 -10.71
N ASN A 865 -38.96 -37.92 -9.38
CA ASN A 865 -39.84 -36.96 -8.74
C ASN A 865 -39.46 -35.54 -9.11
N ALA A 866 -40.47 -34.69 -9.23
CA ALA A 866 -40.24 -33.28 -9.48
C ALA A 866 -39.60 -32.63 -8.25
N GLY A 867 -39.30 -31.34 -8.37
CA GLY A 867 -38.65 -30.64 -7.28
C GLY A 867 -39.57 -30.42 -6.10
N ARG A 868 -38.97 -29.93 -5.02
CA ARG A 868 -39.70 -29.64 -3.79
C ARG A 868 -40.00 -28.15 -3.70
N ILE A 869 -41.00 -27.83 -2.88
CA ILE A 869 -41.53 -26.47 -2.80
C ILE A 869 -41.37 -25.96 -1.38
N ASP A 870 -41.18 -24.65 -1.25
CA ASP A 870 -41.07 -24.03 0.07
C ASP A 870 -41.58 -22.60 0.01
N ASN A 871 -41.95 -22.09 1.18
CA ASN A 871 -42.37 -20.70 1.37
C ASN A 871 -43.56 -20.34 0.46
N TRP A 872 -44.66 -21.04 0.68
CA TRP A 872 -45.87 -20.80 -0.09
C TRP A 872 -46.64 -19.62 0.49
N THR A 873 -47.21 -18.79 -0.38
CA THR A 873 -47.92 -17.61 0.09
C THR A 873 -49.03 -17.25 -0.89
N LEU A 874 -50.19 -16.93 -0.34
CA LEU A 874 -51.33 -16.43 -1.09
C LEU A 874 -51.78 -15.11 -0.49
N LYS A 875 -52.21 -14.18 -1.34
CA LYS A 875 -52.68 -12.88 -0.87
C LYS A 875 -53.48 -12.21 -1.97
N ASP A 876 -54.03 -11.05 -1.64
CA ASP A 876 -54.80 -10.22 -2.57
C ASP A 876 -54.07 -8.88 -2.69
N TRP A 877 -53.22 -8.78 -3.70
CA TRP A 877 -52.44 -7.57 -3.90
C TRP A 877 -53.35 -6.40 -4.25
N ALA A 878 -52.96 -5.21 -3.79
CA ALA A 878 -53.72 -3.99 -4.05
C ALA A 878 -53.42 -3.47 -5.46
N GLY B 116 139.88 33.13 -43.58
CA GLY B 116 139.45 32.09 -42.65
C GLY B 116 140.30 30.85 -42.63
N GLU B 117 141.32 30.75 -43.47
CA GLU B 117 142.17 29.56 -43.49
C GLU B 117 143.54 29.93 -44.03
N VAL B 118 144.57 29.25 -43.52
CA VAL B 118 145.93 29.52 -43.94
C VAL B 118 146.11 29.19 -45.41
N GLY B 119 146.89 30.01 -46.10
CA GLY B 119 147.18 29.78 -47.51
C GLY B 119 146.01 29.91 -48.45
N SER B 120 145.19 30.96 -48.27
CA SER B 120 144.04 31.22 -49.12
C SER B 120 144.26 32.53 -49.88
N SER B 121 143.23 32.95 -50.62
CA SER B 121 143.33 34.09 -51.52
C SER B 121 142.32 35.16 -51.16
N LEU B 122 142.43 36.30 -51.85
CA LEU B 122 141.50 37.40 -51.63
C LEU B 122 140.08 37.03 -52.04
N ALA B 123 139.94 36.08 -52.97
CA ALA B 123 138.60 35.58 -53.31
C ALA B 123 137.96 34.90 -52.10
N ASP B 124 138.74 34.06 -51.39
CA ASP B 124 138.25 33.47 -50.16
C ASP B 124 138.02 34.54 -49.09
N ALA B 125 138.85 35.58 -49.06
CA ALA B 125 138.66 36.66 -48.10
C ALA B 125 137.32 37.35 -48.31
N ILE B 126 137.01 37.71 -49.56
CA ILE B 126 135.74 38.38 -49.84
C ILE B 126 134.57 37.42 -49.68
N ALA B 127 134.78 36.12 -49.93
CA ALA B 127 133.74 35.14 -49.67
C ALA B 127 133.41 35.09 -48.19
N LYS B 128 134.43 35.10 -47.32
CA LYS B 128 134.19 35.14 -45.89
C LYS B 128 133.52 36.44 -45.49
N LEU B 129 133.91 37.55 -46.12
CA LEU B 129 133.24 38.83 -45.85
C LEU B 129 131.75 38.73 -46.20
N ALA B 130 131.43 38.05 -47.29
CA ALA B 130 130.03 37.83 -47.64
C ALA B 130 129.33 36.95 -46.61
N THR B 131 130.01 35.89 -46.14
CA THR B 131 129.41 35.02 -45.14
C THR B 131 129.20 35.74 -43.81
N PHE B 132 129.97 36.79 -43.54
CA PHE B 132 129.75 37.60 -42.35
C PHE B 132 128.34 38.16 -42.37
N LEU B 133 127.63 38.02 -41.24
CA LEU B 133 126.24 38.45 -41.14
C LEU B 133 126.16 39.72 -40.29
N THR B 134 125.58 40.77 -40.86
CA THR B 134 125.47 42.06 -40.20
C THR B 134 124.05 42.25 -39.67
N GLU B 135 123.78 43.44 -39.12
CA GLU B 135 122.44 43.74 -38.63
C GLU B 135 121.41 43.72 -39.75
N LEU B 136 121.78 44.27 -40.91
CA LEU B 136 120.87 44.31 -42.05
C LEU B 136 120.80 42.98 -42.80
N SER B 137 121.68 42.04 -42.51
CA SER B 137 121.69 40.78 -43.23
C SER B 137 120.50 39.91 -42.81
N PRO B 138 119.94 39.13 -43.73
CA PRO B 138 118.90 38.18 -43.34
C PRO B 138 119.45 37.11 -42.43
N LEU B 139 118.58 36.58 -41.57
CA LEU B 139 118.99 35.65 -40.53
C LEU B 139 118.20 34.36 -40.65
N ASN B 140 118.92 33.24 -40.74
CA ASN B 140 118.28 31.95 -40.90
C ASN B 140 117.62 31.51 -39.61
N ALA B 141 116.40 30.96 -39.73
CA ALA B 141 115.69 30.36 -38.62
C ALA B 141 115.90 28.84 -38.57
N GLY B 142 117.07 28.38 -38.98
CA GLY B 142 117.37 26.97 -39.06
C GLY B 142 117.12 26.20 -37.78
N MET B 143 117.90 26.50 -36.73
CA MET B 143 117.74 25.81 -35.45
C MET B 143 117.29 26.76 -34.35
N LEU B 144 118.02 27.86 -34.11
CA LEU B 144 117.72 28.77 -33.02
C LEU B 144 117.64 28.03 -31.69
N PHE B 145 118.77 27.44 -31.30
CA PHE B 145 118.80 26.59 -30.12
C PHE B 145 118.43 27.37 -28.88
N GLY B 146 117.65 26.75 -28.00
CA GLY B 146 117.18 27.38 -26.78
C GLY B 146 115.67 27.50 -26.77
N LEU B 147 115.17 28.50 -26.05
CA LEU B 147 113.74 28.75 -25.96
C LEU B 147 113.49 30.25 -26.06
N ILE B 148 112.46 30.61 -26.80
CA ILE B 148 112.11 32.02 -27.00
C ILE B 148 111.18 32.44 -25.86
N GLY B 149 111.44 33.62 -25.32
CA GLY B 149 110.65 34.11 -24.20
C GLY B 149 109.21 34.38 -24.59
N THR B 150 108.32 34.28 -23.60
CA THR B 150 106.90 34.47 -23.84
C THR B 150 106.59 35.90 -24.28
N ASN B 151 107.24 36.89 -23.65
CA ASN B 151 106.93 38.28 -23.95
C ASN B 151 107.30 38.67 -25.37
N HIS B 152 108.10 37.86 -26.06
CA HIS B 152 108.49 38.14 -27.43
C HIS B 152 107.52 37.57 -28.46
N LEU B 153 106.48 36.85 -28.02
CA LEU B 153 105.49 36.30 -28.93
C LEU B 153 104.21 37.12 -28.84
N PRO B 154 103.93 37.98 -29.81
CA PRO B 154 102.81 38.91 -29.67
C PRO B 154 101.47 38.32 -30.08
N LEU B 155 101.47 37.40 -31.04
CA LEU B 155 100.21 36.90 -31.58
C LEU B 155 100.44 35.53 -32.19
N LEU B 156 99.55 34.60 -31.87
CA LEU B 156 99.62 33.23 -32.34
C LEU B 156 98.64 33.03 -33.49
N SER B 157 98.47 31.78 -33.93
CA SER B 157 97.52 31.45 -34.97
C SER B 157 96.58 30.36 -34.46
N VAL B 158 95.29 30.70 -34.36
CA VAL B 158 94.31 29.75 -33.84
C VAL B 158 94.27 28.50 -34.70
N SER B 159 94.38 28.65 -36.01
CA SER B 159 94.46 27.49 -36.88
C SER B 159 95.73 26.68 -36.61
N HIS B 160 96.84 27.37 -36.39
CA HIS B 160 98.09 26.66 -36.11
C HIS B 160 98.05 25.92 -34.78
N ILE B 161 97.16 26.31 -33.88
CA ILE B 161 97.00 25.57 -32.63
C ILE B 161 96.60 24.14 -32.94
N ALA B 162 97.26 23.19 -32.29
CA ALA B 162 97.01 21.77 -32.50
C ALA B 162 97.56 21.00 -31.31
N ASN B 163 97.63 19.67 -31.45
CA ASN B 163 97.98 18.78 -30.34
C ASN B 163 99.33 18.13 -30.60
N ILE B 164 100.38 18.70 -30.01
CA ILE B 164 101.74 18.16 -30.05
C ILE B 164 102.38 18.37 -28.69
N ASN B 165 103.11 17.37 -28.21
CA ASN B 165 103.88 17.44 -26.97
C ASN B 165 105.34 17.22 -27.30
N PRO B 166 106.10 18.28 -27.54
CA PRO B 166 107.52 18.13 -27.88
C PRO B 166 108.41 18.22 -26.65
N GLU B 167 109.69 17.94 -26.86
CA GLU B 167 110.68 18.07 -25.80
C GLU B 167 110.89 19.53 -25.44
N LEU B 168 111.44 19.75 -24.24
CA LEU B 168 111.68 21.09 -23.74
C LEU B 168 113.16 21.40 -23.61
N LEU B 169 113.90 20.55 -22.89
CA LEU B 169 115.32 20.79 -22.67
C LEU B 169 116.08 20.62 -23.98
N VAL B 170 117.04 21.50 -24.21
CA VAL B 170 117.82 21.49 -25.45
C VAL B 170 118.99 20.54 -25.29
N ASN B 171 119.12 19.60 -26.23
CA ASN B 171 120.13 18.55 -26.19
C ASN B 171 119.97 17.72 -24.91
N ALA B 172 118.77 17.18 -24.74
CA ALA B 172 118.44 16.46 -23.52
C ALA B 172 119.16 15.11 -23.43
N GLY B 173 119.58 14.57 -24.57
CA GLY B 173 120.27 13.30 -24.58
C GLY B 173 121.74 13.36 -24.22
N PHE B 174 122.26 14.56 -23.93
CA PHE B 174 123.68 14.77 -23.62
C PHE B 174 124.57 14.25 -24.74
N ASP B 175 124.07 14.31 -25.97
CA ASP B 175 124.82 13.84 -27.13
C ASP B 175 125.93 14.79 -27.54
N SER B 176 126.00 15.98 -26.93
CA SER B 176 127.04 16.95 -27.26
C SER B 176 127.77 17.41 -26.00
N ASP B 177 128.61 18.43 -26.13
CA ASP B 177 129.34 18.98 -25.01
C ASP B 177 128.55 20.04 -24.24
N VAL B 178 127.37 20.41 -24.73
CA VAL B 178 126.57 21.44 -24.06
C VAL B 178 125.90 20.83 -22.83
N SER B 179 125.66 21.68 -21.82
CA SER B 179 125.00 21.40 -20.54
C SER B 179 125.92 20.68 -19.55
N VAL B 180 127.18 20.42 -19.90
CA VAL B 180 128.11 19.79 -18.99
C VAL B 180 129.40 20.61 -18.94
N VAL B 181 129.31 21.87 -19.35
CA VAL B 181 130.49 22.72 -19.44
C VAL B 181 130.99 23.07 -18.04
N ASP B 182 132.32 23.22 -17.93
CA ASP B 182 133.01 23.67 -16.72
C ASP B 182 132.51 22.95 -15.47
N ASN B 183 132.35 21.64 -15.58
CA ASN B 183 131.90 20.80 -14.46
C ASN B 183 132.97 19.78 -14.10
N PRO B 184 133.73 19.99 -13.02
CA PRO B 184 134.69 18.97 -12.60
C PRO B 184 134.04 17.67 -12.14
N TYR B 185 132.75 17.69 -11.79
CA TYR B 185 132.07 16.48 -11.35
C TYR B 185 131.59 15.65 -12.53
N TRP B 186 130.82 16.26 -13.43
CA TRP B 186 130.22 15.58 -14.57
C TRP B 186 130.92 16.02 -15.85
N ASP B 187 131.17 15.05 -16.74
CA ASP B 187 131.77 15.36 -18.03
C ASP B 187 131.04 14.61 -19.14
N TRP B 188 131.10 15.16 -20.34
CA TRP B 188 130.50 14.52 -21.50
C TRP B 188 131.26 13.26 -21.87
N ASP B 189 130.53 12.19 -22.16
CA ASP B 189 131.10 10.91 -22.53
C ASP B 189 130.58 10.50 -23.89
N GLY B 190 131.49 10.05 -24.76
CA GLY B 190 131.15 9.56 -26.07
C GLY B 190 131.15 8.06 -26.23
N THR B 191 131.31 7.30 -25.15
CA THR B 191 131.37 5.85 -25.23
C THR B 191 130.22 5.13 -24.56
N VAL B 192 129.47 5.81 -23.68
CA VAL B 192 128.33 5.21 -23.01
C VAL B 192 127.09 6.01 -23.38
N GLY B 193 126.09 5.32 -23.95
CA GLY B 193 124.86 5.97 -24.35
C GLY B 193 123.91 5.06 -25.09
N ARG B 194 122.61 5.31 -24.96
CA ARG B 194 121.63 4.50 -25.65
C ARG B 194 121.59 4.82 -27.14
N THR B 195 121.64 6.10 -27.50
CA THR B 195 121.53 6.53 -28.89
C THR B 195 122.85 7.18 -29.33
N ALA B 196 122.99 7.32 -30.64
CA ALA B 196 124.18 7.91 -31.21
C ALA B 196 124.31 9.37 -30.79
N PRO B 197 125.53 9.86 -30.58
CA PRO B 197 126.82 9.17 -30.70
C PRO B 197 127.25 8.53 -29.38
N LEU B 198 126.33 7.85 -28.68
CA LEU B 198 126.62 7.21 -27.40
C LEU B 198 127.19 8.21 -26.40
N GLY B 199 126.61 9.41 -26.36
CA GLY B 199 127.05 10.45 -25.46
C GLY B 199 126.10 10.58 -24.27
N ALA B 200 126.69 10.65 -23.09
CA ALA B 200 125.93 10.79 -21.85
C ALA B 200 126.77 11.57 -20.86
N VAL B 201 126.36 11.54 -19.59
CA VAL B 201 127.03 12.26 -18.52
C VAL B 201 127.78 11.24 -17.66
N LYS B 202 129.06 11.51 -17.41
CA LYS B 202 129.91 10.63 -16.62
C LYS B 202 130.32 11.36 -15.34
N VAL B 203 130.35 10.62 -14.24
CA VAL B 203 130.66 11.19 -12.93
C VAL B 203 131.48 10.20 -12.14
N VAL B 204 132.34 10.71 -11.26
CA VAL B 204 133.15 9.90 -10.36
C VAL B 204 132.69 10.25 -8.95
N ALA B 205 131.80 9.44 -8.39
CA ALA B 205 131.23 9.72 -7.08
C ALA B 205 132.25 9.44 -5.98
N ASP B 206 133.09 10.43 -5.69
CA ASP B 206 134.15 10.27 -4.71
C ASP B 206 133.63 10.45 -3.28
N GLY B 207 132.57 9.71 -2.94
CA GLY B 207 132.06 9.74 -1.59
C GLY B 207 131.33 11.01 -1.19
N THR B 208 130.92 11.84 -2.15
CA THR B 208 130.43 13.18 -1.85
C THR B 208 129.13 13.44 -2.58
N ILE B 209 128.59 14.64 -2.36
CA ILE B 209 127.44 15.13 -3.11
C ILE B 209 127.82 15.29 -4.58
N LYS B 210 126.85 15.12 -5.46
CA LYS B 210 127.05 15.33 -6.88
C LYS B 210 125.86 16.11 -7.43
N ASP B 211 126.14 17.14 -8.22
CA ASP B 211 125.12 18.04 -8.73
C ASP B 211 125.27 18.20 -10.24
N LEU B 212 124.13 18.33 -10.92
CA LEU B 212 124.14 18.55 -12.36
C LEU B 212 122.92 19.36 -12.76
N LEU B 213 123.15 20.36 -13.60
CA LEU B 213 122.11 21.28 -14.06
C LEU B 213 122.00 21.21 -15.58
N SER B 214 121.00 21.92 -16.10
CA SER B 214 120.76 21.97 -17.53
C SER B 214 121.41 23.21 -18.13
N GLY B 215 122.17 23.01 -19.21
CA GLY B 215 122.85 24.10 -19.88
C GLY B 215 121.92 25.18 -20.39
N PRO B 216 120.83 24.80 -21.06
CA PRO B 216 119.80 25.78 -21.39
C PRO B 216 119.22 26.40 -20.13
N ASP B 217 118.78 27.64 -20.26
CA ASP B 217 118.30 28.42 -19.12
C ASP B 217 116.96 27.86 -18.65
N ALA B 218 116.35 28.55 -17.68
CA ALA B 218 115.16 28.03 -17.02
C ALA B 218 114.01 27.84 -18.00
N ILE B 219 113.34 26.70 -17.89
CA ILE B 219 112.14 26.42 -18.68
C ILE B 219 110.98 27.13 -18.01
N PRO B 220 110.23 27.98 -18.73
CA PRO B 220 109.12 28.70 -18.11
C PRO B 220 107.94 27.77 -17.85
N VAL B 221 107.40 27.85 -16.64
CA VAL B 221 106.25 27.06 -16.23
C VAL B 221 105.29 27.97 -15.45
N VAL B 222 104.03 27.54 -15.37
CA VAL B 222 103.00 28.27 -14.64
C VAL B 222 102.20 27.27 -13.82
N GLU B 223 101.18 27.78 -13.13
CA GLU B 223 100.31 26.92 -12.34
C GLU B 223 99.58 25.93 -13.24
N GLY B 224 99.21 24.79 -12.66
CA GLY B 224 98.62 23.73 -13.46
C GLY B 224 99.59 23.21 -14.49
N GLN B 225 99.10 23.02 -15.71
CA GLN B 225 99.90 22.58 -16.86
C GLN B 225 100.84 21.43 -16.49
N LYS B 226 100.24 20.29 -16.16
CA LYS B 226 100.98 19.12 -15.69
C LYS B 226 102.17 18.80 -16.57
N LEU B 227 103.23 18.27 -15.95
CA LEU B 227 104.46 17.93 -16.64
C LEU B 227 104.84 16.48 -16.37
N ASN B 228 105.56 15.88 -17.30
CA ASN B 228 106.11 14.54 -17.11
C ASN B 228 107.61 14.58 -17.34
N VAL B 229 108.36 14.01 -16.39
CA VAL B 229 109.82 13.96 -16.46
C VAL B 229 110.23 12.50 -16.49
N SER B 230 110.95 12.11 -17.54
CA SER B 230 111.42 10.75 -17.71
C SER B 230 112.90 10.76 -18.05
N ALA B 231 113.62 9.73 -17.59
CA ALA B 231 115.04 9.64 -17.87
C ALA B 231 115.52 8.21 -17.63
N TRP B 232 116.44 7.76 -18.48
CA TRP B 232 117.07 6.45 -18.32
C TRP B 232 118.36 6.64 -17.54
N LEU B 233 118.41 6.06 -16.34
CA LEU B 233 119.60 6.13 -15.49
C LEU B 233 120.32 4.79 -15.51
N LYS B 234 121.64 4.85 -15.33
CA LYS B 234 122.47 3.66 -15.25
C LYS B 234 123.62 3.94 -14.30
N TYR B 235 123.96 2.95 -13.47
CA TYR B 235 125.09 3.08 -12.56
C TYR B 235 125.96 1.84 -12.64
N SER B 236 127.27 2.06 -12.67
CA SER B 236 128.25 0.98 -12.75
C SER B 236 129.35 1.20 -11.71
N GLY B 237 129.77 0.12 -11.09
CA GLY B 237 130.78 0.20 -10.04
C GLY B 237 130.37 1.04 -8.86
N LEU B 238 129.08 1.05 -8.53
CA LEU B 238 128.55 1.93 -7.50
C LEU B 238 129.08 1.50 -6.13
N VAL B 239 130.03 2.26 -5.61
CA VAL B 239 130.52 2.05 -4.24
C VAL B 239 129.63 2.79 -3.23
N ALA B 240 128.60 3.48 -3.70
CA ALA B 240 127.70 4.20 -2.80
C ALA B 240 127.09 3.26 -1.77
N GLY B 241 127.09 3.70 -0.52
CA GLY B 241 126.52 2.88 0.54
C GLY B 241 125.06 2.58 0.27
N ALA B 242 124.67 1.33 0.55
CA ALA B 242 123.30 0.89 0.32
C ALA B 242 122.40 1.58 1.35
N GLY B 243 121.76 2.66 0.94
CA GLY B 243 120.89 3.39 1.82
C GLY B 243 119.93 4.27 1.04
N ALA B 244 119.36 5.25 1.74
CA ALA B 244 118.38 6.15 1.15
C ALA B 244 119.08 7.37 0.57
N GLY B 245 118.77 7.69 -0.68
CA GLY B 245 119.37 8.84 -1.34
C GLY B 245 119.99 8.51 -2.67
N SER B 246 121.23 8.94 -2.87
CA SER B 246 121.99 8.70 -4.11
C SER B 246 121.24 9.35 -5.26
N ILE B 247 120.73 8.59 -6.23
CA ILE B 247 120.19 9.19 -7.45
C ILE B 247 118.86 9.86 -7.16
N ARG B 248 118.75 11.13 -7.56
CA ARG B 248 117.49 11.88 -7.47
C ARG B 248 117.38 12.75 -8.71
N LEU B 249 116.36 12.49 -9.52
CA LEU B 249 116.06 13.27 -10.72
C LEU B 249 114.91 14.21 -10.35
N SER B 250 115.25 15.47 -10.04
CA SER B 250 114.26 16.40 -9.52
C SER B 250 114.20 17.67 -10.35
N GLY B 251 113.51 18.68 -9.86
CA GLY B 251 113.41 19.96 -10.56
C GLY B 251 113.77 21.11 -9.65
N THR B 252 114.44 22.10 -10.24
CA THR B 252 114.74 23.36 -9.58
C THR B 252 113.71 24.37 -10.06
N ALA B 253 112.78 24.73 -9.19
CA ALA B 253 111.69 25.63 -9.53
C ALA B 253 112.02 27.02 -9.01
N TYR B 254 112.50 27.88 -9.92
CA TYR B 254 112.78 29.26 -9.58
C TYR B 254 111.50 30.08 -9.60
N SER B 255 111.38 30.99 -8.65
CA SER B 255 110.22 31.88 -8.55
C SER B 255 110.37 33.01 -9.56
N ALA B 256 109.54 34.04 -9.42
CA ALA B 256 109.58 35.16 -10.36
C ALA B 256 110.95 35.83 -10.37
N ASP B 257 111.55 36.00 -9.20
CA ASP B 257 112.89 36.56 -9.11
C ASP B 257 113.99 35.52 -9.24
N GLY B 258 113.64 34.24 -9.28
CA GLY B 258 114.63 33.20 -9.43
C GLY B 258 115.05 32.56 -8.11
N GLU B 259 114.08 32.19 -7.29
CA GLU B 259 114.34 31.60 -5.99
C GLU B 259 113.81 30.17 -5.96
N VAL B 260 114.65 29.24 -5.49
CA VAL B 260 114.23 27.85 -5.37
C VAL B 260 113.12 27.76 -4.32
N VAL B 261 112.15 26.88 -4.57
CA VAL B 261 111.02 26.69 -3.68
C VAL B 261 110.99 25.28 -3.09
N ALA B 262 111.37 24.28 -3.88
CA ALA B 262 111.30 22.89 -3.43
C ALA B 262 112.24 22.06 -4.28
N TYR B 263 112.32 20.77 -3.94
CA TYR B 263 113.12 19.79 -4.68
C TYR B 263 112.22 18.61 -5.06
N PRO B 264 111.28 18.82 -5.97
CA PRO B 264 110.34 17.74 -6.30
C PRO B 264 110.99 16.63 -7.10
N ASP B 265 111.20 15.48 -6.46
CA ASP B 265 111.82 14.33 -7.10
C ASP B 265 110.77 13.51 -7.83
N PHE B 266 111.01 13.24 -9.11
CA PHE B 266 110.09 12.47 -9.93
C PHE B 266 110.63 11.09 -10.31
N GLY B 267 111.79 10.70 -9.80
CA GLY B 267 112.35 9.41 -10.13
C GLY B 267 113.69 9.23 -9.46
N GLY B 268 114.29 8.07 -9.71
CA GLY B 268 115.57 7.71 -9.14
C GLY B 268 115.51 6.34 -8.49
N ILE B 269 116.66 5.93 -7.98
CA ILE B 269 116.79 4.62 -7.34
C ILE B 269 116.13 4.65 -5.97
N PRO B 270 115.55 3.54 -5.51
CA PRO B 270 115.01 3.49 -4.15
C PRO B 270 116.12 3.39 -3.10
N ASP B 271 115.74 3.20 -1.84
CA ASP B 271 116.71 3.08 -0.76
C ASP B 271 117.55 1.81 -0.95
N GLY B 272 118.55 1.67 -0.09
CA GLY B 272 119.52 0.60 -0.26
C GLY B 272 120.32 0.76 -1.53
N ALA B 273 120.80 1.98 -1.76
CA ALA B 273 121.42 2.36 -3.03
C ALA B 273 122.81 1.72 -3.14
N SER B 274 122.89 0.58 -3.82
CA SER B 274 124.16 -0.06 -4.13
C SER B 274 123.94 -1.06 -5.26
N GLY B 275 125.02 -1.42 -5.92
CA GLY B 275 124.99 -2.43 -6.96
C GLY B 275 125.24 -1.85 -8.34
N THR B 276 124.82 -2.61 -9.35
CA THR B 276 124.99 -2.24 -10.74
C THR B 276 123.71 -2.58 -11.50
N SER B 277 123.39 -1.76 -12.50
CA SER B 277 122.22 -1.99 -13.33
C SER B 277 122.43 -1.35 -14.69
N ASP B 278 121.60 -1.74 -15.64
CA ASP B 278 121.63 -1.20 -16.99
C ASP B 278 120.68 0.01 -17.05
N TRP B 279 120.40 0.50 -18.25
CA TRP B 279 119.48 1.61 -18.44
C TRP B 279 118.09 1.28 -17.87
N THR B 280 117.67 2.00 -16.84
CA THR B 280 116.34 1.87 -16.27
C THR B 280 115.65 3.22 -16.32
N GLN B 281 114.42 3.25 -16.80
CA GLN B 281 113.70 4.50 -16.98
C GLN B 281 112.90 4.83 -15.73
N VAL B 282 113.08 6.05 -15.23
CA VAL B 282 112.24 6.60 -14.16
C VAL B 282 111.40 7.72 -14.75
N THR B 283 110.10 7.69 -14.45
CA THR B 283 109.15 8.66 -14.97
C THR B 283 108.27 9.16 -13.83
N GLY B 284 108.03 10.45 -13.82
CA GLY B 284 107.25 11.07 -12.76
C GLY B 284 106.40 12.21 -13.27
N GLN B 285 105.31 12.47 -12.56
CA GLN B 285 104.37 13.54 -12.90
C GLN B 285 104.54 14.69 -11.93
N TYR B 286 104.51 15.91 -12.46
CA TYR B 286 104.69 17.11 -11.65
C TYR B 286 103.51 18.04 -11.87
N VAL B 287 102.95 18.53 -10.76
CA VAL B 287 101.93 19.57 -10.77
C VAL B 287 102.54 20.81 -10.15
N VAL B 288 102.58 21.90 -10.90
CA VAL B 288 103.26 23.12 -10.46
C VAL B 288 102.37 23.88 -9.48
N PRO B 289 102.85 24.16 -8.28
CA PRO B 289 102.08 25.00 -7.35
C PRO B 289 102.11 26.46 -7.78
N ALA B 290 101.29 27.25 -7.10
CA ALA B 290 101.18 28.67 -7.42
C ALA B 290 102.47 29.41 -7.08
N GLY B 291 102.65 30.56 -7.72
CA GLY B 291 103.82 31.38 -7.49
C GLY B 291 105.12 30.76 -7.97
N VAL B 292 105.09 29.98 -9.04
CA VAL B 292 106.27 29.38 -9.64
C VAL B 292 106.27 29.72 -11.12
N THR B 293 107.39 30.21 -11.63
CA THR B 293 107.46 30.68 -13.00
C THR B 293 108.56 30.04 -13.84
N GLN B 294 109.68 29.67 -13.24
CA GLN B 294 110.82 29.12 -13.98
C GLN B 294 111.12 27.70 -13.50
N PHE B 295 111.51 26.84 -14.43
CA PHE B 295 111.82 25.45 -14.09
C PHE B 295 113.11 25.03 -14.77
N ARG B 296 113.91 24.25 -14.05
CA ARG B 296 115.11 23.63 -14.59
C ARG B 296 115.17 22.18 -14.12
N LEU B 297 115.89 21.35 -14.87
CA LEU B 297 116.08 19.96 -14.50
C LEU B 297 117.28 19.83 -13.58
N ARG B 298 117.08 19.18 -12.42
CA ARG B 298 118.11 19.03 -11.41
C ARG B 298 118.48 17.56 -11.27
N LEU B 299 119.78 17.27 -11.21
CA LEU B 299 120.28 15.93 -11.00
C LEU B 299 121.13 15.94 -9.74
N SER B 300 120.74 15.16 -8.75
CA SER B 300 121.41 15.20 -7.45
C SER B 300 121.71 13.79 -6.97
N VAL B 301 122.99 13.48 -6.80
CA VAL B 301 123.42 12.26 -6.12
C VAL B 301 123.76 12.66 -4.70
N ARG B 302 122.98 12.16 -3.75
CA ARG B 302 123.04 12.62 -2.37
C ARG B 302 124.42 12.39 -1.76
N GLU B 303 124.73 13.18 -0.73
CA GLU B 303 126.07 13.19 -0.15
C GLU B 303 126.45 11.87 0.49
N ASN B 304 125.48 11.04 0.88
CA ASN B 304 125.80 9.78 1.53
C ASN B 304 126.37 8.74 0.58
N ALA B 305 126.40 9.02 -0.72
CA ALA B 305 127.01 8.11 -1.66
C ALA B 305 128.52 8.04 -1.45
N THR B 306 129.11 6.92 -1.90
CA THR B 306 130.54 6.67 -1.68
C THR B 306 131.27 6.12 -2.90
N GLY B 307 130.72 6.27 -4.09
CA GLY B 307 131.44 5.87 -5.29
C GLY B 307 130.51 5.36 -6.37
N GLY B 308 131.08 5.18 -7.55
CA GLY B 308 130.36 4.71 -8.71
C GLY B 308 130.42 5.71 -9.86
N THR B 309 129.99 5.21 -11.03
CA THR B 309 129.90 6.04 -12.23
C THR B 309 128.48 5.94 -12.77
N VAL B 310 127.82 7.07 -12.93
CA VAL B 310 126.39 7.11 -13.24
C VAL B 310 126.21 7.89 -14.53
N TRP B 311 125.40 7.34 -15.43
CA TRP B 311 125.01 7.98 -16.68
C TRP B 311 123.51 8.22 -16.69
N PHE B 312 123.10 9.28 -17.39
CA PHE B 312 121.71 9.58 -17.63
C PHE B 312 121.51 9.87 -19.12
N ASP B 313 120.39 9.44 -19.66
CA ASP B 313 120.12 9.63 -21.08
C ASP B 313 118.62 9.71 -21.32
N ASP B 314 118.27 10.09 -22.54
CA ASP B 314 116.88 10.20 -22.98
C ASP B 314 116.05 11.06 -22.03
N CYS B 315 116.66 12.16 -21.59
CA CYS B 315 115.94 13.10 -20.72
C CYS B 315 114.73 13.66 -21.47
N SER B 316 113.59 13.70 -20.79
CA SER B 316 112.36 14.20 -21.41
C SER B 316 111.54 14.87 -20.31
N VAL B 317 111.65 16.18 -20.22
CA VAL B 317 110.81 16.99 -19.36
C VAL B 317 109.82 17.69 -20.28
N LYS B 318 108.59 17.19 -20.32
CA LYS B 318 107.60 17.67 -21.27
C LYS B 318 106.39 18.22 -20.55
N LYS B 319 105.70 19.14 -21.20
CA LYS B 319 104.38 19.58 -20.78
C LYS B 319 103.34 18.72 -21.48
N ALA B 320 102.43 18.13 -20.71
CA ALA B 320 101.42 17.23 -21.24
C ALA B 320 100.04 17.70 -20.79
N GLY B 321 99.02 17.00 -21.27
CA GLY B 321 97.65 17.34 -20.94
C GLY B 321 96.92 17.98 -22.10
N LEU B 322 95.90 18.79 -21.80
CA LEU B 322 95.11 19.45 -22.82
C LEU B 322 94.88 20.90 -22.37
N LEU B 323 94.02 21.60 -23.08
CA LEU B 323 93.70 22.97 -22.73
C LEU B 323 92.98 22.99 -21.38
N PRO B 324 93.49 23.72 -20.38
CA PRO B 324 92.80 23.78 -19.09
C PRO B 324 91.39 24.33 -19.24
N GLN B 325 90.49 23.82 -18.40
CA GLN B 325 89.07 24.17 -18.51
C GLN B 325 88.85 25.66 -18.26
N GLY B 326 89.52 26.23 -17.27
CA GLY B 326 89.32 27.62 -16.93
C GLY B 326 90.11 28.59 -17.78
N LEU B 327 90.06 28.41 -19.10
CA LEU B 327 90.74 29.31 -20.02
C LEU B 327 89.83 29.99 -21.02
N VAL B 328 88.63 29.47 -21.25
CA VAL B 328 87.70 30.09 -22.19
C VAL B 328 86.81 31.05 -21.41
N ASP B 329 86.38 32.12 -22.09
CA ASP B 329 85.65 33.21 -21.44
C ASP B 329 84.30 32.70 -20.95
N GLY B 330 84.19 32.50 -19.64
CA GLY B 330 82.92 32.13 -19.04
C GLY B 330 82.38 30.78 -19.45
N LEU B 331 83.20 29.94 -20.11
CA LEU B 331 82.72 28.62 -20.51
C LEU B 331 82.44 27.76 -19.28
N VAL B 332 83.32 27.81 -18.28
CA VAL B 332 83.12 27.03 -17.06
C VAL B 332 81.82 27.44 -16.39
N GLN B 333 81.61 28.76 -16.26
CA GLN B 333 80.39 29.25 -15.61
C GLN B 333 79.15 28.84 -16.41
N ALA B 334 79.20 28.94 -17.74
CA ALA B 334 78.05 28.60 -18.56
C ALA B 334 77.72 27.11 -18.46
N LEU B 335 78.74 26.25 -18.54
CA LEU B 335 78.50 24.81 -18.45
C LEU B 335 77.97 24.44 -17.06
N SER B 336 78.55 25.02 -16.01
CA SER B 336 78.05 24.77 -14.67
C SER B 336 76.61 25.24 -14.52
N ASP B 337 76.29 26.40 -15.09
CA ASP B 337 74.93 26.92 -15.02
C ASP B 337 73.95 25.99 -15.73
N LEU B 338 74.32 25.48 -16.91
CA LEU B 338 73.42 24.58 -17.63
C LEU B 338 73.21 23.29 -16.85
N LEU B 339 74.30 22.69 -16.36
CA LEU B 339 74.17 21.44 -15.62
C LEU B 339 73.36 21.63 -14.35
N THR B 340 73.61 22.72 -13.62
CA THR B 340 72.87 22.99 -12.39
C THR B 340 71.42 23.32 -12.69
N TRP B 341 71.12 23.97 -13.81
CA TRP B 341 69.74 24.24 -14.17
C TRP B 341 68.99 22.94 -14.44
N LEU B 342 69.59 22.02 -15.19
CA LEU B 342 68.95 20.74 -15.42
C LEU B 342 68.76 19.98 -14.12
N GLU B 343 69.79 19.97 -13.27
CA GLU B 343 69.69 19.26 -11.99
C GLU B 343 68.61 19.85 -11.11
N SER B 344 68.53 21.18 -11.06
CA SER B 344 67.52 21.84 -10.24
C SER B 344 66.12 21.61 -10.78
N LEU B 345 65.97 21.59 -12.11
CA LEU B 345 64.67 21.27 -12.69
C LEU B 345 64.22 19.88 -12.28
N VAL B 346 65.11 18.90 -12.41
CA VAL B 346 64.77 17.53 -12.03
C VAL B 346 64.44 17.46 -10.55
N ASP B 347 65.26 18.10 -9.71
CA ASP B 347 65.06 18.08 -8.26
C ASP B 347 63.71 18.68 -7.90
N ASN B 348 63.41 19.85 -8.43
CA ASN B 348 62.16 20.53 -8.08
C ASN B 348 60.94 19.74 -8.59
N VAL B 349 61.02 19.20 -9.80
CA VAL B 349 59.90 18.42 -10.32
C VAL B 349 59.65 17.20 -9.44
N LEU B 350 60.71 16.48 -9.08
CA LEU B 350 60.54 15.28 -8.28
C LEU B 350 60.04 15.63 -6.88
N SER B 351 60.53 16.73 -6.30
CA SER B 351 60.04 17.16 -5.00
C SER B 351 58.56 17.51 -5.05
N ALA B 352 58.14 18.19 -6.13
CA ALA B 352 56.72 18.50 -6.28
C ALA B 352 55.90 17.23 -6.41
N LEU B 353 56.38 16.26 -7.18
CA LEU B 353 55.64 15.02 -7.35
C LEU B 353 55.74 14.10 -6.14
N GLY B 354 56.59 14.42 -5.17
CA GLY B 354 56.58 13.70 -3.91
C GLY B 354 57.86 12.97 -3.55
N LEU B 355 58.50 12.35 -4.53
CA LEU B 355 59.72 11.58 -4.26
C LEU B 355 60.88 12.51 -3.91
N ASP B 356 61.73 12.03 -3.00
CA ASP B 356 62.93 12.77 -2.62
C ASP B 356 64.09 12.31 -3.48
N PRO B 357 64.66 13.18 -4.33
CA PRO B 357 65.74 12.75 -5.23
C PRO B 357 67.09 12.76 -4.54
N ILE B 358 67.67 11.58 -4.39
CA ILE B 358 69.03 11.41 -3.87
C ILE B 358 69.80 10.49 -4.80
N GLY B 359 70.96 10.95 -5.26
CA GLY B 359 71.77 10.16 -6.16
C GLY B 359 72.21 10.91 -7.40
N THR B 360 72.44 10.19 -8.48
CA THR B 360 72.88 10.80 -9.73
C THR B 360 71.69 11.33 -10.52
N ILE B 361 72.00 12.14 -11.53
CA ILE B 361 70.94 12.67 -12.40
C ILE B 361 70.24 11.54 -13.13
N VAL B 362 70.98 10.50 -13.51
CA VAL B 362 70.38 9.35 -14.18
C VAL B 362 69.38 8.66 -13.26
N ASP B 363 69.77 8.44 -12.00
CA ASP B 363 68.87 7.81 -11.05
C ASP B 363 67.65 8.68 -10.78
N LYS B 364 67.85 10.00 -10.69
CA LYS B 364 66.72 10.89 -10.49
C LYS B 364 65.77 10.86 -11.68
N ILE B 365 66.31 10.78 -12.89
CA ILE B 365 65.48 10.69 -14.08
C ILE B 365 64.70 9.39 -14.09
N LEU B 366 65.33 8.29 -13.70
CA LEU B 366 64.62 7.01 -13.63
C LEU B 366 63.50 7.07 -12.61
N ASP B 367 63.75 7.68 -11.45
CA ASP B 367 62.71 7.84 -10.44
C ASP B 367 61.58 8.71 -10.97
N LEU B 368 61.91 9.76 -11.72
CA LEU B 368 60.88 10.61 -12.30
C LEU B 368 60.04 9.83 -13.29
N ALA B 369 60.66 8.98 -14.10
CA ALA B 369 59.90 8.15 -15.03
C ALA B 369 58.97 7.20 -14.29
N ASP B 370 59.46 6.59 -13.21
CA ASP B 370 58.61 5.71 -12.42
C ASP B 370 57.44 6.47 -11.81
N GLU B 371 57.70 7.68 -11.33
CA GLU B 371 56.63 8.50 -10.75
C GLU B 371 55.59 8.86 -11.80
N PHE B 372 56.04 9.20 -13.01
CA PHE B 372 55.07 9.48 -14.08
C PHE B 372 54.29 8.23 -14.46
N GLY B 373 54.92 7.06 -14.42
CA GLY B 373 54.17 5.83 -14.66
C GLY B 373 53.09 5.61 -13.62
N ASP B 374 53.42 5.85 -12.35
CA ASP B 374 52.42 5.75 -11.29
C ASP B 374 51.31 6.79 -11.49
N TRP B 375 51.68 7.98 -11.95
CA TRP B 375 50.70 9.01 -12.26
C TRP B 375 49.72 8.53 -13.32
N LEU B 376 50.26 7.94 -14.39
CA LEU B 376 49.41 7.40 -15.46
C LEU B 376 48.49 6.32 -14.93
N GLY B 377 49.04 5.41 -14.12
CA GLY B 377 48.21 4.37 -13.53
C GLY B 377 47.07 4.96 -12.69
N ALA B 378 47.40 5.96 -11.88
CA ALA B 378 46.38 6.57 -11.02
C ALA B 378 45.29 7.23 -11.83
N THR B 379 45.67 8.04 -12.83
CA THR B 379 44.65 8.76 -13.59
C THR B 379 43.79 7.80 -14.41
N GLU B 380 44.40 6.78 -15.01
CA GLU B 380 43.62 5.83 -15.80
C GLU B 380 42.69 5.00 -14.90
N ASP B 381 43.17 4.61 -13.72
CA ASP B 381 42.32 3.88 -12.79
C ASP B 381 41.15 4.74 -12.32
N THR B 382 41.40 6.02 -12.06
CA THR B 382 40.31 6.91 -11.64
C THR B 382 39.29 7.07 -12.75
N ALA B 383 39.74 7.28 -13.99
CA ALA B 383 38.81 7.42 -15.11
C ALA B 383 38.00 6.14 -15.31
N ALA B 384 38.67 4.98 -15.25
CA ALA B 384 37.97 3.71 -15.41
C ALA B 384 36.96 3.50 -14.29
N ASN B 385 37.33 3.84 -13.06
CA ASN B 385 36.39 3.70 -11.94
C ASN B 385 35.18 4.60 -12.13
N LEU B 386 35.39 5.84 -12.57
CA LEU B 386 34.27 6.74 -12.78
C LEU B 386 33.35 6.22 -13.88
N SER B 387 33.93 5.75 -14.99
CA SER B 387 33.11 5.23 -16.07
C SER B 387 32.35 3.99 -15.65
N ASN B 388 33.01 3.09 -14.91
CA ASN B 388 32.35 1.87 -14.47
C ASN B 388 31.23 2.18 -13.48
N LEU B 389 31.47 3.11 -12.56
CA LEU B 389 30.44 3.51 -11.62
C LEU B 389 29.24 4.12 -12.34
N LEU B 390 29.49 4.98 -13.33
CA LEU B 390 28.39 5.56 -14.09
C LEU B 390 27.59 4.49 -14.81
N THR B 391 28.28 3.56 -15.48
CA THR B 391 27.59 2.52 -16.23
C THR B 391 26.78 1.61 -15.31
N LYS B 392 27.37 1.21 -14.17
CA LYS B 392 26.65 0.34 -13.24
C LYS B 392 25.47 1.06 -12.62
N LEU B 393 25.64 2.33 -12.25
CA LEU B 393 24.54 3.08 -11.65
C LEU B 393 23.42 3.30 -12.66
N LEU B 394 23.75 3.38 -13.95
CA LEU B 394 22.70 3.47 -14.97
C LEU B 394 21.99 2.14 -15.15
N SER B 395 22.76 1.05 -15.27
CA SER B 395 22.17 -0.25 -15.63
C SER B 395 21.59 -0.97 -14.43
N ASP B 396 22.43 -1.35 -13.48
CA ASP B 396 22.03 -2.12 -12.30
C ASP B 396 22.40 -1.34 -11.04
N PRO B 397 21.47 -0.64 -10.42
CA PRO B 397 21.77 0.14 -9.20
C PRO B 397 21.71 -0.65 -7.90
N ALA B 398 21.42 -1.96 -7.95
CA ALA B 398 21.24 -2.72 -6.73
C ALA B 398 22.55 -2.87 -5.97
N SER B 399 23.63 -3.23 -6.67
CA SER B 399 24.90 -3.50 -5.99
C SER B 399 25.55 -2.22 -5.49
N VAL B 400 25.55 -1.17 -6.32
CA VAL B 400 26.25 0.05 -5.97
C VAL B 400 25.54 0.78 -4.83
N ILE B 401 24.22 0.87 -4.89
CA ILE B 401 23.43 1.62 -3.92
C ILE B 401 22.99 0.69 -2.80
N GLY B 402 23.26 1.09 -1.55
CA GLY B 402 22.86 0.31 -0.41
C GLY B 402 21.40 0.53 -0.06
N PRO B 403 20.95 -0.17 0.98
CA PRO B 403 19.57 0.00 1.43
C PRO B 403 19.29 1.42 1.89
N LEU B 404 18.07 1.88 1.68
CA LEU B 404 17.68 3.25 1.95
C LEU B 404 16.32 3.30 2.65
N ALA B 405 16.14 4.34 3.46
CA ALA B 405 14.91 4.49 4.23
C ALA B 405 13.75 4.93 3.35
N GLN B 406 12.56 4.40 3.68
CA GLN B 406 11.35 4.74 2.94
C GLN B 406 11.11 6.24 2.91
N SER B 407 11.49 6.94 3.98
CA SER B 407 11.28 8.38 4.05
C SER B 407 12.01 9.13 2.95
N MET B 408 13.01 8.52 2.32
CA MET B 408 13.68 9.19 1.22
C MET B 408 12.75 9.33 0.02
N ILE B 409 11.87 8.37 -0.21
CA ILE B 409 10.96 8.41 -1.35
C ILE B 409 9.87 9.44 -1.09
N THR B 410 9.55 10.24 -2.10
CA THR B 410 8.59 11.31 -1.94
C THR B 410 7.17 10.75 -1.91
N GLY B 411 6.49 10.93 -0.78
CA GLY B 411 5.11 10.53 -0.64
C GLY B 411 4.88 9.06 -0.35
N LEU B 412 5.94 8.25 -0.28
CA LEU B 412 5.77 6.83 0.01
C LEU B 412 5.21 6.63 1.41
N THR B 413 5.78 7.33 2.39
CA THR B 413 5.28 7.22 3.76
C THR B 413 3.87 7.76 3.88
N GLY B 414 3.57 8.85 3.17
CA GLY B 414 2.22 9.39 3.18
C GLY B 414 1.20 8.42 2.61
N ALA B 415 1.54 7.78 1.49
CA ALA B 415 0.64 6.82 0.88
C ALA B 415 0.44 5.60 1.78
N LEU B 416 1.52 5.07 2.36
CA LEU B 416 1.36 3.93 3.25
C LEU B 416 0.54 4.29 4.48
N GLY B 417 0.74 5.49 5.02
CA GLY B 417 -0.06 5.93 6.14
C GLY B 417 -1.53 6.07 5.77
N ASN B 418 -1.81 6.59 4.57
CA ASN B 418 -3.19 6.72 4.13
C ASN B 418 -3.85 5.35 4.00
N LEU B 419 -3.16 4.39 3.38
CA LEU B 419 -3.76 3.05 3.26
C LEU B 419 -3.94 2.39 4.62
N ASN B 420 -2.95 2.51 5.51
CA ASN B 420 -3.08 1.90 6.82
C ASN B 420 -4.23 2.52 7.61
N THR B 421 -4.37 3.84 7.55
CA THR B 421 -5.47 4.50 8.23
C THR B 421 -6.82 4.11 7.61
N ALA B 422 -6.85 3.92 6.29
CA ALA B 422 -8.09 3.46 5.65
C ALA B 422 -8.47 2.07 6.15
N ILE B 423 -7.49 1.17 6.24
CA ILE B 423 -7.76 -0.18 6.74
C ILE B 423 -8.22 -0.13 8.18
N ASN B 424 -7.56 0.68 9.01
CA ASN B 424 -7.94 0.79 10.41
C ASN B 424 -9.35 1.37 10.56
N GLN B 425 -9.69 2.37 9.75
CA GLN B 425 -11.03 2.94 9.80
C GLN B 425 -12.07 1.92 9.34
N ILE B 426 -11.75 1.13 8.32
CA ILE B 426 -12.66 0.08 7.88
C ILE B 426 -12.89 -0.92 9.01
N GLY B 427 -11.83 -1.30 9.71
CA GLY B 427 -11.99 -2.20 10.84
C GLY B 427 -12.80 -1.59 11.96
N ASP B 428 -12.60 -0.30 12.24
CA ASP B 428 -13.23 0.33 13.38
C ASP B 428 -14.71 0.60 13.14
N VAL B 429 -15.09 1.03 11.93
CA VAL B 429 -16.47 1.44 11.69
C VAL B 429 -17.42 0.27 11.88
N LEU B 430 -17.00 -0.94 11.49
CA LEU B 430 -17.89 -2.09 11.59
C LEU B 430 -18.23 -2.45 13.02
N VAL B 431 -17.48 -1.94 14.00
CA VAL B 431 -17.80 -2.17 15.41
C VAL B 431 -18.21 -0.89 16.11
N GLY B 432 -18.07 0.28 15.49
CA GLY B 432 -18.48 1.52 16.11
C GLY B 432 -17.40 2.58 16.06
N THR B 433 -17.31 3.39 17.12
CA THR B 433 -16.27 4.42 17.25
C THR B 433 -16.26 5.32 16.02
N VAL B 434 -17.36 6.07 15.87
CA VAL B 434 -17.57 6.92 14.71
C VAL B 434 -16.33 7.77 14.46
N VAL B 435 -15.84 7.74 13.23
CA VAL B 435 -14.59 8.39 12.86
C VAL B 435 -14.79 9.14 11.56
N THR B 436 -13.96 10.16 11.34
CA THR B 436 -14.04 10.94 10.11
C THR B 436 -13.59 10.08 8.93
N PRO B 437 -14.41 9.91 7.91
CA PRO B 437 -14.00 9.10 6.76
C PRO B 437 -12.87 9.75 5.99
N ILE B 438 -12.06 8.91 5.33
CA ILE B 438 -10.93 9.40 4.56
C ILE B 438 -11.38 9.87 3.19
N ASN B 439 -12.13 9.04 2.47
CA ASN B 439 -12.48 9.34 1.09
C ASN B 439 -13.85 8.72 0.78
N SER B 440 -14.16 8.64 -0.52
CA SER B 440 -15.48 8.20 -0.94
C SER B 440 -15.77 6.76 -0.52
N ALA B 441 -14.76 5.89 -0.58
CA ALA B 441 -14.97 4.49 -0.19
C ALA B 441 -15.34 4.39 1.29
N ILE B 442 -14.64 5.12 2.14
CA ILE B 442 -14.95 5.08 3.57
C ILE B 442 -16.31 5.71 3.84
N SER B 443 -16.65 6.78 3.12
CA SER B 443 -17.97 7.38 3.28
C SER B 443 -19.08 6.40 2.88
N ASN B 444 -18.88 5.67 1.79
CA ASN B 444 -19.86 4.68 1.36
C ASN B 444 -19.97 3.55 2.39
N VAL B 445 -18.84 3.13 2.96
CA VAL B 445 -18.89 2.12 4.01
C VAL B 445 -19.67 2.63 5.22
N ILE B 446 -19.46 3.89 5.59
CA ILE B 446 -20.21 4.49 6.69
C ILE B 446 -21.70 4.46 6.39
N ASP B 447 -22.08 4.86 5.19
CA ASP B 447 -23.50 4.88 4.82
C ASP B 447 -24.09 3.48 4.85
N TRP B 448 -23.37 2.50 4.32
CA TRP B 448 -23.88 1.13 4.32
C TRP B 448 -24.02 0.58 5.73
N PHE B 449 -23.05 0.89 6.61
CA PHE B 449 -23.16 0.43 7.99
C PHE B 449 -24.34 1.07 8.69
N ASN B 450 -24.59 2.36 8.44
CA ASN B 450 -25.75 3.00 9.04
C ASN B 450 -27.04 2.37 8.53
N SER B 451 -27.10 2.07 7.23
CA SER B 451 -28.28 1.41 6.69
C SER B 451 -28.49 0.04 7.31
N LEU B 452 -27.40 -0.72 7.49
CA LEU B 452 -27.50 -2.03 8.10
C LEU B 452 -27.96 -1.93 9.55
N LEU B 453 -27.47 -0.93 10.29
CA LEU B 453 -27.92 -0.75 11.67
C LEU B 453 -29.41 -0.39 11.71
N ASN B 454 -29.86 0.47 10.80
CA ASN B 454 -31.28 0.80 10.73
C ASN B 454 -32.11 -0.44 10.46
N PHE B 455 -31.69 -1.26 9.50
CA PHE B 455 -32.39 -2.50 9.20
C PHE B 455 -32.39 -3.43 10.41
N GLN B 456 -31.27 -3.50 11.11
CA GLN B 456 -31.15 -4.34 12.30
C GLN B 456 -32.17 -3.95 13.36
N ASP B 457 -32.21 -2.66 13.71
CA ASP B 457 -33.12 -2.23 14.76
C ASP B 457 -34.58 -2.39 14.32
N THR B 458 -34.88 -2.07 13.06
CA THR B 458 -36.25 -2.24 12.58
C THR B 458 -36.68 -3.69 12.63
N THR B 459 -35.80 -4.61 12.22
CA THR B 459 -36.15 -6.02 12.24
C THR B 459 -36.34 -6.54 13.66
N THR B 460 -35.48 -6.12 14.59
CA THR B 460 -35.64 -6.55 15.97
C THR B 460 -36.95 -6.03 16.56
N SER B 461 -37.26 -4.76 16.31
CA SER B 461 -38.51 -4.20 16.81
C SER B 461 -39.71 -4.90 16.20
N ASN B 462 -39.65 -5.21 14.90
CA ASN B 462 -40.75 -5.90 14.26
C ASN B 462 -40.92 -7.30 14.83
N GLN B 463 -39.82 -8.00 15.09
CA GLN B 463 -39.90 -9.33 15.68
C GLN B 463 -40.57 -9.28 17.05
N ILE B 464 -40.13 -8.34 17.88
CA ILE B 464 -40.70 -8.22 19.22
C ILE B 464 -42.19 -7.89 19.13
N ASN B 465 -42.55 -6.95 18.25
CA ASN B 465 -43.95 -6.55 18.11
C ASN B 465 -44.80 -7.71 17.62
N GLN B 466 -44.31 -8.46 16.63
CA GLN B 466 -45.08 -9.58 16.09
C GLN B 466 -45.31 -10.65 17.13
N GLN B 467 -44.25 -11.00 17.88
CA GLN B 467 -44.39 -12.03 18.90
C GLN B 467 -45.35 -11.59 19.99
N ASN B 468 -45.24 -10.34 20.44
CA ASN B 468 -46.13 -9.84 21.48
C ASN B 468 -47.57 -9.78 20.98
N PHE B 469 -47.77 -9.38 19.72
CA PHE B 469 -49.11 -9.34 19.15
C PHE B 469 -49.72 -10.73 19.10
N GLN B 470 -48.95 -11.72 18.68
CA GLN B 470 -49.45 -13.09 18.63
C GLN B 470 -49.80 -13.60 20.01
N ILE B 471 -48.93 -13.32 20.99
CA ILE B 471 -49.21 -13.75 22.36
C ILE B 471 -50.48 -13.10 22.89
N ALA B 472 -50.65 -11.80 22.63
CA ALA B 472 -51.85 -11.11 23.08
C ALA B 472 -53.10 -11.68 22.42
N THR B 473 -53.03 -11.95 21.12
CA THR B 473 -54.18 -12.52 20.42
C THR B 473 -54.54 -13.89 20.98
N LEU B 474 -53.53 -14.72 21.26
CA LEU B 474 -53.79 -16.02 21.87
C LEU B 474 -54.41 -15.87 23.25
N ALA B 475 -53.91 -14.92 24.05
CA ALA B 475 -54.43 -14.73 25.40
C ALA B 475 -55.89 -14.28 25.37
N SER B 476 -56.21 -13.32 24.50
CA SER B 476 -57.58 -12.83 24.39
C SER B 476 -58.33 -13.65 23.34
N GLY B 477 -59.51 -13.17 22.94
CA GLY B 477 -60.26 -13.84 21.89
C GLY B 477 -61.71 -14.05 22.22
N ILE B 478 -62.24 -15.21 21.83
CA ILE B 478 -63.66 -15.51 22.01
C ILE B 478 -63.97 -15.66 23.50
N LYS B 479 -65.09 -15.09 23.91
CA LYS B 479 -65.60 -15.23 25.27
C LYS B 479 -67.04 -15.72 25.22
N LYS B 480 -67.44 -16.47 26.23
CA LYS B 480 -68.80 -16.99 26.28
C LYS B 480 -69.80 -15.85 26.46
N GLN B 481 -70.92 -15.94 25.75
CA GLN B 481 -71.93 -14.90 25.81
C GLN B 481 -72.64 -14.94 27.16
N GLN B 482 -73.58 -13.99 27.34
CA GLN B 482 -74.26 -13.86 28.63
C GLN B 482 -75.15 -15.06 28.90
N TRP B 483 -75.86 -15.57 27.89
CA TRP B 483 -76.82 -16.65 28.12
C TRP B 483 -76.14 -18.00 28.30
N GLU B 484 -75.03 -18.24 27.62
CA GLU B 484 -74.35 -19.53 27.76
C GLU B 484 -73.87 -19.75 29.19
N CYS B 485 -73.26 -18.71 29.78
CA CYS B 485 -72.83 -18.80 31.17
C CYS B 485 -72.71 -17.40 31.74
N ARG B 486 -72.70 -17.31 33.07
CA ARG B 486 -72.61 -16.02 33.73
C ARG B 486 -71.21 -15.41 33.55
N TYR B 487 -70.17 -16.20 33.77
CA TYR B 487 -68.82 -15.68 33.68
C TYR B 487 -68.36 -15.59 32.24
N SER B 488 -67.35 -14.75 32.01
CA SER B 488 -66.87 -14.51 30.65
C SER B 488 -66.31 -15.78 30.02
N THR B 489 -65.52 -16.54 30.79
CA THR B 489 -64.92 -17.78 30.31
C THR B 489 -65.34 -18.91 31.23
N ALA B 490 -66.06 -19.89 30.67
CA ALA B 490 -66.54 -21.03 31.45
C ALA B 490 -67.03 -22.09 30.48
N PHE B 491 -67.42 -23.23 31.04
CA PHE B 491 -67.95 -24.35 30.28
C PHE B 491 -69.10 -24.95 31.08
N VAL B 492 -70.24 -25.13 30.44
CA VAL B 492 -71.44 -25.62 31.11
C VAL B 492 -72.01 -26.78 30.31
N THR B 493 -72.57 -27.75 31.02
CA THR B 493 -73.13 -28.93 30.36
C THR B 493 -74.31 -28.57 29.47
N PHE B 494 -75.06 -27.52 29.81
CA PHE B 494 -76.05 -26.95 28.92
C PHE B 494 -76.30 -25.51 29.36
N PRO B 495 -76.70 -24.63 28.45
CA PRO B 495 -76.62 -23.19 28.73
C PRO B 495 -77.38 -22.78 29.99
N GLU B 496 -76.81 -21.82 30.70
CA GLU B 496 -77.40 -21.32 31.94
C GLU B 496 -78.74 -20.63 31.69
N MET B 497 -79.04 -20.28 30.45
CA MET B 497 -80.31 -19.61 30.16
C MET B 497 -81.49 -20.52 30.46
N PHE B 498 -81.33 -21.83 30.23
CA PHE B 498 -82.37 -22.77 30.64
C PHE B 498 -82.55 -22.78 32.14
N CYS B 499 -81.43 -22.78 32.88
CA CYS B 499 -81.50 -22.84 34.33
C CYS B 499 -82.10 -21.56 34.92
N ASP B 500 -81.95 -20.45 34.21
CA ASP B 500 -82.45 -19.17 34.71
C ASP B 500 -83.86 -18.84 34.24
N TRP B 501 -84.27 -19.37 33.08
CA TRP B 501 -85.56 -19.00 32.50
C TRP B 501 -86.40 -20.22 32.19
N GLY B 502 -87.50 -20.01 31.46
CA GLY B 502 -88.38 -21.09 31.06
C GLY B 502 -89.12 -20.74 29.80
N PHE B 503 -89.93 -21.68 29.33
CA PHE B 503 -90.72 -21.52 28.12
C PHE B 503 -92.20 -21.53 28.46
N ALA B 504 -92.96 -20.67 27.79
CA ALA B 504 -94.41 -20.69 27.92
C ALA B 504 -94.99 -21.84 27.09
N LEU B 505 -96.12 -22.35 27.55
CA LEU B 505 -96.79 -23.44 26.84
C LEU B 505 -97.85 -22.89 25.90
N GLY B 506 -98.21 -23.70 24.90
CA GLY B 506 -99.22 -23.32 23.93
C GLY B 506 -99.73 -24.53 23.19
N GLY B 507 -100.93 -24.40 22.65
CA GLY B 507 -101.54 -25.49 21.92
C GLY B 507 -102.72 -26.11 22.63
N THR B 508 -102.87 -27.42 22.52
CA THR B 508 -104.00 -28.12 23.10
C THR B 508 -103.59 -29.56 23.41
N THR B 509 -104.06 -30.06 24.56
CA THR B 509 -103.76 -31.42 24.98
C THR B 509 -104.61 -32.42 24.18
N GLY B 510 -104.53 -33.69 24.54
CA GLY B 510 -105.26 -34.73 23.84
C GLY B 510 -106.38 -35.33 24.66
N ALA B 511 -106.61 -36.63 24.47
CA ALA B 511 -107.70 -37.31 25.15
C ALA B 511 -107.42 -37.45 26.64
N GLN B 512 -108.49 -37.64 27.40
CA GLN B 512 -108.42 -37.77 28.85
C GLN B 512 -108.39 -39.25 29.25
N SER B 513 -108.02 -39.48 30.51
CA SER B 513 -108.00 -40.85 31.03
C SER B 513 -109.41 -41.40 31.19
N THR B 514 -110.31 -40.62 31.78
CA THR B 514 -111.68 -41.05 31.98
C THR B 514 -112.57 -39.83 32.09
N GLY B 515 -113.87 -40.05 31.88
CA GLY B 515 -114.84 -38.98 31.93
C GLY B 515 -115.21 -38.45 30.56
N THR B 516 -115.85 -37.29 30.57
CA THR B 516 -116.27 -36.65 29.33
C THR B 516 -115.05 -36.31 28.47
N ALA B 517 -115.13 -36.65 27.18
CA ALA B 517 -114.02 -36.39 26.27
C ALA B 517 -113.88 -34.89 26.03
N HIS B 518 -112.72 -34.35 26.41
CA HIS B 518 -112.46 -32.92 26.25
C HIS B 518 -110.95 -32.71 26.17
N THR B 519 -110.56 -31.56 25.64
CA THR B 519 -109.16 -31.19 25.49
C THR B 519 -108.98 -29.77 26.00
N HIS B 520 -108.15 -29.61 27.03
CA HIS B 520 -107.91 -28.29 27.59
C HIS B 520 -107.00 -27.48 26.69
N THR B 521 -107.11 -26.16 26.79
CA THR B 521 -106.34 -25.24 25.97
C THR B 521 -105.15 -24.72 26.76
N LEU B 522 -103.96 -24.87 26.20
CA LEU B 522 -102.75 -24.39 26.86
C LEU B 522 -102.67 -22.87 26.81
N ASN B 523 -101.93 -22.30 27.74
CA ASN B 523 -101.74 -20.86 27.81
C ASN B 523 -100.38 -20.59 28.44
N THR B 524 -100.13 -19.32 28.77
CA THR B 524 -98.86 -18.92 29.36
C THR B 524 -98.69 -19.44 30.79
N ASP B 525 -99.76 -19.96 31.40
CA ASP B 525 -99.65 -20.49 32.76
C ASP B 525 -98.85 -21.77 32.82
N GLY B 526 -98.62 -22.43 31.69
CA GLY B 526 -97.82 -23.64 31.67
C GLY B 526 -96.36 -23.32 31.40
N LEU B 527 -95.49 -23.82 32.27
CA LEU B 527 -94.06 -23.53 32.23
C LEU B 527 -93.27 -24.77 31.90
N ALA B 528 -92.31 -24.64 30.99
CA ALA B 528 -91.38 -25.71 30.65
C ALA B 528 -89.98 -25.26 31.04
N ALA B 529 -89.37 -25.99 31.97
CA ALA B 529 -88.04 -25.65 32.46
C ALA B 529 -87.41 -26.90 33.06
N LEU B 530 -86.30 -26.71 33.78
CA LEU B 530 -85.62 -27.83 34.41
C LEU B 530 -86.44 -28.33 35.60
N GLN B 531 -86.20 -29.59 35.97
CA GLN B 531 -86.84 -30.18 37.12
C GLN B 531 -85.87 -30.24 38.29
N ILE B 532 -86.40 -30.53 39.47
CA ILE B 532 -85.61 -30.64 40.69
C ILE B 532 -85.74 -32.06 41.21
N GLN B 533 -84.61 -32.70 41.50
CA GLN B 533 -84.61 -34.08 41.97
C GLN B 533 -83.97 -34.14 43.36
N ILE B 534 -84.64 -34.83 44.28
CA ILE B 534 -84.10 -34.99 45.62
C ILE B 534 -83.11 -36.15 45.62
N LEU B 535 -82.26 -36.17 46.65
CA LEU B 535 -81.17 -37.12 46.66
C LEU B 535 -80.68 -37.37 48.09
N PRO B 536 -80.64 -38.61 48.54
CA PRO B 536 -80.23 -38.91 49.91
C PRO B 536 -78.71 -39.02 50.02
N ALA B 537 -78.23 -39.21 51.24
CA ALA B 537 -76.81 -39.31 51.49
C ALA B 537 -76.22 -40.55 50.82
N GLY B 538 -74.98 -40.41 50.35
CA GLY B 538 -74.29 -41.51 49.71
C GLY B 538 -74.56 -41.66 48.23
N TYR B 539 -75.37 -40.80 47.63
CA TYR B 539 -75.67 -40.85 46.20
C TYR B 539 -74.90 -39.73 45.50
N ALA B 540 -74.14 -40.09 44.48
CA ALA B 540 -73.32 -39.14 43.73
C ALA B 540 -73.85 -39.00 42.32
N ILE B 541 -73.91 -37.76 41.84
CA ILE B 541 -74.41 -37.47 40.49
C ILE B 541 -73.46 -36.52 39.78
N GLY B 542 -73.22 -36.76 38.50
CA GLY B 542 -72.33 -35.92 37.73
C GLY B 542 -72.68 -35.93 36.26
N GLY B 543 -72.25 -34.87 35.58
CA GLY B 543 -72.47 -34.74 34.16
C GLY B 543 -71.20 -34.36 33.44
N TYR B 544 -71.08 -34.83 32.20
CA TYR B 544 -69.91 -34.53 31.39
C TYR B 544 -69.93 -33.07 30.95
N ILE B 545 -68.75 -32.47 30.89
CA ILE B 545 -68.60 -31.08 30.49
C ILE B 545 -67.65 -31.03 29.30
N GLY B 546 -68.06 -30.33 28.25
CA GLY B 546 -67.19 -30.13 27.10
C GLY B 546 -66.33 -28.89 27.26
N ILE B 547 -65.12 -28.96 26.69
CA ILE B 547 -64.17 -27.86 26.73
C ILE B 547 -64.08 -27.27 25.33
N SER B 548 -64.41 -25.99 25.20
CA SER B 548 -64.38 -25.32 23.91
C SER B 548 -63.01 -24.72 23.62
N ASP B 549 -62.48 -23.92 24.54
CA ASP B 549 -61.15 -23.35 24.41
C ASP B 549 -60.35 -23.65 25.66
N THR B 550 -59.09 -24.02 25.48
CA THR B 550 -58.24 -24.36 26.60
C THR B 550 -57.94 -23.13 27.46
N THR B 551 -57.90 -23.33 28.76
CA THR B 551 -57.61 -22.28 29.73
C THR B 551 -57.35 -22.96 31.07
N ILE B 552 -57.26 -22.16 32.13
CA ILE B 552 -57.07 -22.65 33.48
C ILE B 552 -58.39 -22.51 34.24
N VAL B 553 -58.78 -23.56 34.95
CA VAL B 553 -60.01 -23.57 35.71
C VAL B 553 -59.69 -23.17 37.14
N ASP B 554 -60.64 -22.48 37.78
CA ASP B 554 -60.46 -22.03 39.15
C ASP B 554 -61.66 -22.28 40.06
N THR B 555 -62.86 -22.42 39.51
CA THR B 555 -64.04 -22.63 40.34
C THR B 555 -65.06 -23.44 39.58
N ILE B 556 -65.98 -24.06 40.32
CA ILE B 556 -67.05 -24.86 39.76
C ILE B 556 -68.37 -24.47 40.43
N ALA B 557 -69.44 -24.57 39.65
CA ALA B 557 -70.74 -24.07 40.04
C ALA B 557 -71.80 -25.14 39.83
N MET B 558 -72.79 -25.17 40.71
CA MET B 558 -73.80 -26.21 40.71
C MET B 558 -75.09 -25.56 41.21
N LYS B 559 -76.24 -26.16 40.88
CA LYS B 559 -77.51 -25.67 41.40
C LYS B 559 -78.12 -26.73 42.32
N MET B 560 -78.02 -26.49 43.63
CA MET B 560 -78.51 -27.42 44.62
C MET B 560 -78.99 -26.64 45.83
N TYR B 561 -79.82 -27.30 46.64
CA TYR B 561 -80.28 -26.72 47.90
C TYR B 561 -80.66 -27.85 48.85
N LYS B 562 -80.46 -27.60 50.14
CA LYS B 562 -80.88 -28.56 51.15
C LYS B 562 -82.39 -28.52 51.31
N GLU B 563 -82.99 -29.69 51.55
CA GLU B 563 -84.45 -29.77 51.69
C GLU B 563 -84.90 -29.10 52.99
N THR B 564 -84.42 -29.61 54.11
CA THR B 564 -84.77 -29.06 55.42
C THR B 564 -83.63 -28.18 55.93
N SER B 565 -83.98 -27.31 56.88
CA SER B 565 -83.04 -26.36 57.44
C SER B 565 -82.09 -26.97 58.48
N SER B 566 -82.05 -28.30 58.57
CA SER B 566 -81.17 -28.95 59.54
C SER B 566 -79.71 -28.80 59.11
N ALA B 567 -78.82 -29.06 60.07
CA ALA B 567 -77.39 -28.96 59.81
C ALA B 567 -76.95 -30.00 58.78
N ILE B 568 -76.01 -29.61 57.93
CA ILE B 568 -75.49 -30.49 56.88
C ILE B 568 -73.97 -30.41 56.89
N ASN B 569 -73.34 -31.46 56.36
CA ASN B 569 -71.90 -31.54 56.24
C ASN B 569 -71.58 -32.58 55.16
N ASN B 570 -70.29 -32.72 54.87
CA ASN B 570 -69.79 -33.74 53.94
C ASN B 570 -70.48 -33.63 52.58
N VAL B 571 -70.69 -32.41 52.13
CA VAL B 571 -71.24 -32.14 50.81
C VAL B 571 -70.05 -31.71 49.93
N TYR B 572 -69.72 -32.55 48.95
CA TYR B 572 -68.49 -32.39 48.18
C TYR B 572 -68.80 -32.21 46.70
N LEU B 573 -68.10 -31.27 46.09
CA LEU B 573 -68.09 -31.09 44.65
C LEU B 573 -66.69 -31.41 44.13
N GLU B 574 -66.63 -32.32 43.15
CA GLU B 574 -65.35 -32.81 42.64
C GLU B 574 -65.32 -32.68 41.13
N VAL B 575 -64.12 -32.60 40.58
CA VAL B 575 -63.91 -32.52 39.13
C VAL B 575 -63.08 -33.72 38.70
N PHE B 576 -63.54 -34.39 37.65
CA PHE B 576 -62.89 -35.58 37.13
C PHE B 576 -62.56 -35.38 35.66
N ARG B 577 -61.30 -35.61 35.30
CA ARG B 577 -60.88 -35.60 33.91
C ARG B 577 -61.09 -36.99 33.32
N GLU B 578 -61.59 -37.02 32.08
CA GLU B 578 -61.74 -38.29 31.36
C GLU B 578 -60.52 -38.52 30.49
N ASP B 579 -59.90 -39.69 30.65
CA ASP B 579 -58.69 -40.01 29.89
C ASP B 579 -59.08 -40.52 28.50
N SER B 580 -58.09 -41.01 27.75
CA SER B 580 -58.37 -41.59 26.45
C SER B 580 -59.23 -42.84 26.57
N THR B 581 -58.96 -43.67 27.58
CA THR B 581 -59.71 -44.89 27.78
C THR B 581 -61.11 -44.67 28.35
N GLY B 582 -61.44 -43.44 28.74
CA GLY B 582 -62.72 -43.15 29.34
C GLY B 582 -62.73 -43.19 30.85
N ALA B 583 -61.64 -43.59 31.49
CA ALA B 583 -61.57 -43.59 32.94
C ALA B 583 -61.55 -42.16 33.48
N LEU B 584 -62.08 -42.01 34.69
CA LEU B 584 -62.18 -40.70 35.34
C LEU B 584 -61.13 -40.60 36.44
N THR B 585 -60.40 -39.49 36.44
CA THR B 585 -59.39 -39.21 37.47
C THR B 585 -59.74 -37.92 38.17
N SER B 586 -59.77 -37.95 39.50
CA SER B 586 -60.07 -36.76 40.28
C SER B 586 -58.89 -35.80 40.25
N VAL B 587 -59.18 -34.52 40.01
CA VAL B 587 -58.14 -33.50 39.93
C VAL B 587 -58.49 -32.32 40.81
N GLY B 588 -59.56 -32.45 41.59
CA GLY B 588 -59.95 -31.38 42.48
C GLY B 588 -61.23 -31.64 43.26
N SER B 589 -61.23 -31.27 44.55
CA SER B 589 -62.37 -31.47 45.42
C SER B 589 -62.59 -30.23 46.26
N VAL B 590 -63.83 -30.02 46.67
CA VAL B 590 -64.17 -28.86 47.50
C VAL B 590 -65.40 -29.20 48.33
N ASP B 591 -65.45 -28.64 49.54
CA ASP B 591 -66.56 -28.82 50.46
C ASP B 591 -67.47 -27.60 50.38
N VAL B 592 -68.75 -27.83 50.04
CA VAL B 592 -69.69 -26.74 49.84
C VAL B 592 -70.89 -26.85 50.79
N SER B 593 -70.75 -27.65 51.85
CA SER B 593 -71.86 -27.81 52.78
C SER B 593 -72.12 -26.53 53.56
N GLY B 594 -71.08 -25.77 53.87
CA GLY B 594 -71.24 -24.59 54.70
C GLY B 594 -72.05 -23.50 54.03
N GLN B 595 -71.83 -23.28 52.74
CA GLN B 595 -72.45 -22.17 52.03
C GLN B 595 -73.77 -22.55 51.36
N LEU B 596 -74.26 -23.77 51.56
CA LEU B 596 -75.53 -24.17 50.99
C LEU B 596 -76.69 -23.42 51.65
N THR B 597 -77.75 -23.21 50.88
CA THR B 597 -78.92 -22.49 51.34
C THR B 597 -80.17 -23.28 50.98
N THR B 598 -81.21 -23.15 51.83
CA THR B 598 -82.46 -23.87 51.57
C THR B 598 -83.09 -23.43 50.26
N ALA B 599 -83.03 -22.14 49.95
CA ALA B 599 -83.52 -21.66 48.67
C ALA B 599 -82.63 -22.16 47.54
N SER B 600 -83.26 -22.41 46.39
CA SER B 600 -82.54 -22.92 45.23
C SER B 600 -81.69 -21.79 44.65
N ASP B 601 -80.39 -21.82 44.99
CA ASP B 601 -79.46 -20.78 44.55
C ASP B 601 -78.18 -21.43 44.06
N TYR B 602 -77.46 -20.71 43.21
CA TYR B 602 -76.21 -21.21 42.67
C TYR B 602 -75.15 -21.32 43.75
N VAL B 603 -74.37 -22.40 43.70
CA VAL B 603 -73.27 -22.62 44.62
C VAL B 603 -71.99 -22.64 43.80
N GLU B 604 -71.10 -21.69 44.08
CA GLU B 604 -69.83 -21.55 43.39
C GLU B 604 -68.70 -21.77 44.38
N ALA B 605 -67.78 -22.69 44.05
CA ALA B 605 -66.71 -23.08 44.94
C ALA B 605 -65.37 -23.05 44.23
N THR B 606 -64.37 -22.53 44.93
CA THR B 606 -63.02 -22.40 44.38
C THR B 606 -62.24 -23.69 44.60
N LEU B 607 -61.53 -24.13 43.57
CA LEU B 607 -60.71 -25.33 43.67
C LEU B 607 -59.50 -25.06 44.55
N PRO B 608 -58.92 -26.10 45.16
CA PRO B 608 -57.69 -25.91 45.92
C PRO B 608 -56.54 -25.37 45.08
N ALA B 609 -56.48 -25.75 43.80
CA ALA B 609 -55.45 -25.23 42.90
C ALA B 609 -55.99 -25.28 41.49
N GLY B 610 -55.38 -24.48 40.61
CA GLY B 610 -55.80 -24.46 39.23
C GLY B 610 -55.52 -25.78 38.53
N VAL B 611 -56.41 -26.16 37.63
CA VAL B 611 -56.28 -27.38 36.84
C VAL B 611 -56.39 -27.02 35.37
N ILE B 612 -55.30 -27.22 34.62
CA ILE B 612 -55.30 -26.85 33.22
C ILE B 612 -56.20 -27.79 32.43
N VAL B 613 -56.97 -27.22 31.50
CA VAL B 613 -57.87 -27.99 30.65
C VAL B 613 -57.56 -27.64 29.21
N ASN B 614 -57.90 -28.57 28.31
CA ASN B 614 -57.65 -28.40 26.89
C ASN B 614 -58.89 -28.78 26.09
N ALA B 615 -59.05 -28.14 24.94
CA ALA B 615 -60.18 -28.41 24.07
C ALA B 615 -60.13 -29.84 23.55
N GLY B 616 -61.28 -30.51 23.55
CA GLY B 616 -61.41 -31.87 23.11
C GLY B 616 -61.54 -32.88 24.23
N GLU B 617 -61.06 -32.57 25.42
CA GLU B 617 -61.21 -33.46 26.57
C GLU B 617 -62.54 -33.20 27.26
N ARG B 618 -62.91 -34.12 28.16
CA ARG B 618 -64.17 -34.05 28.86
C ARG B 618 -63.94 -34.10 30.36
N TYR B 619 -64.79 -33.38 31.09
CA TYR B 619 -64.70 -33.30 32.54
C TYR B 619 -66.08 -33.53 33.14
N VAL B 620 -66.09 -34.07 34.34
CA VAL B 620 -67.31 -34.40 35.07
C VAL B 620 -67.29 -33.69 36.40
N VAL B 621 -68.39 -33.01 36.72
CA VAL B 621 -68.55 -32.34 38.01
C VAL B 621 -69.47 -33.20 38.86
N ARG B 622 -68.89 -33.86 39.85
CA ARG B 622 -69.59 -34.83 40.69
C ARG B 622 -70.00 -34.19 42.00
N MET B 623 -71.28 -34.32 42.34
CA MET B 623 -71.81 -33.96 43.64
C MET B 623 -71.95 -35.25 44.45
N ARG B 624 -71.31 -35.29 45.62
CA ARG B 624 -71.16 -36.53 46.37
C ARG B 624 -72.24 -36.71 47.43
N ASN B 625 -72.38 -35.76 48.35
CA ASN B 625 -73.39 -35.80 49.41
C ASN B 625 -73.23 -37.04 50.29
N ALA B 626 -72.11 -37.08 51.00
CA ALA B 626 -71.83 -38.17 51.94
C ALA B 626 -72.08 -37.73 53.38
N THR B 627 -73.15 -36.97 53.60
CA THR B 627 -73.41 -36.32 54.88
C THR B 627 -73.61 -37.35 55.99
N THR B 628 -73.57 -36.83 57.22
CA THR B 628 -73.77 -37.64 58.43
C THR B 628 -75.11 -37.40 59.11
N VAL B 629 -75.61 -36.17 59.08
CA VAL B 629 -76.90 -35.88 59.70
C VAL B 629 -78.01 -36.64 59.01
N GLY B 630 -78.01 -36.63 57.67
CA GLY B 630 -78.98 -37.36 56.89
C GLY B 630 -79.93 -36.51 56.08
N ASN B 631 -79.79 -35.18 56.11
CA ASN B 631 -80.66 -34.33 55.32
C ASN B 631 -80.35 -34.49 53.84
N ARG B 632 -81.41 -34.60 53.04
CA ARG B 632 -81.27 -34.81 51.61
C ARG B 632 -80.92 -33.50 50.91
N VAL B 633 -80.46 -33.63 49.66
CA VAL B 633 -80.08 -32.49 48.83
C VAL B 633 -80.86 -32.57 47.53
N GLY B 634 -81.47 -31.45 47.14
CA GLY B 634 -82.14 -31.35 45.86
C GLY B 634 -81.24 -30.66 44.84
N VAL B 635 -81.17 -31.25 43.67
CA VAL B 635 -80.30 -30.79 42.59
C VAL B 635 -81.16 -30.47 41.37
N SER B 636 -80.89 -29.34 40.72
CA SER B 636 -81.62 -28.98 39.51
C SER B 636 -81.04 -29.77 38.34
N VAL B 637 -81.87 -30.62 37.74
CA VAL B 637 -81.47 -31.43 36.61
C VAL B 637 -82.42 -31.17 35.46
N MET B 638 -82.10 -31.75 34.30
CA MET B 638 -82.95 -31.65 33.13
C MET B 638 -83.14 -33.05 32.57
N LYS B 639 -84.40 -33.42 32.33
CA LYS B 639 -84.73 -34.81 32.03
C LYS B 639 -84.11 -35.24 30.71
N GLU B 640 -83.64 -36.49 30.69
CA GLU B 640 -83.08 -37.10 29.48
C GLU B 640 -84.11 -38.01 28.83
N LEU B 641 -84.06 -38.09 27.51
CA LEU B 641 -84.97 -38.92 26.74
C LEU B 641 -84.25 -40.16 26.25
N VAL B 642 -84.95 -41.30 26.30
CA VAL B 642 -84.34 -42.56 25.88
C VAL B 642 -84.06 -42.54 24.38
N GLY B 643 -83.19 -43.46 23.95
CA GLY B 643 -82.79 -43.54 22.57
C GLY B 643 -81.61 -42.69 22.17
N GLY B 644 -81.07 -41.89 23.09
CA GLY B 644 -79.95 -41.03 22.81
C GLY B 644 -78.69 -41.44 23.55
N ARG B 645 -77.66 -40.62 23.38
CA ARG B 645 -76.38 -40.87 24.03
C ARG B 645 -76.49 -40.69 25.54
N GLU B 646 -75.79 -41.55 26.27
CA GLU B 646 -75.76 -41.49 27.73
C GLU B 646 -74.44 -40.86 28.16
N LEU B 647 -74.52 -39.72 28.85
CA LEU B 647 -73.34 -38.99 29.25
C LEU B 647 -73.45 -38.40 30.65
N SER B 648 -74.27 -38.98 31.52
CA SER B 648 -74.34 -38.59 32.91
C SER B 648 -74.10 -39.82 33.77
N ILE B 649 -73.44 -39.61 34.92
CA ILE B 649 -73.09 -40.70 35.82
C ILE B 649 -73.86 -40.53 37.12
N ARG B 650 -74.28 -41.65 37.70
CA ARG B 650 -75.03 -41.65 38.95
C ARG B 650 -74.69 -42.92 39.71
N THR B 651 -74.17 -42.77 40.91
CA THR B 651 -73.79 -43.89 41.76
C THR B 651 -74.58 -43.84 43.06
N GLU B 652 -74.93 -45.01 43.58
CA GLU B 652 -75.77 -45.12 44.77
C GLU B 652 -75.02 -45.59 46.01
N THR B 653 -74.15 -46.59 45.87
CA THR B 653 -73.47 -47.14 47.05
C THR B 653 -72.47 -46.13 47.61
N ALA B 654 -72.28 -46.20 48.93
CA ALA B 654 -71.37 -45.28 49.60
C ALA B 654 -69.94 -45.44 49.11
N THR B 655 -69.52 -46.69 48.86
CA THR B 655 -68.18 -46.92 48.33
C THR B 655 -68.02 -46.28 46.95
N ASP B 656 -69.03 -46.42 46.08
CA ASP B 656 -68.96 -45.79 44.77
C ASP B 656 -68.92 -44.27 44.89
N SER B 657 -69.69 -43.71 45.82
CA SER B 657 -69.67 -42.27 46.02
C SER B 657 -68.30 -41.80 46.51
N ASN B 658 -67.66 -42.57 47.37
CA ASN B 658 -66.36 -42.23 47.91
C ASN B 658 -65.21 -42.63 46.98
N LYS B 659 -65.50 -43.27 45.85
CA LYS B 659 -64.45 -43.62 44.91
C LYS B 659 -63.73 -42.37 44.39
N THR B 660 -62.43 -42.50 44.17
CA THR B 660 -61.60 -41.40 43.70
C THR B 660 -61.04 -41.63 42.30
N PHE B 661 -60.80 -42.88 41.91
CA PHE B 661 -60.29 -43.21 40.58
C PHE B 661 -61.20 -44.27 39.98
N TYR B 662 -62.14 -43.84 39.15
CA TYR B 662 -63.07 -44.76 38.51
C TYR B 662 -62.38 -45.56 37.41
N THR B 663 -63.00 -46.69 37.06
CA THR B 663 -62.57 -47.54 35.96
C THR B 663 -63.59 -47.47 34.82
N PRO B 664 -63.19 -47.80 33.60
CA PRO B 664 -64.14 -47.72 32.48
C PRO B 664 -65.40 -48.56 32.68
N SER B 665 -65.26 -49.75 33.27
CA SER B 665 -66.44 -50.59 33.48
C SER B 665 -67.42 -49.93 34.45
N GLU B 666 -66.92 -49.40 35.56
CA GLU B 666 -67.78 -48.71 36.50
C GLU B 666 -68.39 -47.46 35.89
N VAL B 667 -67.63 -46.76 35.05
CA VAL B 667 -68.16 -45.58 34.37
C VAL B 667 -69.31 -45.98 33.45
N LEU B 668 -69.16 -47.06 32.70
CA LEU B 668 -70.23 -47.52 31.83
C LEU B 668 -71.46 -47.93 32.63
N THR B 669 -71.25 -48.63 33.76
CA THR B 669 -72.38 -49.03 34.58
C THR B 669 -73.12 -47.82 35.14
N ALA B 670 -72.37 -46.81 35.61
CA ALA B 670 -73.00 -45.60 36.13
C ALA B 670 -73.76 -44.86 35.03
N GLN B 671 -73.18 -44.80 33.82
CA GLN B 671 -73.87 -44.16 32.71
C GLN B 671 -75.17 -44.87 32.38
N GLY B 672 -75.15 -46.21 32.38
CA GLY B 672 -76.36 -46.95 32.13
C GLY B 672 -77.40 -46.76 33.21
N VAL B 673 -76.96 -46.68 34.47
CA VAL B 673 -77.89 -46.53 35.59
C VAL B 673 -78.53 -45.15 35.59
N SER B 674 -77.77 -44.11 35.25
CA SER B 674 -78.23 -42.74 35.40
C SER B 674 -79.47 -42.49 34.54
N VAL B 675 -80.38 -41.67 35.08
CA VAL B 675 -81.64 -41.36 34.41
C VAL B 675 -81.81 -39.84 34.35
N ILE B 676 -80.95 -39.11 35.03
CA ILE B 676 -81.00 -37.66 35.08
C ILE B 676 -79.67 -37.08 34.63
N MET B 677 -79.69 -35.80 34.28
CA MET B 677 -78.50 -35.09 33.83
C MET B 677 -78.42 -33.77 34.58
N PRO B 678 -77.38 -33.51 35.35
CA PRO B 678 -77.32 -32.31 36.17
C PRO B 678 -76.71 -31.12 35.43
N TRP B 679 -76.90 -29.94 36.01
CA TRP B 679 -76.36 -28.69 35.49
C TRP B 679 -75.09 -28.35 36.25
N ALA B 680 -73.96 -28.28 35.55
CA ALA B 680 -72.67 -28.05 36.18
C ALA B 680 -71.88 -27.06 35.36
N MET B 681 -71.05 -26.26 36.05
CA MET B 681 -70.26 -25.22 35.41
C MET B 681 -68.82 -25.28 35.90
N MET B 682 -67.87 -25.11 34.98
CA MET B 682 -66.46 -24.96 35.31
C MET B 682 -65.99 -23.63 34.74
N ALA B 683 -65.56 -22.72 35.60
CA ALA B 683 -65.36 -21.33 35.21
C ALA B 683 -63.88 -20.96 35.24
N ALA B 684 -63.61 -19.73 34.84
CA ALA B 684 -62.28 -19.12 34.84
C ALA B 684 -62.34 -17.74 35.49
N LYS B 685 -62.94 -17.68 36.68
CA LYS B 685 -63.25 -16.43 37.37
C LYS B 685 -62.11 -15.41 37.33
N ASN B 686 -60.96 -15.77 37.90
CA ASN B 686 -59.80 -14.88 37.91
C ASN B 686 -58.67 -15.49 37.08
N LEU B 687 -57.97 -14.64 36.34
CA LEU B 687 -56.91 -15.07 35.44
C LEU B 687 -55.93 -13.92 35.25
N ALA B 688 -54.65 -14.26 35.11
CA ALA B 688 -53.62 -13.26 34.89
C ALA B 688 -53.87 -12.53 33.57
N THR B 689 -54.14 -11.23 33.65
CA THR B 689 -54.46 -10.44 32.46
C THR B 689 -53.18 -10.13 31.70
N THR B 690 -53.01 -10.77 30.54
CA THR B 690 -51.85 -10.49 29.71
C THR B 690 -51.99 -9.13 29.05
N ASP B 691 -50.92 -8.33 29.11
CA ASP B 691 -50.93 -7.01 28.48
C ASP B 691 -51.02 -7.16 26.97
N GLN B 692 -52.13 -6.74 26.39
CA GLN B 692 -52.32 -6.86 24.96
C GLN B 692 -51.42 -5.89 24.21
N SER B 693 -50.97 -6.32 23.03
CA SER B 693 -50.20 -5.49 22.12
C SER B 693 -50.67 -5.74 20.70
N PHE B 694 -50.79 -4.67 19.92
CA PHE B 694 -51.29 -4.76 18.56
C PHE B 694 -50.36 -4.00 17.63
N SER B 695 -50.28 -4.47 16.39
CA SER B 695 -49.45 -3.83 15.38
C SER B 695 -50.13 -3.97 14.03
N ASP B 696 -49.81 -3.04 13.13
CA ASP B 696 -50.36 -3.05 11.78
C ASP B 696 -49.39 -2.34 10.85
N ASP B 697 -48.99 -3.03 9.79
CA ASP B 697 -48.07 -2.48 8.81
C ASP B 697 -48.77 -1.62 7.76
N PHE B 698 -50.09 -1.63 7.72
CA PHE B 698 -50.87 -0.85 6.75
C PHE B 698 -50.43 -1.17 5.32
N ASN B 699 -50.27 -2.46 5.03
CA ASN B 699 -49.72 -2.88 3.75
C ASN B 699 -50.72 -3.75 2.99
N ARG B 700 -51.97 -3.32 2.92
CA ARG B 700 -53.00 -4.12 2.27
C ARG B 700 -53.87 -3.27 1.35
N SER B 701 -54.97 -3.84 0.85
CA SER B 701 -55.78 -3.15 -0.15
C SER B 701 -56.64 -2.05 0.48
N ALA B 702 -57.45 -2.41 1.47
CA ALA B 702 -58.36 -1.48 2.13
C ALA B 702 -58.05 -1.41 3.62
N MET B 703 -58.59 -0.38 4.27
CA MET B 703 -58.34 -0.20 5.70
C MET B 703 -58.86 -1.38 6.51
N GLY B 704 -60.04 -1.88 6.16
CA GLY B 704 -60.58 -3.07 6.79
C GLY B 704 -61.42 -2.77 8.01
N GLY B 705 -61.98 -3.83 8.57
CA GLY B 705 -62.85 -3.75 9.72
C GLY B 705 -62.16 -3.66 11.06
N LEU B 706 -60.83 -3.63 11.08
CA LEU B 706 -60.10 -3.49 12.33
C LEU B 706 -59.92 -2.05 12.76
N TRP B 707 -60.46 -1.09 12.00
CA TRP B 707 -60.30 0.32 12.29
C TRP B 707 -61.65 1.01 12.21
N PHE B 708 -62.12 1.53 13.34
CA PHE B 708 -63.29 2.40 13.34
C PHE B 708 -62.90 3.76 12.79
N LEU B 709 -63.55 4.18 11.71
CA LEU B 709 -63.17 5.39 10.99
C LEU B 709 -64.20 6.48 11.25
N LYS B 710 -63.71 7.67 11.61
CA LYS B 710 -64.58 8.82 11.81
C LYS B 710 -63.88 10.07 11.28
N SER B 711 -64.57 10.83 10.44
CA SER B 711 -63.98 11.99 9.81
C SER B 711 -64.97 13.13 9.80
N ASP B 712 -64.44 14.34 9.62
CA ASP B 712 -65.31 15.50 9.45
C ASP B 712 -65.64 15.77 7.99
N THR B 713 -65.10 14.98 7.06
CA THR B 713 -65.41 15.16 5.65
C THR B 713 -66.84 14.75 5.34
N GLY B 714 -67.26 13.59 5.85
CA GLY B 714 -68.62 13.12 5.65
C GLY B 714 -68.70 11.80 4.89
N THR B 715 -67.91 11.67 3.84
CA THR B 715 -67.92 10.47 3.00
C THR B 715 -66.57 9.76 2.95
N ASN B 716 -65.48 10.50 2.97
CA ASN B 716 -64.15 9.91 2.87
C ASN B 716 -63.55 9.67 4.24
N GLN B 717 -62.77 8.60 4.34
CA GLN B 717 -62.10 8.25 5.60
C GLN B 717 -60.63 7.98 5.36
N VAL B 718 -59.93 7.48 6.38
CA VAL B 718 -58.52 7.14 6.22
C VAL B 718 -58.40 6.00 5.21
N GLY B 719 -57.62 6.21 4.18
CA GLY B 719 -57.45 5.22 3.12
C GLY B 719 -56.00 4.77 3.01
N VAL B 720 -55.81 3.49 2.79
CA VAL B 720 -54.47 2.93 2.62
C VAL B 720 -54.12 2.92 1.13
N SER B 721 -52.97 3.49 0.79
CA SER B 721 -52.48 3.53 -0.57
C SER B 721 -50.97 3.36 -0.55
N GLY B 722 -50.46 2.59 -1.52
CA GLY B 722 -49.03 2.36 -1.60
C GLY B 722 -48.42 1.75 -0.35
N GLY B 723 -49.22 1.03 0.43
CA GLY B 723 -48.74 0.48 1.67
C GLY B 723 -48.62 1.47 2.81
N ARG B 724 -49.35 2.57 2.76
CA ARG B 724 -49.32 3.56 3.84
C ARG B 724 -50.70 4.18 4.01
N ALA B 725 -51.08 4.41 5.26
CA ALA B 725 -52.34 5.10 5.53
C ALA B 725 -52.19 6.58 5.21
N ALA B 726 -53.28 7.18 4.71
CA ALA B 726 -53.25 8.57 4.29
C ALA B 726 -54.67 9.09 4.20
N PHE B 727 -54.78 10.36 3.86
CA PHE B 727 -56.07 11.05 3.71
C PHE B 727 -56.64 10.75 2.34
N SER B 728 -57.93 10.43 2.30
CA SER B 728 -58.62 10.15 1.05
C SER B 728 -59.48 11.34 0.64
N GLY B 729 -59.41 11.70 -0.63
CA GLY B 729 -60.19 12.81 -1.16
C GLY B 729 -59.46 14.13 -1.07
N LEU B 730 -60.01 15.12 -1.77
CA LEU B 730 -59.44 16.46 -1.83
C LEU B 730 -60.09 17.41 -0.84
N THR B 731 -61.01 16.93 -0.02
CA THR B 731 -61.69 17.81 0.93
C THR B 731 -60.77 18.26 2.04
N ASP B 732 -61.16 19.35 2.70
CA ASP B 732 -60.40 19.93 3.81
C ASP B 732 -61.03 19.48 5.12
N GLY B 733 -60.24 18.85 5.98
CA GLY B 733 -60.78 18.39 7.25
C GLY B 733 -59.84 17.44 7.95
N ASN B 734 -60.43 16.59 8.79
CA ASN B 734 -59.70 15.66 9.64
C ASN B 734 -60.30 14.27 9.54
N GLN B 735 -59.42 13.27 9.65
CA GLN B 735 -59.80 11.87 9.63
C GLN B 735 -59.12 11.16 10.80
N ASN B 736 -59.86 10.27 11.45
CA ASN B 736 -59.36 9.53 12.60
C ASN B 736 -59.71 8.05 12.45
N ALA B 737 -58.77 7.19 12.81
CA ALA B 737 -58.98 5.75 12.85
C ALA B 737 -58.66 5.26 14.25
N LEU B 738 -59.49 4.35 14.76
CA LEU B 738 -59.33 3.83 16.11
C LEU B 738 -59.28 2.31 16.08
N TYR B 739 -58.38 1.74 16.85
CA TYR B 739 -58.29 0.28 16.95
C TYR B 739 -59.47 -0.25 17.74
N ILE B 740 -60.11 -1.29 17.20
CA ILE B 740 -61.27 -1.86 17.86
C ILE B 740 -60.88 -2.49 19.19
N ARG B 741 -59.79 -3.24 19.20
CA ARG B 741 -59.38 -3.94 20.42
C ARG B 741 -58.62 -3.00 21.34
N PRO B 742 -59.04 -2.85 22.58
CA PRO B 742 -58.36 -1.95 23.52
C PRO B 742 -57.15 -2.63 24.15
N THR B 743 -56.46 -1.87 25.00
CA THR B 743 -55.31 -2.37 25.72
C THR B 743 -55.75 -2.95 27.06
N ALA B 744 -54.79 -3.37 27.88
CA ALA B 744 -55.13 -3.97 29.17
C ALA B 744 -55.41 -2.90 30.23
N GLY B 745 -54.41 -2.07 30.52
CA GLY B 745 -54.56 -1.07 31.55
C GLY B 745 -54.31 0.35 31.05
N ASP B 746 -54.06 1.27 31.98
CA ASP B 746 -53.82 2.66 31.61
C ASP B 746 -52.41 2.87 31.05
N LYS B 747 -51.50 1.94 31.28
CA LYS B 747 -50.13 2.06 30.78
C LYS B 747 -50.14 1.85 29.27
N GLN B 748 -49.92 2.94 28.51
CA GLN B 748 -50.01 2.91 27.06
C GLN B 748 -48.69 3.35 26.45
N TRP B 749 -48.33 2.71 25.34
CA TRP B 749 -47.16 3.07 24.55
C TRP B 749 -47.54 2.88 23.09
N VAL B 750 -47.61 3.97 22.34
CA VAL B 750 -47.98 3.91 20.93
C VAL B 750 -46.81 4.42 20.12
N GLU B 751 -46.67 3.90 18.91
CA GLU B 751 -45.52 4.26 18.08
C GLU B 751 -45.86 4.06 16.61
N ALA B 752 -45.36 4.98 15.78
CA ALA B 752 -45.55 4.87 14.34
C ALA B 752 -44.51 5.75 13.67
N THR B 753 -44.15 5.41 12.45
CA THR B 753 -43.20 6.20 11.68
C THR B 753 -43.95 7.12 10.72
N LEU B 754 -43.53 8.37 10.67
CA LEU B 754 -44.17 9.37 9.83
C LEU B 754 -43.42 9.49 8.51
N TYR B 755 -44.15 9.36 7.41
CA TYR B 755 -43.56 9.38 6.07
C TYR B 755 -44.15 10.51 5.26
N GLU B 756 -43.32 11.12 4.40
CA GLU B 756 -43.74 12.19 3.50
C GLU B 756 -44.31 13.39 4.25
N THR B 757 -43.83 13.62 5.46
CA THR B 757 -44.24 14.80 6.23
C THR B 757 -43.30 15.99 6.04
N GLY B 758 -42.17 15.79 5.37
CA GLY B 758 -41.25 16.87 5.09
C GLY B 758 -41.59 17.71 3.90
N ILE B 759 -42.65 17.37 3.18
CA ILE B 759 -43.11 18.12 2.03
C ILE B 759 -44.43 18.83 2.30
N ALA B 760 -44.86 18.89 3.56
CA ALA B 760 -46.10 19.56 3.91
C ALA B 760 -45.97 21.06 3.67
N ALA B 761 -47.11 21.69 3.37
CA ALA B 761 -47.12 23.12 3.04
C ALA B 761 -47.32 23.98 4.28
N SER B 762 -48.44 23.80 4.97
CA SER B 762 -48.76 24.67 6.11
C SER B 762 -49.85 24.00 6.94
N GLY B 763 -49.57 23.80 8.23
CA GLY B 763 -50.60 23.34 9.15
C GLY B 763 -50.98 21.88 9.04
N ALA B 764 -50.22 21.08 8.29
CA ALA B 764 -50.53 19.66 8.14
C ALA B 764 -50.31 18.95 9.46
N ARG B 765 -51.41 18.60 10.15
CA ARG B 765 -51.35 17.98 11.45
C ARG B 765 -51.68 16.49 11.32
N GLU B 766 -50.72 15.64 11.69
CA GLU B 766 -50.91 14.21 11.64
C GLU B 766 -50.17 13.58 12.81
N GLY B 767 -50.58 12.37 13.17
CA GLY B 767 -49.88 11.68 14.24
C GLY B 767 -50.74 10.60 14.85
N LEU B 768 -50.49 10.35 16.14
CA LEU B 768 -51.00 9.18 16.83
C LEU B 768 -51.96 9.60 17.93
N LEU B 769 -52.89 8.70 18.25
CA LEU B 769 -53.93 8.95 19.24
C LEU B 769 -53.86 7.86 20.30
N MET B 770 -53.95 8.27 21.57
CA MET B 770 -53.92 7.32 22.67
C MET B 770 -54.78 7.86 23.79
N HIS B 771 -55.21 6.96 24.67
CA HIS B 771 -56.19 7.27 25.71
C HIS B 771 -57.47 7.83 25.10
N ALA B 772 -57.85 7.30 23.94
CA ALA B 772 -59.02 7.77 23.22
C ALA B 772 -60.27 7.05 23.70
N ASN B 773 -61.34 7.81 23.88
CA ASN B 773 -62.61 7.20 24.24
C ASN B 773 -63.20 6.47 23.04
N ARG B 774 -63.98 5.43 23.33
CA ARG B 774 -64.62 4.66 22.26
C ARG B 774 -65.54 5.54 21.41
N ASP B 775 -66.13 6.57 22.02
CA ASP B 775 -66.95 7.54 21.31
C ASP B 775 -66.18 8.80 20.94
N LEU B 776 -64.87 8.82 21.16
CA LEU B 776 -64.01 9.96 20.87
C LEU B 776 -64.41 11.19 21.67
N SER B 777 -65.00 10.97 22.87
CA SER B 777 -65.40 12.10 23.69
C SER B 777 -64.20 12.91 24.17
N GLN B 778 -63.13 12.23 24.59
CA GLN B 778 -61.91 12.90 24.98
C GLN B 778 -60.72 12.05 24.55
N VAL B 779 -59.74 12.68 23.90
CA VAL B 779 -58.57 11.99 23.38
C VAL B 779 -57.33 12.79 23.69
N VAL B 780 -56.19 12.11 23.62
CA VAL B 780 -54.87 12.73 23.66
C VAL B 780 -54.22 12.47 22.31
N TYR B 781 -53.68 13.53 21.71
CA TYR B 781 -53.24 13.49 20.33
C TYR B 781 -51.85 14.08 20.20
N LEU B 782 -51.02 13.46 19.38
CA LEU B 782 -49.68 13.98 19.05
C LEU B 782 -49.72 14.45 17.61
N GLY B 783 -49.59 15.76 17.40
CA GLY B 783 -49.61 16.31 16.06
C GLY B 783 -48.26 16.85 15.63
N VAL B 784 -47.68 16.27 14.58
CA VAL B 784 -46.35 16.63 14.12
C VAL B 784 -46.45 17.15 12.70
N ASN B 785 -46.14 18.43 12.51
CA ASN B 785 -46.08 19.01 11.18
C ASN B 785 -44.64 19.03 10.70
N LEU B 786 -44.39 19.71 9.58
CA LEU B 786 -43.02 19.84 9.08
C LEU B 786 -42.14 20.67 10.00
N ASN B 787 -42.74 21.45 10.90
CA ASN B 787 -42.00 22.40 11.72
C ASN B 787 -42.00 22.05 13.20
N THR B 788 -43.15 21.74 13.78
CA THR B 788 -43.29 21.58 15.21
C THR B 788 -44.03 20.28 15.53
N ALA B 789 -44.09 19.99 16.84
CA ALA B 789 -44.83 18.85 17.35
C ALA B 789 -45.54 19.28 18.62
N LYS B 790 -46.85 19.02 18.68
CA LYS B 790 -47.68 19.48 19.79
C LYS B 790 -48.51 18.35 20.33
N ILE B 791 -49.03 18.56 21.54
CA ILE B 791 -49.92 17.61 22.21
C ILE B 791 -51.27 18.29 22.39
N TYR B 792 -52.34 17.58 22.03
CA TYR B 792 -53.69 18.09 22.10
C TYR B 792 -54.54 17.19 22.97
N THR B 793 -55.55 17.77 23.61
CA THR B 793 -56.47 17.04 24.45
C THR B 793 -57.90 17.45 24.15
N GLY B 794 -58.83 16.52 24.36
CA GLY B 794 -60.23 16.82 24.30
C GLY B 794 -60.96 16.09 23.18
N PRO B 795 -62.20 16.51 22.90
CA PRO B 795 -62.96 15.91 21.82
C PRO B 795 -62.39 16.26 20.45
N TRP B 796 -62.67 15.40 19.49
CA TRP B 796 -62.12 15.57 18.14
C TRP B 796 -62.70 16.79 17.43
N ASN B 797 -63.87 17.28 17.87
CA ASN B 797 -64.42 18.48 17.27
C ASN B 797 -63.55 19.71 17.56
N SER B 798 -63.03 19.81 18.78
CA SER B 798 -62.18 20.94 19.15
C SER B 798 -61.11 20.45 20.12
N LEU B 799 -59.85 20.62 19.75
CA LEU B 799 -58.72 20.19 20.56
C LEU B 799 -58.10 21.38 21.27
N THR B 800 -57.49 21.12 22.43
CA THR B 800 -56.80 22.14 23.20
C THR B 800 -55.34 21.76 23.33
N GLU B 801 -54.45 22.70 23.03
CA GLU B 801 -53.02 22.45 23.11
C GLU B 801 -52.56 22.43 24.56
N ARG B 802 -51.76 21.43 24.91
CA ARG B 802 -51.17 21.31 26.24
C ARG B 802 -49.68 21.61 26.24
N ALA B 803 -48.94 21.12 25.26
CA ALA B 803 -47.52 21.37 25.18
C ALA B 803 -47.10 21.37 23.72
N SER B 804 -45.95 21.99 23.45
CA SER B 804 -45.45 22.10 22.09
C SER B 804 -43.92 22.13 22.11
N VAL B 805 -43.34 21.79 20.97
CA VAL B 805 -41.89 21.79 20.81
C VAL B 805 -41.58 22.03 19.34
N SER B 806 -40.42 22.63 19.08
CA SER B 806 -39.98 22.95 17.73
C SER B 806 -38.82 22.03 17.35
N THR B 807 -39.05 21.19 16.35
CA THR B 807 -38.04 20.22 15.90
C THR B 807 -37.78 20.37 14.41
N THR B 808 -37.03 19.42 13.83
CA THR B 808 -36.77 19.43 12.40
C THR B 808 -36.56 17.99 11.94
N GLY B 809 -36.74 17.78 10.63
CA GLY B 809 -36.60 16.46 10.05
C GLY B 809 -37.60 15.47 10.60
N ASN B 810 -38.87 15.89 10.66
CA ASN B 810 -39.92 15.10 11.30
C ASN B 810 -40.45 14.05 10.32
N ASP B 811 -39.58 13.11 9.97
CA ASP B 811 -39.93 11.96 9.14
C ASP B 811 -39.35 10.69 9.73
N VAL B 812 -39.52 10.53 11.04
CA VAL B 812 -38.89 9.46 11.79
C VAL B 812 -39.94 8.61 12.50
N LEU B 813 -39.47 7.65 13.30
CA LEU B 813 -40.35 6.75 14.05
C LEU B 813 -40.68 7.42 15.38
N TRP B 814 -41.82 8.10 15.44
CA TRP B 814 -42.24 8.78 16.66
C TRP B 814 -42.96 7.81 17.59
N GLN B 815 -42.56 7.81 18.86
CA GLN B 815 -43.24 7.05 19.89
C GLN B 815 -43.73 8.00 20.97
N MET B 816 -44.73 7.56 21.73
CA MET B 816 -45.11 8.28 22.93
C MET B 816 -45.74 7.31 23.90
N TYR B 817 -45.45 7.52 25.18
CA TYR B 817 -45.93 6.61 26.23
C TYR B 817 -46.41 7.42 27.43
N PHE B 818 -47.33 6.82 28.16
CA PHE B 818 -47.88 7.42 29.37
C PHE B 818 -47.41 6.63 30.58
N ASP B 819 -46.80 7.32 31.54
CA ASP B 819 -46.39 6.70 32.78
C ASP B 819 -47.38 7.09 33.87
N PRO B 820 -48.14 6.14 34.44
CA PRO B 820 -49.07 6.48 35.51
C PRO B 820 -48.43 6.64 36.87
N ALA B 821 -47.14 6.31 37.02
CA ALA B 821 -46.47 6.52 38.30
C ALA B 821 -46.46 7.99 38.68
N THR B 822 -46.19 8.86 37.71
CA THR B 822 -46.30 10.30 37.90
C THR B 822 -47.39 10.92 37.03
N ALA B 823 -48.14 10.11 36.29
CA ALA B 823 -49.22 10.57 35.42
C ALA B 823 -48.70 11.60 34.42
N ALA B 824 -47.71 11.18 33.63
CA ALA B 824 -47.06 12.06 32.67
C ALA B 824 -46.93 11.39 31.32
N TYR B 825 -47.00 12.20 30.26
CA TYR B 825 -46.87 11.72 28.89
C TYR B 825 -45.53 12.17 28.34
N THR B 826 -44.82 11.24 27.69
CA THR B 826 -43.50 11.51 27.13
C THR B 826 -43.48 11.08 25.68
N VAL B 827 -42.86 11.90 24.82
CA VAL B 827 -42.77 11.64 23.40
C VAL B 827 -41.31 11.51 23.01
N LEU B 828 -40.98 10.44 22.31
CA LEU B 828 -39.62 10.15 21.86
C LEU B 828 -39.57 10.20 20.34
N LYS B 829 -38.55 10.89 19.82
CA LYS B 829 -38.35 11.03 18.38
C LYS B 829 -37.10 10.25 18.00
N ASN B 830 -37.28 9.19 17.21
CA ASN B 830 -36.18 8.35 16.73
C ASN B 830 -35.35 7.81 17.89
N GLY B 831 -36.01 7.50 19.00
CA GLY B 831 -35.33 7.00 20.18
C GLY B 831 -34.69 8.06 21.05
N GLN B 832 -34.82 9.34 20.71
CA GLN B 832 -34.28 10.43 21.48
C GLN B 832 -35.35 11.03 22.39
N ALA B 833 -34.90 11.71 23.45
CA ALA B 833 -35.83 12.29 24.41
C ALA B 833 -36.70 13.35 23.75
N SER B 834 -36.10 14.23 22.94
CA SER B 834 -36.80 15.24 22.16
C SER B 834 -37.51 16.27 23.03
N GLY B 835 -37.43 16.11 24.35
CA GLY B 835 -37.95 17.11 25.27
C GLY B 835 -39.42 17.43 25.10
N LEU B 836 -40.25 16.42 24.83
CA LEU B 836 -41.69 16.62 24.66
C LEU B 836 -42.38 15.86 25.79
N THR B 837 -42.55 16.53 26.93
CA THR B 837 -43.14 15.92 28.11
C THR B 837 -44.27 16.80 28.64
N TRP B 838 -45.37 16.17 29.00
CA TRP B 838 -46.51 16.85 29.59
C TRP B 838 -46.84 16.21 30.94
N THR B 839 -47.14 17.05 31.92
CA THR B 839 -47.49 16.59 33.26
C THR B 839 -48.94 16.97 33.55
N ASP B 840 -49.75 15.99 33.92
CA ASP B 840 -51.16 16.21 34.18
C ASP B 840 -51.38 16.42 35.68
N SER B 841 -50.96 17.60 36.15
CA SER B 841 -51.17 17.95 37.55
C SER B 841 -52.65 18.05 37.88
N GLY B 842 -53.43 18.65 36.98
CA GLY B 842 -54.85 18.83 37.20
C GLY B 842 -55.73 17.64 36.89
N SER B 843 -55.15 16.55 36.39
CA SER B 843 -55.88 15.33 36.06
C SER B 843 -57.01 15.61 35.07
N VAL B 844 -56.70 16.38 34.03
CA VAL B 844 -57.69 16.69 33.00
C VAL B 844 -58.04 15.46 32.17
N VAL B 845 -57.17 14.46 32.14
CA VAL B 845 -57.38 13.24 31.36
C VAL B 845 -57.79 12.13 32.32
N ALA B 846 -59.01 11.61 32.12
CA ALA B 846 -59.53 10.54 32.96
C ALA B 846 -59.06 9.18 32.44
N HIS B 847 -58.71 8.29 33.37
CA HIS B 847 -58.24 6.96 33.05
C HIS B 847 -59.21 5.92 33.61
N GLY B 848 -59.46 4.88 32.83
CA GLY B 848 -60.38 3.84 33.23
C GLY B 848 -60.58 2.80 32.14
N PRO B 849 -61.54 1.90 32.34
CA PRO B 849 -61.80 0.87 31.33
C PRO B 849 -62.22 1.42 29.98
N ASN B 850 -62.88 2.57 29.95
CA ASN B 850 -63.41 3.14 28.71
C ASN B 850 -62.43 4.09 28.02
N TYR B 851 -61.21 4.21 28.53
CA TYR B 851 -60.23 5.15 27.99
C TYR B 851 -58.92 4.45 27.70
N ARG B 852 -58.99 3.30 27.02
CA ARG B 852 -57.81 2.51 26.67
C ARG B 852 -57.84 2.13 25.20
N PHE B 853 -58.15 3.10 24.34
CA PHE B 853 -58.18 2.89 22.90
C PHE B 853 -57.17 3.81 22.23
N GLY B 854 -56.44 3.26 21.26
CA GLY B 854 -55.50 4.02 20.46
C GLY B 854 -55.93 4.12 19.01
N GLY B 855 -55.12 4.83 18.24
CA GLY B 855 -55.42 5.01 16.83
C GLY B 855 -54.51 6.04 16.18
N LEU B 856 -54.98 6.56 15.05
CA LEU B 856 -54.20 7.40 14.15
C LEU B 856 -55.06 8.58 13.72
N ARG B 857 -54.41 9.70 13.42
CA ARG B 857 -55.12 10.91 13.04
C ARG B 857 -54.37 11.62 11.93
N ILE B 858 -55.11 12.11 10.92
CA ILE B 858 -54.54 12.87 9.83
C ILE B 858 -55.45 14.07 9.55
N SER B 859 -54.85 15.17 9.11
CA SER B 859 -55.63 16.34 8.69
C SER B 859 -55.09 16.87 7.37
N ARG B 860 -56.01 17.32 6.52
CA ARG B 860 -55.66 17.91 5.24
C ARG B 860 -56.26 19.31 5.14
N ALA B 861 -55.47 20.26 4.64
CA ALA B 861 -55.91 21.63 4.50
C ALA B 861 -55.18 22.30 3.35
N THR B 862 -55.75 23.42 2.90
CA THR B 862 -55.20 24.30 1.85
C THR B 862 -54.53 23.52 0.72
N PHE B 863 -55.29 22.57 0.16
CA PHE B 863 -54.89 21.85 -1.06
C PHE B 863 -53.56 21.13 -0.89
N PHE B 864 -53.25 20.68 0.33
CA PHE B 864 -51.99 19.97 0.56
C PHE B 864 -52.24 18.91 1.62
N ASN B 865 -52.36 17.66 1.18
CA ASN B 865 -52.54 16.55 2.10
C ASN B 865 -51.30 16.39 2.97
N ALA B 866 -51.52 16.00 4.23
CA ALA B 866 -50.42 15.73 5.13
C ALA B 866 -49.72 14.44 4.71
N GLY B 867 -48.69 14.08 5.46
CA GLY B 867 -47.91 12.90 5.14
C GLY B 867 -48.67 11.61 5.43
N ARG B 868 -47.99 10.51 5.18
CA ARG B 868 -48.56 9.19 5.37
C ARG B 868 -47.87 8.49 6.54
N ILE B 869 -48.56 7.49 7.09
CA ILE B 869 -48.10 6.83 8.31
C ILE B 869 -47.92 5.35 8.02
N ASP B 870 -47.03 4.72 8.80
CA ASP B 870 -46.75 3.31 8.63
C ASP B 870 -46.29 2.71 9.95
N ASN B 871 -46.38 1.38 10.04
CA ASN B 871 -45.89 0.62 11.19
C ASN B 871 -46.54 1.09 12.49
N TRP B 872 -47.86 1.11 12.51
CA TRP B 872 -48.58 1.52 13.70
C TRP B 872 -48.50 0.42 14.75
N THR B 873 -48.33 0.81 16.02
CA THR B 873 -48.19 -0.18 17.07
C THR B 873 -48.66 0.41 18.39
N LEU B 874 -49.44 -0.38 19.14
CA LEU B 874 -49.85 -0.04 20.50
C LEU B 874 -49.45 -1.19 21.41
N LYS B 875 -49.06 -0.86 22.63
CA LYS B 875 -48.69 -1.89 23.60
C LYS B 875 -48.75 -1.31 25.01
N ASP B 876 -48.53 -2.17 25.99
CA ASP B 876 -48.51 -1.80 27.40
C ASP B 876 -47.12 -2.08 27.93
N TRP B 877 -46.25 -1.08 27.87
CA TRP B 877 -44.87 -1.23 28.32
C TRP B 877 -44.82 -1.49 29.82
N ALA B 878 -43.84 -2.27 30.23
CA ALA B 878 -43.66 -2.60 31.63
C ALA B 878 -43.00 -1.45 32.38
N GLY C 116 134.89 47.04 -45.55
CA GLY C 116 133.75 46.61 -46.37
C GLY C 116 133.75 47.17 -47.78
N GLU C 117 134.68 48.06 -48.13
CA GLU C 117 134.70 48.63 -49.46
C GLU C 117 136.11 49.15 -49.76
N VAL C 118 136.49 49.07 -51.03
CA VAL C 118 137.81 49.53 -51.45
C VAL C 118 137.95 51.03 -51.20
N GLY C 119 139.15 51.45 -50.82
CA GLY C 119 139.40 52.86 -50.54
C GLY C 119 138.68 53.40 -49.32
N SER C 120 138.69 52.67 -48.22
CA SER C 120 138.03 53.07 -46.99
C SER C 120 139.08 53.38 -45.92
N SER C 121 138.62 53.63 -44.70
CA SER C 121 139.48 54.04 -43.60
C SER C 121 139.36 53.07 -42.43
N LEU C 122 140.33 53.18 -41.51
CA LEU C 122 140.28 52.37 -40.29
C LEU C 122 139.06 52.71 -39.45
N ALA C 123 138.59 53.96 -39.53
CA ALA C 123 137.34 54.32 -38.86
C ALA C 123 136.18 53.53 -39.44
N ASP C 124 136.13 53.39 -40.77
CA ASP C 124 135.10 52.57 -41.39
C ASP C 124 135.27 51.11 -41.00
N ALA C 125 136.51 50.65 -40.85
CA ALA C 125 136.75 49.27 -40.43
C ALA C 125 136.18 49.00 -39.05
N ILE C 126 136.51 49.87 -38.08
CA ILE C 126 136.01 49.68 -36.73
C ILE C 126 134.50 49.88 -36.67
N ALA C 127 133.95 50.76 -37.52
CA ALA C 127 132.51 50.91 -37.57
C ALA C 127 131.84 49.65 -38.07
N LYS C 128 132.40 49.02 -39.11
CA LYS C 128 131.85 47.77 -39.61
C LYS C 128 131.93 46.67 -38.55
N LEU C 129 133.06 46.59 -37.85
CA LEU C 129 133.20 45.59 -36.79
C LEU C 129 132.19 45.83 -35.68
N ALA C 130 131.95 47.09 -35.33
CA ALA C 130 130.95 47.40 -34.32
C ALA C 130 129.54 47.05 -34.80
N THR C 131 129.25 47.31 -36.08
CA THR C 131 127.92 46.98 -36.60
C THR C 131 127.67 45.48 -36.64
N PHE C 132 128.72 44.69 -36.85
CA PHE C 132 128.55 43.24 -36.77
C PHE C 132 128.11 42.84 -35.37
N LEU C 133 127.22 41.84 -35.30
CA LEU C 133 126.67 41.37 -34.04
C LEU C 133 127.35 40.07 -33.62
N THR C 134 128.04 40.11 -32.50
CA THR C 134 128.75 38.95 -31.97
C THR C 134 127.79 38.08 -31.16
N GLU C 135 128.34 37.08 -30.45
CA GLU C 135 127.49 36.20 -29.64
C GLU C 135 126.82 36.95 -28.50
N LEU C 136 127.58 37.79 -27.80
CA LEU C 136 127.03 38.51 -26.65
C LEU C 136 126.13 39.66 -27.07
N SER C 137 126.31 40.17 -28.28
CA SER C 137 125.52 41.30 -28.75
C SER C 137 124.10 40.86 -29.07
N PRO C 138 123.15 41.80 -29.09
CA PRO C 138 121.76 41.45 -29.42
C PRO C 138 121.63 40.96 -30.85
N LEU C 139 120.46 40.39 -31.14
CA LEU C 139 120.15 39.89 -32.47
C LEU C 139 118.78 40.42 -32.87
N ASN C 140 118.69 40.98 -34.07
CA ASN C 140 117.46 41.61 -34.53
C ASN C 140 116.36 40.57 -34.70
N ALA C 141 115.14 40.94 -34.31
CA ALA C 141 113.96 40.13 -34.55
C ALA C 141 113.10 40.70 -35.66
N GLY C 142 113.68 41.52 -36.53
CA GLY C 142 112.88 42.22 -37.52
C GLY C 142 112.19 41.30 -38.51
N MET C 143 112.96 40.35 -39.09
CA MET C 143 112.40 39.51 -40.13
C MET C 143 112.40 38.02 -39.77
N LEU C 144 113.55 37.43 -39.46
CA LEU C 144 113.66 36.00 -39.17
C LEU C 144 112.95 35.16 -40.23
N PHE C 145 113.53 35.20 -41.43
CA PHE C 145 113.00 34.38 -42.51
C PHE C 145 113.17 32.90 -42.19
N GLY C 146 112.31 32.08 -42.78
CA GLY C 146 112.34 30.66 -42.51
C GLY C 146 111.13 30.22 -41.72
N LEU C 147 111.37 29.47 -40.65
CA LEU C 147 110.24 28.94 -39.88
C LEU C 147 110.79 28.41 -38.55
N ILE C 148 110.16 28.82 -37.45
CA ILE C 148 110.62 28.45 -36.12
C ILE C 148 109.94 27.15 -35.70
N GLY C 149 110.73 26.20 -35.21
CA GLY C 149 110.19 24.91 -34.82
C GLY C 149 109.32 24.99 -33.58
N THR C 150 108.53 23.94 -33.38
CA THR C 150 107.57 23.90 -32.28
C THR C 150 108.27 23.68 -30.94
N ASN C 151 109.24 22.77 -30.89
CA ASN C 151 109.86 22.39 -29.62
C ASN C 151 110.61 23.52 -28.97
N HIS C 152 110.91 24.60 -29.71
CA HIS C 152 111.61 25.75 -29.15
C HIS C 152 110.66 26.79 -28.57
N LEU C 153 109.35 26.53 -28.59
CA LEU C 153 108.38 27.47 -28.04
C LEU C 153 107.90 26.95 -26.69
N PRO C 154 108.47 27.39 -25.58
CA PRO C 154 108.13 26.80 -24.29
C PRO C 154 106.78 27.23 -23.73
N LEU C 155 106.44 28.50 -23.82
CA LEU C 155 105.21 28.98 -23.20
C LEU C 155 104.59 30.07 -24.05
N LEU C 156 103.33 29.86 -24.42
CA LEU C 156 102.57 30.82 -25.20
C LEU C 156 101.79 31.75 -24.26
N SER C 157 100.86 32.52 -24.82
CA SER C 157 100.05 33.43 -24.02
C SER C 157 98.60 33.33 -24.47
N VAL C 158 97.75 32.85 -23.56
CA VAL C 158 96.34 32.64 -23.89
C VAL C 158 95.67 33.95 -24.28
N SER C 159 96.04 35.05 -23.60
CA SER C 159 95.52 36.36 -23.99
C SER C 159 95.99 36.72 -25.38
N HIS C 160 97.26 36.43 -25.69
CA HIS C 160 97.78 36.74 -27.01
C HIS C 160 97.14 35.91 -28.11
N ILE C 161 96.55 34.76 -27.75
CA ILE C 161 95.86 33.95 -28.75
C ILE C 161 94.69 34.74 -29.33
N ALA C 162 94.52 34.64 -30.65
CA ALA C 162 93.43 35.32 -31.34
C ALA C 162 93.17 34.59 -32.65
N ASN C 163 92.41 35.22 -33.54
CA ASN C 163 91.95 34.59 -34.78
C ASN C 163 92.58 35.29 -35.98
N ILE C 164 93.71 34.77 -36.44
CA ILE C 164 94.41 35.22 -37.64
C ILE C 164 94.92 34.00 -38.39
N ASN C 165 94.79 34.03 -39.72
CA ASN C 165 95.32 32.98 -40.58
C ASN C 165 96.38 33.58 -41.49
N PRO C 166 97.66 33.42 -41.17
CA PRO C 166 98.72 33.97 -42.01
C PRO C 166 99.22 32.94 -43.02
N GLU C 167 100.08 33.42 -43.91
CA GLU C 167 100.73 32.53 -44.88
C GLU C 167 101.75 31.65 -44.17
N LEU C 168 102.17 30.60 -44.87
CA LEU C 168 103.11 29.63 -44.32
C LEU C 168 104.47 29.68 -44.99
N LEU C 169 104.51 29.55 -46.32
CA LEU C 169 105.78 29.48 -47.03
C LEU C 169 106.46 30.84 -47.06
N VAL C 170 107.78 30.80 -47.21
CA VAL C 170 108.60 32.00 -47.38
C VAL C 170 108.95 32.12 -48.85
N ASN C 171 108.83 33.35 -49.38
CA ASN C 171 108.97 33.59 -50.82
C ASN C 171 107.96 32.75 -51.60
N ALA C 172 106.72 32.70 -51.10
CA ALA C 172 105.69 31.91 -51.76
C ALA C 172 105.30 32.51 -53.10
N GLY C 173 105.41 33.83 -53.26
CA GLY C 173 105.09 34.48 -54.51
C GLY C 173 106.16 34.40 -55.57
N PHE C 174 107.30 33.77 -55.26
CA PHE C 174 108.41 33.63 -56.19
C PHE C 174 108.91 34.98 -56.69
N ASP C 175 108.79 36.01 -55.86
CA ASP C 175 109.22 37.35 -56.24
C ASP C 175 110.71 37.57 -56.05
N SER C 176 111.44 36.60 -55.50
CA SER C 176 112.88 36.72 -55.35
C SER C 176 113.59 35.48 -55.89
N ASP C 177 114.90 35.38 -55.66
CA ASP C 177 115.69 34.28 -56.18
C ASP C 177 115.63 33.04 -55.28
N VAL C 178 115.12 33.16 -54.06
CA VAL C 178 115.08 32.03 -53.14
C VAL C 178 114.04 31.02 -53.62
N SER C 179 114.25 29.76 -53.22
CA SER C 179 113.37 28.60 -53.47
C SER C 179 113.46 28.08 -54.90
N VAL C 180 114.34 28.64 -55.73
CA VAL C 180 114.49 28.17 -57.11
C VAL C 180 115.98 27.98 -57.37
N VAL C 181 116.78 28.01 -56.31
CA VAL C 181 118.23 27.96 -56.45
C VAL C 181 118.66 26.59 -56.97
N ASP C 182 119.75 26.58 -57.73
CA ASP C 182 120.39 25.39 -58.30
C ASP C 182 119.35 24.46 -58.95
N ASN C 183 118.70 24.98 -59.99
CA ASN C 183 117.73 24.20 -60.73
C ASN C 183 117.81 24.52 -62.22
N PRO C 184 118.35 23.61 -63.04
CA PRO C 184 118.32 23.83 -64.49
C PRO C 184 116.91 23.89 -65.05
N TYR C 185 115.95 23.18 -64.46
CA TYR C 185 114.60 23.17 -64.98
C TYR C 185 113.88 24.49 -64.72
N TRP C 186 114.00 25.01 -63.50
CA TRP C 186 113.25 26.18 -63.07
C TRP C 186 114.20 27.31 -62.71
N ASP C 187 113.89 28.52 -63.18
CA ASP C 187 114.68 29.69 -62.84
C ASP C 187 113.76 30.85 -62.49
N TRP C 188 114.28 31.75 -61.65
CA TRP C 188 113.53 32.94 -61.26
C TRP C 188 113.48 33.93 -62.41
N ASP C 189 112.33 34.56 -62.59
CA ASP C 189 112.13 35.56 -63.64
C ASP C 189 111.72 36.87 -63.00
N GLY C 190 112.46 37.93 -63.29
CA GLY C 190 112.18 39.25 -62.79
C GLY C 190 111.35 40.13 -63.70
N THR C 191 110.87 39.61 -64.83
CA THR C 191 110.06 40.38 -65.75
C THR C 191 108.63 39.88 -65.86
N VAL C 192 108.33 38.67 -65.38
CA VAL C 192 107.01 38.08 -65.47
C VAL C 192 106.46 37.92 -64.06
N GLY C 193 105.30 38.51 -63.79
CA GLY C 193 104.67 38.43 -62.50
C GLY C 193 103.59 39.48 -62.29
N ARG C 194 102.55 39.13 -61.55
CA ARG C 194 101.47 40.09 -61.30
C ARG C 194 101.85 41.11 -60.23
N THR C 195 102.64 40.72 -59.24
CA THR C 195 103.04 41.61 -58.16
C THR C 195 104.53 41.93 -58.27
N ALA C 196 104.91 43.10 -57.76
CA ALA C 196 106.29 43.55 -57.84
C ALA C 196 107.20 42.60 -57.06
N PRO C 197 108.43 42.38 -57.55
CA PRO C 197 109.04 42.97 -58.75
C PRO C 197 108.78 42.14 -60.00
N LEU C 198 107.56 41.64 -60.18
CA LEU C 198 107.17 40.83 -61.33
C LEU C 198 108.08 39.61 -61.48
N GLY C 199 108.16 38.83 -60.40
CA GLY C 199 108.99 37.64 -60.36
C GLY C 199 108.13 36.38 -60.31
N ALA C 200 108.47 35.43 -61.17
CA ALA C 200 107.75 34.16 -61.23
C ALA C 200 108.77 33.05 -61.52
N VAL C 201 108.27 31.86 -61.80
CA VAL C 201 109.10 30.70 -62.10
C VAL C 201 109.00 30.40 -63.60
N LYS C 202 110.14 30.19 -64.24
CA LYS C 202 110.21 29.84 -65.65
C LYS C 202 110.77 28.43 -65.77
N VAL C 203 110.23 27.66 -66.72
CA VAL C 203 110.64 26.29 -66.95
C VAL C 203 110.72 26.04 -68.44
N VAL C 204 111.78 25.34 -68.86
CA VAL C 204 111.96 24.93 -70.26
C VAL C 204 111.55 23.48 -70.34
N ALA C 205 110.27 23.24 -70.61
CA ALA C 205 109.72 21.89 -70.66
C ALA C 205 110.14 21.24 -71.97
N ASP C 206 111.18 20.40 -71.92
CA ASP C 206 111.67 19.70 -73.10
C ASP C 206 111.12 18.28 -73.14
N GLY C 207 109.79 18.19 -73.24
CA GLY C 207 109.14 16.90 -73.37
C GLY C 207 109.29 15.98 -72.18
N THR C 208 109.55 16.52 -71.00
CA THR C 208 109.86 15.69 -69.84
C THR C 208 109.04 16.07 -68.62
N ILE C 209 109.40 15.52 -67.46
CA ILE C 209 108.75 15.83 -66.19
C ILE C 209 109.57 16.88 -65.46
N LYS C 210 108.89 17.86 -64.88
CA LYS C 210 109.52 18.94 -64.14
C LYS C 210 108.97 18.98 -62.73
N ASP C 211 109.82 19.33 -61.77
CA ASP C 211 109.44 19.36 -60.36
C ASP C 211 109.96 20.63 -59.71
N LEU C 212 109.20 21.13 -58.74
CA LEU C 212 109.59 22.30 -57.98
C LEU C 212 109.16 22.13 -56.53
N LEU C 213 110.07 22.50 -55.62
CA LEU C 213 109.87 22.38 -54.19
C LEU C 213 110.08 23.72 -53.51
N SER C 214 109.49 23.87 -52.34
CA SER C 214 109.64 25.11 -51.59
C SER C 214 111.03 25.19 -50.97
N GLY C 215 111.67 26.35 -51.15
CA GLY C 215 113.00 26.59 -50.60
C GLY C 215 113.06 26.47 -49.09
N PRO C 216 112.12 27.08 -48.38
CA PRO C 216 112.04 26.86 -46.93
C PRO C 216 111.82 25.39 -46.61
N ASP C 217 112.17 25.03 -45.38
CA ASP C 217 112.14 23.64 -44.95
C ASP C 217 110.71 23.21 -44.65
N ALA C 218 110.57 22.06 -44.00
CA ALA C 218 109.27 21.41 -43.86
C ALA C 218 108.27 22.26 -43.09
N ILE C 219 107.04 22.31 -43.61
CA ILE C 219 105.93 22.91 -42.88
C ILE C 219 105.39 21.84 -41.94
N PRO C 220 105.39 22.07 -40.62
CA PRO C 220 104.90 21.05 -39.68
C PRO C 220 103.39 21.09 -39.56
N VAL C 221 102.74 19.99 -39.94
CA VAL C 221 101.30 19.82 -39.80
C VAL C 221 101.06 18.50 -39.08
N VAL C 222 99.87 18.37 -38.50
CA VAL C 222 99.50 17.22 -37.71
C VAL C 222 98.11 16.76 -38.10
N GLU C 223 97.63 15.70 -37.44
CA GLU C 223 96.31 15.17 -37.73
C GLU C 223 95.25 16.25 -37.51
N GLY C 224 94.18 16.17 -38.30
CA GLY C 224 93.27 17.30 -38.34
C GLY C 224 93.96 18.50 -38.93
N GLN C 225 93.59 19.69 -38.44
CA GLN C 225 94.24 20.94 -38.81
C GLN C 225 94.19 21.15 -40.33
N LYS C 226 92.96 21.34 -40.81
CA LYS C 226 92.71 21.44 -42.24
C LYS C 226 93.56 22.53 -42.88
N LEU C 227 93.91 22.32 -44.14
CA LEU C 227 94.78 23.24 -44.88
C LEU C 227 94.11 23.65 -46.19
N ASN C 228 94.47 24.84 -46.66
CA ASN C 228 94.00 25.35 -47.93
C ASN C 228 95.19 25.68 -48.81
N VAL C 229 95.16 25.23 -50.06
CA VAL C 229 96.25 25.44 -51.01
C VAL C 229 95.69 26.15 -52.24
N SER C 230 96.37 27.21 -52.67
CA SER C 230 95.97 27.94 -53.86
C SER C 230 97.21 28.55 -54.50
N ALA C 231 97.10 28.86 -55.79
CA ALA C 231 98.17 29.49 -56.56
C ALA C 231 97.62 29.89 -57.92
N TRP C 232 98.18 30.95 -58.49
CA TRP C 232 97.80 31.42 -59.81
C TRP C 232 98.82 30.91 -60.81
N LEU C 233 98.37 30.01 -61.70
CA LEU C 233 99.22 29.37 -62.68
C LEU C 233 98.86 29.84 -64.09
N LYS C 234 99.86 29.80 -64.97
CA LYS C 234 99.65 30.24 -66.35
C LYS C 234 100.63 29.51 -67.26
N TYR C 235 100.12 28.74 -68.22
CA TYR C 235 100.96 28.06 -69.18
C TYR C 235 100.97 28.85 -70.48
N SER C 236 102.15 29.19 -70.97
CA SER C 236 102.33 29.98 -72.18
C SER C 236 103.10 29.14 -73.21
N GLY C 237 102.60 29.16 -74.45
CA GLY C 237 103.21 28.38 -75.51
C GLY C 237 103.21 26.89 -75.25
N LEU C 238 102.18 26.38 -74.57
CA LEU C 238 102.18 25.00 -74.12
C LEU C 238 102.11 24.07 -75.31
N VAL C 239 103.24 23.44 -75.65
CA VAL C 239 103.27 22.39 -76.65
C VAL C 239 103.02 21.02 -76.00
N ALA C 240 102.78 21.00 -74.69
CA ALA C 240 102.53 19.75 -73.99
C ALA C 240 101.32 19.03 -74.56
N GLY C 241 101.43 17.71 -74.69
CA GLY C 241 100.36 16.94 -75.29
C GLY C 241 99.07 17.08 -74.51
N ALA C 242 97.96 17.19 -75.24
CA ALA C 242 96.64 17.33 -74.64
C ALA C 242 96.27 16.00 -73.99
N GLY C 243 96.46 15.90 -72.68
CA GLY C 243 96.16 14.68 -71.99
C GLY C 243 96.10 14.89 -70.49
N ALA C 244 96.04 13.78 -69.76
CA ALA C 244 95.96 13.81 -68.31
C ALA C 244 97.35 14.01 -67.70
N GLY C 245 97.41 14.83 -66.66
CA GLY C 245 98.66 15.10 -65.98
C GLY C 245 99.07 16.56 -66.08
N SER C 246 100.28 16.80 -66.59
CA SER C 246 100.81 18.15 -66.81
C SER C 246 100.86 18.85 -65.46
N ILE C 247 100.16 19.97 -65.27
CA ILE C 247 100.30 20.76 -64.05
C ILE C 247 99.60 20.07 -62.90
N ARG C 248 100.32 19.90 -61.79
CA ARG C 248 99.76 19.35 -60.56
C ARG C 248 100.33 20.10 -59.38
N LEU C 249 99.46 20.60 -58.51
CA LEU C 249 99.83 21.28 -57.27
C LEU C 249 99.50 20.35 -56.11
N SER C 250 100.50 19.61 -55.65
CA SER C 250 100.27 18.59 -54.62
C SER C 250 101.09 18.93 -53.38
N GLY C 251 101.05 18.03 -52.41
CA GLY C 251 101.80 18.22 -51.18
C GLY C 251 102.69 17.05 -50.83
N THR C 252 103.99 17.31 -50.75
CA THR C 252 104.96 16.30 -50.33
C THR C 252 104.84 16.18 -48.81
N ALA C 253 104.13 15.15 -48.35
CA ALA C 253 103.93 14.91 -46.93
C ALA C 253 104.92 13.84 -46.48
N TYR C 254 105.77 14.20 -45.52
CA TYR C 254 106.80 13.33 -45.01
C TYR C 254 106.33 12.62 -43.73
N SER C 255 107.01 11.52 -43.42
CA SER C 255 106.77 10.80 -42.18
C SER C 255 107.50 11.52 -41.04
N ALA C 256 107.60 10.86 -39.89
CA ALA C 256 108.31 11.46 -38.76
C ALA C 256 109.79 11.66 -39.10
N ASP C 257 110.39 10.69 -39.79
CA ASP C 257 111.78 10.80 -40.21
C ASP C 257 111.94 11.41 -41.59
N GLY C 258 110.85 11.72 -42.28
CA GLY C 258 110.93 12.33 -43.59
C GLY C 258 110.76 11.38 -44.75
N GLU C 259 109.73 10.53 -44.68
CA GLU C 259 109.42 9.58 -45.74
C GLU C 259 108.12 9.99 -46.42
N VAL C 260 108.14 10.04 -47.75
CA VAL C 260 106.92 10.39 -48.49
C VAL C 260 105.84 9.36 -48.22
N VAL C 261 104.59 9.83 -48.17
CA VAL C 261 103.44 8.97 -47.92
C VAL C 261 102.50 8.94 -49.11
N ALA C 262 102.27 10.07 -49.77
CA ALA C 262 101.34 10.16 -50.88
C ALA C 262 101.63 11.41 -51.68
N TYR C 263 100.85 11.62 -52.74
CA TYR C 263 100.94 12.81 -53.58
C TYR C 263 99.54 13.42 -53.68
N PRO C 264 99.04 14.02 -52.61
CA PRO C 264 97.67 14.55 -52.64
C PRO C 264 97.58 15.81 -53.49
N ASP C 265 96.99 15.68 -54.68
CA ASP C 265 96.85 16.81 -55.58
C ASP C 265 95.68 17.68 -55.14
N PHE C 266 95.91 19.00 -55.10
CA PHE C 266 94.88 19.94 -54.70
C PHE C 266 94.48 20.89 -55.82
N GLY C 267 95.08 20.77 -57.00
CA GLY C 267 94.73 21.66 -58.10
C GLY C 267 95.60 21.37 -59.30
N GLY C 268 95.39 22.17 -60.33
CA GLY C 268 96.07 22.02 -61.60
C GLY C 268 95.10 22.00 -62.76
N ILE C 269 95.67 21.93 -63.95
CA ILE C 269 94.87 21.89 -65.17
C ILE C 269 94.24 20.51 -65.32
N PRO C 270 93.05 20.41 -65.89
CA PRO C 270 92.45 19.08 -66.13
C PRO C 270 93.10 18.36 -67.30
N ASP C 271 92.55 17.21 -67.67
CA ASP C 271 93.10 16.44 -68.78
C ASP C 271 92.92 17.19 -70.09
N GLY C 272 93.54 16.67 -71.15
CA GLY C 272 93.57 17.36 -72.41
C GLY C 272 94.35 18.66 -72.32
N ALA C 273 95.53 18.59 -71.69
CA ALA C 273 96.32 19.77 -71.36
C ALA C 273 97.02 20.29 -72.61
N SER C 274 96.49 21.37 -73.18
CA SER C 274 97.14 22.04 -74.30
C SER C 274 96.57 23.46 -74.41
N GLY C 275 97.26 24.30 -75.16
CA GLY C 275 96.81 25.64 -75.41
C GLY C 275 97.54 26.69 -74.59
N THR C 276 96.86 27.82 -74.39
CA THR C 276 97.40 28.92 -73.62
C THR C 276 96.28 29.52 -72.78
N SER C 277 96.59 29.86 -71.53
CA SER C 277 95.62 30.45 -70.63
C SER C 277 96.28 31.62 -69.89
N ASP C 278 95.60 32.14 -68.89
CA ASP C 278 96.07 33.24 -68.07
C ASP C 278 96.17 32.76 -66.61
N TRP C 279 96.44 33.69 -65.70
CA TRP C 279 96.54 33.36 -64.29
C TRP C 279 95.23 32.75 -63.78
N THR C 280 95.28 31.46 -63.44
CA THR C 280 94.12 30.74 -62.96
C THR C 280 94.40 30.19 -61.56
N GLN C 281 93.42 30.28 -60.68
CA GLN C 281 93.55 29.84 -59.30
C GLN C 281 92.89 28.48 -59.12
N VAL C 282 93.58 27.58 -58.43
CA VAL C 282 93.05 26.27 -58.08
C VAL C 282 92.97 26.18 -56.57
N THR C 283 91.81 25.75 -56.06
CA THR C 283 91.56 25.67 -54.62
C THR C 283 91.60 24.23 -54.18
N GLY C 284 92.38 23.95 -53.13
CA GLY C 284 92.44 22.60 -52.60
C GLY C 284 92.37 22.53 -51.09
N GLN C 285 91.37 21.82 -50.58
CA GLN C 285 91.24 21.57 -49.15
C GLN C 285 91.90 20.25 -48.81
N TYR C 286 92.78 20.26 -47.82
CA TYR C 286 93.55 19.09 -47.43
C TYR C 286 93.29 18.74 -45.98
N VAL C 287 92.96 17.48 -45.74
CA VAL C 287 92.81 16.93 -44.40
C VAL C 287 93.99 16.02 -44.15
N VAL C 288 94.78 16.33 -43.12
CA VAL C 288 96.01 15.60 -42.85
C VAL C 288 95.67 14.26 -42.20
N PRO C 289 96.07 13.15 -42.81
CA PRO C 289 95.88 11.84 -42.16
C PRO C 289 96.86 11.67 -41.01
N ALA C 290 96.61 10.63 -40.20
CA ALA C 290 97.44 10.37 -39.05
C ALA C 290 98.84 9.93 -39.48
N GLY C 291 99.79 10.09 -38.56
CA GLY C 291 101.17 9.73 -38.82
C GLY C 291 101.85 10.60 -39.86
N VAL C 292 101.51 11.89 -39.91
CA VAL C 292 102.11 12.84 -40.83
C VAL C 292 102.53 14.06 -40.04
N THR C 293 103.78 14.51 -40.22
CA THR C 293 104.32 15.61 -39.44
C THR C 293 105.00 16.70 -40.25
N GLN C 294 105.44 16.43 -41.47
CA GLN C 294 106.19 17.40 -42.26
C GLN C 294 105.51 17.59 -43.61
N PHE C 295 105.50 18.82 -44.11
CA PHE C 295 104.80 19.15 -45.34
C PHE C 295 105.61 20.10 -46.20
N ARG C 296 105.61 19.84 -47.51
CA ARG C 296 106.16 20.76 -48.49
C ARG C 296 105.17 20.91 -49.65
N LEU C 297 105.29 22.01 -50.38
CA LEU C 297 104.45 22.25 -51.54
C LEU C 297 105.13 21.67 -52.77
N ARG C 298 104.57 20.58 -53.31
CA ARG C 298 105.08 19.94 -54.50
C ARG C 298 104.42 20.56 -55.74
N LEU C 299 105.24 20.93 -56.73
CA LEU C 299 104.74 21.53 -57.97
C LEU C 299 105.28 20.67 -59.11
N SER C 300 104.44 19.80 -59.68
CA SER C 300 104.92 18.79 -60.61
C SER C 300 104.21 18.92 -61.94
N VAL C 301 105.00 19.09 -63.01
CA VAL C 301 104.52 18.94 -64.37
C VAL C 301 104.88 17.54 -64.83
N ARG C 302 103.88 16.74 -65.15
CA ARG C 302 104.06 15.32 -65.40
C ARG C 302 104.95 15.10 -66.63
N GLU C 303 105.36 13.83 -66.80
CA GLU C 303 106.31 13.49 -67.85
C GLU C 303 105.69 13.53 -69.24
N ASN C 304 104.39 13.27 -69.35
CA ASN C 304 103.76 13.23 -70.66
C ASN C 304 103.70 14.59 -71.34
N ALA C 305 104.01 15.68 -70.62
CA ALA C 305 104.09 16.99 -71.23
C ALA C 305 105.22 17.06 -72.25
N THR C 306 105.03 17.89 -73.28
CA THR C 306 105.98 17.97 -74.37
C THR C 306 106.46 19.37 -74.71
N GLY C 307 105.93 20.42 -74.08
CA GLY C 307 106.42 21.77 -74.37
C GLY C 307 105.63 22.81 -73.63
N GLY C 308 106.14 24.04 -73.69
CA GLY C 308 105.54 25.19 -73.04
C GLY C 308 106.33 25.64 -71.84
N THR C 309 105.97 26.82 -71.34
CA THR C 309 106.57 27.37 -70.14
C THR C 309 105.46 27.74 -69.16
N VAL C 310 105.57 27.24 -67.93
CA VAL C 310 104.52 27.40 -66.94
C VAL C 310 105.02 28.35 -65.86
N TRP C 311 104.20 29.34 -65.54
CA TRP C 311 104.50 30.35 -64.53
C TRP C 311 103.56 30.18 -63.35
N PHE C 312 104.07 30.47 -62.15
CA PHE C 312 103.28 30.38 -60.93
C PHE C 312 103.50 31.64 -60.10
N ASP C 313 102.44 32.06 -59.41
CA ASP C 313 102.52 33.24 -58.56
C ASP C 313 101.51 33.13 -57.43
N ASP C 314 101.75 33.93 -56.40
CA ASP C 314 100.83 34.07 -55.26
C ASP C 314 100.45 32.72 -54.67
N CYS C 315 101.44 31.84 -54.54
CA CYS C 315 101.21 30.58 -53.86
C CYS C 315 100.85 30.83 -52.40
N SER C 316 99.86 30.10 -51.92
CA SER C 316 99.34 30.30 -50.57
C SER C 316 98.88 28.95 -50.04
N VAL C 317 99.66 28.39 -49.12
CA VAL C 317 99.26 27.23 -48.34
C VAL C 317 99.06 27.72 -46.92
N LYS C 318 97.83 27.69 -46.45
CA LYS C 318 97.47 28.28 -45.16
C LYS C 318 96.78 27.22 -44.30
N LYS C 319 97.22 27.11 -43.06
CA LYS C 319 96.46 26.35 -42.08
C LYS C 319 95.17 27.09 -41.77
N ALA C 320 94.03 26.42 -41.97
CA ALA C 320 92.73 27.06 -41.85
C ALA C 320 91.90 26.35 -40.79
N GLY C 321 90.76 26.96 -40.46
CA GLY C 321 89.86 26.40 -39.47
C GLY C 321 89.83 27.22 -38.19
N LEU C 322 89.72 26.53 -37.07
CA LEU C 322 89.65 27.16 -35.75
C LEU C 322 89.99 26.10 -34.71
N LEU C 323 89.79 26.43 -33.44
CA LEU C 323 90.17 25.54 -32.36
C LEU C 323 89.40 24.23 -32.46
N PRO C 324 90.10 23.09 -32.58
CA PRO C 324 89.39 21.81 -32.64
C PRO C 324 88.68 21.48 -31.34
N GLN C 325 87.60 20.72 -31.45
CA GLN C 325 86.81 20.35 -30.28
C GLN C 325 87.60 19.46 -29.33
N GLY C 326 88.39 18.54 -29.88
CA GLY C 326 89.09 17.56 -29.07
C GLY C 326 90.41 18.01 -28.49
N LEU C 327 90.55 19.31 -28.23
CA LEU C 327 91.74 19.85 -27.59
C LEU C 327 91.49 20.39 -26.20
N VAL C 328 90.31 20.94 -25.93
CA VAL C 328 89.95 21.35 -24.58
C VAL C 328 89.71 20.12 -23.71
N ASP C 329 89.92 20.28 -22.40
CA ASP C 329 89.96 19.14 -21.49
C ASP C 329 88.55 18.65 -21.19
N GLY C 330 88.26 17.41 -21.56
CA GLY C 330 87.03 16.74 -21.18
C GLY C 330 85.76 17.47 -21.57
N LEU C 331 85.89 18.57 -22.31
CA LEU C 331 84.71 19.34 -22.69
C LEU C 331 83.85 18.57 -23.66
N VAL C 332 84.46 17.79 -24.54
CA VAL C 332 83.67 16.95 -25.45
C VAL C 332 82.80 16.00 -24.66
N GLN C 333 83.38 15.33 -23.67
CA GLN C 333 82.63 14.40 -22.84
C GLN C 333 81.54 15.13 -22.05
N ALA C 334 81.85 16.31 -21.51
CA ALA C 334 80.87 17.04 -20.71
C ALA C 334 79.69 17.48 -21.57
N LEU C 335 79.96 18.04 -22.74
CA LEU C 335 78.89 18.48 -23.63
C LEU C 335 78.05 17.31 -24.12
N SER C 336 78.71 16.20 -24.48
CA SER C 336 77.97 15.01 -24.86
C SER C 336 77.12 14.50 -23.72
N ASP C 337 77.65 14.54 -22.49
CA ASP C 337 76.88 14.09 -21.33
C ASP C 337 75.66 14.96 -21.10
N LEU C 338 75.81 16.28 -21.23
CA LEU C 338 74.66 17.17 -21.04
C LEU C 338 73.60 16.93 -22.10
N LEU C 339 74.01 16.84 -23.37
CA LEU C 339 73.06 16.62 -24.45
C LEU C 339 72.35 15.28 -24.30
N THR C 340 73.11 14.23 -23.98
CA THR C 340 72.51 12.92 -23.80
C THR C 340 71.62 12.87 -22.56
N TRP C 341 71.96 13.64 -21.52
CA TRP C 341 71.11 13.70 -20.34
C TRP C 341 69.75 14.31 -20.69
N LEU C 342 69.77 15.44 -21.40
CA LEU C 342 68.51 16.03 -21.82
C LEU C 342 67.71 15.10 -22.72
N GLU C 343 68.40 14.47 -23.68
CA GLU C 343 67.72 13.57 -24.61
C GLU C 343 67.13 12.37 -23.87
N SER C 344 67.88 11.80 -22.93
CA SER C 344 67.40 10.64 -22.20
C SER C 344 66.25 11.00 -21.27
N LEU C 345 66.30 12.20 -20.67
CA LEU C 345 65.16 12.66 -19.87
C LEU C 345 63.91 12.76 -20.72
N VAL C 346 64.03 13.37 -21.90
CA VAL C 346 62.88 13.49 -22.79
C VAL C 346 62.38 12.11 -23.21
N ASP C 347 63.31 11.22 -23.57
CA ASP C 347 62.94 9.88 -24.01
C ASP C 347 62.20 9.12 -22.91
N ASN C 348 62.74 9.12 -21.69
CA ASN C 348 62.12 8.39 -20.60
C ASN C 348 60.76 8.97 -20.25
N VAL C 349 60.64 10.30 -20.23
CA VAL C 349 59.35 10.91 -19.93
C VAL C 349 58.32 10.53 -20.99
N LEU C 350 58.70 10.61 -22.27
CA LEU C 350 57.75 10.28 -23.33
C LEU C 350 57.35 8.82 -23.28
N SER C 351 58.32 7.93 -22.99
CA SER C 351 57.99 6.51 -22.87
C SER C 351 57.04 6.27 -21.71
N ALA C 352 57.26 6.97 -20.58
CA ALA C 352 56.36 6.82 -19.45
C ALA C 352 54.96 7.30 -19.79
N LEU C 353 54.86 8.42 -20.50
CA LEU C 353 53.54 8.95 -20.85
C LEU C 353 52.88 8.24 -22.01
N GLY C 354 53.62 7.39 -22.73
CA GLY C 354 52.99 6.52 -23.71
C GLY C 354 53.50 6.60 -25.14
N LEU C 355 53.76 7.80 -25.64
CA LEU C 355 54.17 7.95 -27.03
C LEU C 355 55.58 7.41 -27.24
N ASP C 356 55.80 6.88 -28.45
CA ASP C 356 57.11 6.36 -28.84
C ASP C 356 57.92 7.49 -29.45
N PRO C 357 59.02 7.91 -28.84
CA PRO C 357 59.77 9.08 -29.34
C PRO C 357 60.67 8.72 -30.51
N ILE C 358 60.31 9.20 -31.69
CA ILE C 358 61.12 9.06 -32.90
C ILE C 358 61.23 10.43 -33.57
N GLY C 359 62.45 10.89 -33.80
CA GLY C 359 62.70 12.16 -34.44
C GLY C 359 63.74 12.95 -33.69
N THR C 360 63.73 14.27 -33.92
CA THR C 360 64.66 15.16 -33.26
C THR C 360 64.20 15.48 -31.84
N ILE C 361 65.08 16.14 -31.10
CA ILE C 361 64.73 16.56 -29.74
C ILE C 361 63.60 17.57 -29.77
N VAL C 362 63.59 18.45 -30.78
CA VAL C 362 62.52 19.44 -30.90
C VAL C 362 61.19 18.74 -31.15
N ASP C 363 61.17 17.76 -32.04
CA ASP C 363 59.94 17.02 -32.32
C ASP C 363 59.48 16.24 -31.11
N LYS C 364 60.42 15.65 -30.37
CA LYS C 364 60.06 14.93 -29.16
C LYS C 364 59.48 15.88 -28.12
N ILE C 365 60.05 17.08 -28.01
CA ILE C 365 59.52 18.07 -27.06
C ILE C 365 58.11 18.50 -27.46
N LEU C 366 57.88 18.70 -28.75
CA LEU C 366 56.54 19.05 -29.21
C LEU C 366 55.54 17.94 -28.91
N ASP C 367 55.93 16.69 -29.15
CA ASP C 367 55.07 15.56 -28.81
C ASP C 367 54.79 15.51 -27.31
N LEU C 368 55.82 15.81 -26.50
CA LEU C 368 55.64 15.85 -25.06
C LEU C 368 54.65 16.93 -24.64
N ALA C 369 54.73 18.09 -25.27
CA ALA C 369 53.79 19.16 -24.98
C ALA C 369 52.37 18.75 -25.35
N ASP C 370 52.20 18.11 -26.51
CA ASP C 370 50.88 17.63 -26.90
C ASP C 370 50.36 16.58 -25.92
N GLU C 371 51.24 15.70 -25.44
CA GLU C 371 50.83 14.71 -24.45
C GLU C 371 50.37 15.37 -23.16
N PHE C 372 51.10 16.38 -22.69
CA PHE C 372 50.66 17.08 -21.49
C PHE C 372 49.34 17.82 -21.72
N GLY C 373 49.13 18.33 -22.93
CA GLY C 373 47.84 18.92 -23.24
C GLY C 373 46.70 17.92 -23.14
N ASP C 374 46.91 16.73 -23.69
CA ASP C 374 45.90 15.67 -23.59
C ASP C 374 45.70 15.25 -22.14
N TRP C 375 46.79 15.20 -21.36
CA TRP C 375 46.70 14.90 -19.93
C TRP C 375 45.83 15.91 -19.22
N LEU C 376 46.05 17.20 -19.51
CA LEU C 376 45.25 18.26 -18.92
C LEU C 376 43.79 18.11 -19.30
N GLY C 377 43.52 17.83 -20.58
CA GLY C 377 42.15 17.62 -21.00
C GLY C 377 41.49 16.48 -20.25
N ALA C 378 42.21 15.36 -20.11
CA ALA C 378 41.65 14.21 -19.41
C ALA C 378 41.36 14.55 -17.95
N THR C 379 42.30 15.21 -17.28
CA THR C 379 42.10 15.53 -15.86
C THR C 379 40.91 16.46 -15.68
N GLU C 380 40.86 17.53 -16.49
CA GLU C 380 39.78 18.50 -16.35
C GLU C 380 38.43 17.87 -16.68
N ASP C 381 38.38 17.02 -17.71
CA ASP C 381 37.12 16.38 -18.07
C ASP C 381 36.68 15.40 -16.99
N THR C 382 37.61 14.66 -16.38
CA THR C 382 37.25 13.78 -15.29
C THR C 382 36.69 14.57 -14.11
N ALA C 383 37.36 15.67 -13.75
CA ALA C 383 36.87 16.48 -12.63
C ALA C 383 35.50 17.06 -12.93
N ALA C 384 35.29 17.58 -14.15
CA ALA C 384 34.01 18.15 -14.51
C ALA C 384 32.92 17.08 -14.51
N ASN C 385 33.22 15.89 -15.03
CA ASN C 385 32.24 14.82 -15.03
C ASN C 385 31.87 14.42 -13.62
N LEU C 386 32.86 14.32 -12.72
CA LEU C 386 32.57 13.97 -11.34
C LEU C 386 31.70 15.03 -10.67
N SER C 387 32.03 16.30 -10.89
CA SER C 387 31.23 17.37 -10.28
C SER C 387 29.80 17.37 -10.82
N ASN C 388 29.66 17.20 -12.15
CA ASN C 388 28.33 17.19 -12.75
C ASN C 388 27.52 16.00 -12.27
N LEU C 389 28.14 14.83 -12.16
CA LEU C 389 27.45 13.65 -11.65
C LEU C 389 27.01 13.86 -10.21
N LEU C 390 27.88 14.44 -9.38
CA LEU C 390 27.50 14.71 -8.00
C LEU C 390 26.30 15.67 -7.93
N THR C 391 26.36 16.76 -8.71
CA THR C 391 25.28 17.73 -8.68
C THR C 391 23.97 17.13 -9.18
N LYS C 392 24.02 16.36 -10.26
CA LYS C 392 22.81 15.73 -10.78
C LYS C 392 22.24 14.71 -9.82
N LEU C 393 23.11 13.91 -9.21
CA LEU C 393 22.65 12.92 -8.24
C LEU C 393 22.04 13.58 -7.02
N LEU C 394 22.53 14.76 -6.64
CA LEU C 394 21.93 15.49 -5.53
C LEU C 394 20.59 16.08 -5.91
N SER C 395 20.50 16.71 -7.09
CA SER C 395 19.29 17.45 -7.45
C SER C 395 18.22 16.54 -8.05
N ASP C 396 18.52 15.94 -9.21
CA ASP C 396 17.56 15.11 -9.94
C ASP C 396 18.16 13.73 -10.18
N PRO C 397 17.87 12.75 -9.33
CA PRO C 397 18.45 11.41 -9.51
C PRO C 397 17.70 10.52 -10.48
N ALA C 398 16.62 11.00 -11.10
CA ALA C 398 15.82 10.15 -11.97
C ALA C 398 16.58 9.76 -13.24
N SER C 399 17.20 10.74 -13.90
CA SER C 399 17.86 10.46 -15.17
C SER C 399 19.11 9.61 -14.98
N VAL C 400 19.91 9.91 -13.96
CA VAL C 400 21.18 9.20 -13.78
C VAL C 400 20.95 7.77 -13.33
N ILE C 401 20.02 7.56 -12.39
CA ILE C 401 19.80 6.25 -11.79
C ILE C 401 18.75 5.51 -12.60
N GLY C 402 19.06 4.27 -12.96
CA GLY C 402 18.13 3.44 -13.69
C GLY C 402 17.08 2.83 -12.79
N PRO C 403 16.22 2.01 -13.39
CA PRO C 403 15.17 1.35 -12.61
C PRO C 403 15.76 0.41 -11.57
N LEU C 404 15.07 0.29 -10.45
CA LEU C 404 15.54 -0.50 -9.32
C LEU C 404 14.41 -1.33 -8.73
N ALA C 405 14.77 -2.47 -8.16
CA ALA C 405 13.80 -3.40 -7.62
C ALA C 405 13.24 -2.92 -6.28
N GLN C 406 11.95 -3.18 -6.07
CA GLN C 406 11.31 -2.80 -4.81
C GLN C 406 12.03 -3.39 -3.62
N SER C 407 12.59 -4.59 -3.77
CA SER C 407 13.27 -5.26 -2.67
C SER C 407 14.45 -4.47 -2.15
N MET C 408 14.98 -3.51 -2.94
CA MET C 408 16.09 -2.71 -2.45
C MET C 408 15.62 -1.75 -1.36
N ILE C 409 14.36 -1.30 -1.40
CA ILE C 409 13.85 -0.39 -0.40
C ILE C 409 13.57 -1.15 0.88
N THR C 410 13.97 -0.58 2.01
CA THR C 410 13.83 -1.25 3.30
C THR C 410 12.37 -1.27 3.74
N GLY C 411 11.81 -2.47 3.88
CA GLY C 411 10.48 -2.64 4.40
C GLY C 411 9.35 -2.43 3.41
N LEU C 412 9.67 -2.04 2.17
CA LEU C 412 8.61 -1.82 1.19
C LEU C 412 7.88 -3.12 0.87
N THR C 413 8.63 -4.20 0.65
CA THR C 413 8.01 -5.48 0.38
C THR C 413 7.21 -5.98 1.59
N GLY C 414 7.72 -5.74 2.80
CA GLY C 414 6.98 -6.13 3.98
C GLY C 414 5.66 -5.39 4.12
N ALA C 415 5.69 -4.08 3.91
CA ALA C 415 4.46 -3.29 3.99
C ALA C 415 3.46 -3.69 2.91
N LEU C 416 3.95 -3.89 1.69
CA LEU C 416 3.05 -4.30 0.61
C LEU C 416 2.43 -5.66 0.90
N GLY C 417 3.24 -6.61 1.38
CA GLY C 417 2.71 -7.92 1.72
C GLY C 417 1.70 -7.85 2.85
N ASN C 418 1.98 -7.02 3.86
CA ASN C 418 1.04 -6.86 4.97
C ASN C 418 -0.29 -6.30 4.49
N LEU C 419 -0.24 -5.27 3.64
CA LEU C 419 -1.48 -4.69 3.13
C LEU C 419 -2.25 -5.68 2.25
N ASN C 420 -1.54 -6.40 1.38
CA ASN C 420 -2.21 -7.37 0.53
C ASN C 420 -2.83 -8.50 1.34
N THR C 421 -2.13 -8.97 2.37
CA THR C 421 -2.68 -10.02 3.22
C THR C 421 -3.87 -9.51 4.02
N ALA C 422 -3.84 -8.24 4.44
CA ALA C 422 -4.99 -7.67 5.13
C ALA C 422 -6.20 -7.62 4.20
N ILE C 423 -6.00 -7.20 2.95
CA ILE C 423 -7.10 -7.18 1.99
C ILE C 423 -7.64 -8.58 1.74
N ASN C 424 -6.73 -9.56 1.59
CA ASN C 424 -7.15 -10.93 1.36
C ASN C 424 -7.93 -11.48 2.54
N GLN C 425 -7.49 -11.18 3.77
CA GLN C 425 -8.21 -11.63 4.95
C GLN C 425 -9.58 -10.96 5.04
N ILE C 426 -9.66 -9.67 4.70
CA ILE C 426 -10.96 -8.99 4.68
C ILE C 426 -11.90 -9.67 3.69
N GLY C 427 -11.38 -10.03 2.52
CA GLY C 427 -12.20 -10.74 1.56
C GLY C 427 -12.62 -12.12 2.04
N ASP C 428 -11.70 -12.84 2.69
CA ASP C 428 -11.96 -14.23 3.05
C ASP C 428 -12.91 -14.35 4.24
N VAL C 429 -12.81 -13.45 5.22
CA VAL C 429 -13.64 -13.58 6.42
C VAL C 429 -15.11 -13.50 6.05
N LEU C 430 -15.46 -12.66 5.07
CA LEU C 430 -16.86 -12.49 4.70
C LEU C 430 -17.47 -13.76 4.13
N VAL C 431 -16.67 -14.71 3.66
CA VAL C 431 -17.18 -15.98 3.16
C VAL C 431 -16.81 -17.15 4.06
N GLY C 432 -15.99 -16.94 5.08
CA GLY C 432 -15.66 -17.99 6.04
C GLY C 432 -14.16 -18.21 6.11
N THR C 433 -13.77 -19.48 6.26
CA THR C 433 -12.36 -19.88 6.30
C THR C 433 -11.61 -19.07 7.36
N VAL C 434 -12.00 -19.32 8.62
CA VAL C 434 -11.46 -18.57 9.75
C VAL C 434 -9.94 -18.55 9.70
N VAL C 435 -9.37 -17.36 9.84
CA VAL C 435 -7.93 -17.15 9.69
C VAL C 435 -7.47 -16.26 10.83
N THR C 436 -6.18 -16.35 11.14
CA THR C 436 -5.59 -15.52 12.17
C THR C 436 -5.61 -14.06 11.75
N PRO C 437 -6.20 -13.16 12.52
CA PRO C 437 -6.22 -11.75 12.13
C PRO C 437 -4.83 -11.14 12.17
N ILE C 438 -4.64 -10.10 11.34
CA ILE C 438 -3.36 -9.42 11.28
C ILE C 438 -3.24 -8.39 12.39
N ASN C 439 -4.24 -7.54 12.55
CA ASN C 439 -4.16 -6.46 13.50
C ASN C 439 -5.55 -6.14 14.03
N SER C 440 -5.69 -4.97 14.67
CA SER C 440 -6.92 -4.62 15.35
C SER C 440 -8.08 -4.48 14.39
N ALA C 441 -7.83 -3.95 13.19
CA ALA C 441 -8.90 -3.79 12.21
C ALA C 441 -9.47 -5.15 11.80
N ILE C 442 -8.59 -6.11 11.54
CA ILE C 442 -9.04 -7.45 11.17
C ILE C 442 -9.76 -8.13 12.33
N SER C 443 -9.25 -7.92 13.56
CA SER C 443 -9.92 -8.50 14.72
C SER C 443 -11.32 -7.93 14.88
N ASN C 444 -11.48 -6.61 14.69
CA ASN C 444 -12.80 -5.99 14.79
C ASN C 444 -13.72 -6.50 13.70
N VAL C 445 -13.19 -6.68 12.49
CA VAL C 445 -14.00 -7.24 11.41
C VAL C 445 -14.46 -8.65 11.75
N ILE C 446 -13.57 -9.45 12.34
CA ILE C 446 -13.93 -10.81 12.77
C ILE C 446 -15.07 -10.75 13.78
N ASP C 447 -14.93 -9.86 14.78
CA ASP C 447 -15.96 -9.77 15.81
C ASP C 447 -17.30 -9.34 15.22
N TRP C 448 -17.28 -8.35 14.32
CA TRP C 448 -18.53 -7.89 13.72
C TRP C 448 -19.16 -8.97 12.85
N PHE C 449 -18.35 -9.74 12.13
CA PHE C 449 -18.89 -10.82 11.32
C PHE C 449 -19.52 -11.90 12.20
N ASN C 450 -18.88 -12.22 13.33
CA ASN C 450 -19.47 -13.17 14.26
C ASN C 450 -20.80 -12.65 14.81
N SER C 451 -20.86 -11.36 15.14
CA SER C 451 -22.11 -10.77 15.61
C SER C 451 -23.19 -10.84 14.55
N LEU C 452 -22.83 -10.55 13.29
CA LEU C 452 -23.80 -10.62 12.21
C LEU C 452 -24.30 -12.05 12.01
N LEU C 453 -23.40 -13.03 12.10
CA LEU C 453 -23.83 -14.42 11.98
C LEU C 453 -24.77 -14.83 13.10
N ASN C 454 -24.48 -14.38 14.33
CA ASN C 454 -25.37 -14.64 15.44
C ASN C 454 -26.75 -14.05 15.19
N PHE C 455 -26.78 -12.79 14.73
CA PHE C 455 -28.06 -12.16 14.40
C PHE C 455 -28.78 -12.90 13.30
N GLN C 456 -28.04 -13.36 12.29
CA GLN C 456 -28.62 -14.11 11.18
C GLN C 456 -29.32 -15.37 11.67
N ASP C 457 -28.62 -16.18 12.45
CA ASP C 457 -29.21 -17.43 12.90
C ASP C 457 -30.39 -17.17 13.85
N THR C 458 -30.26 -16.17 14.74
CA THR C 458 -31.37 -15.87 15.64
C THR C 458 -32.59 -15.41 14.86
N THR C 459 -32.41 -14.57 13.85
CA THR C 459 -33.55 -14.09 13.07
C THR C 459 -34.20 -15.23 12.28
N THR C 460 -33.39 -16.11 11.69
CA THR C 460 -33.97 -17.23 10.96
C THR C 460 -34.76 -18.15 11.90
N SER C 461 -34.20 -18.45 13.07
CA SER C 461 -34.91 -19.28 14.03
C SER C 461 -36.19 -18.62 14.50
N ASN C 462 -36.15 -17.31 14.74
CA ASN C 462 -37.35 -16.59 15.16
C ASN C 462 -38.43 -16.60 14.08
N GLN C 463 -38.02 -16.43 12.82
CA GLN C 463 -38.99 -16.48 11.72
C GLN C 463 -39.64 -17.85 11.65
N ILE C 464 -38.84 -18.91 11.71
CA ILE C 464 -39.39 -20.27 11.63
C ILE C 464 -40.34 -20.51 12.80
N ASN C 465 -39.93 -20.12 14.01
CA ASN C 465 -40.76 -20.34 15.18
C ASN C 465 -42.07 -19.57 15.11
N GLN C 466 -42.01 -18.31 14.65
CA GLN C 466 -43.23 -17.51 14.57
C GLN C 466 -44.19 -18.07 13.54
N GLN C 467 -43.69 -18.47 12.38
CA GLN C 467 -44.60 -18.99 11.36
C GLN C 467 -45.17 -20.34 11.77
N ASN C 468 -44.38 -21.18 12.45
CA ASN C 468 -44.92 -22.44 12.97
C ASN C 468 -45.95 -22.17 14.06
N PHE C 469 -45.73 -21.15 14.88
CA PHE C 469 -46.72 -20.74 15.87
C PHE C 469 -48.03 -20.38 15.19
N GLN C 470 -47.94 -19.59 14.11
CA GLN C 470 -49.15 -19.20 13.39
C GLN C 470 -49.86 -20.41 12.82
N ILE C 471 -49.12 -21.33 12.20
CA ILE C 471 -49.73 -22.51 11.62
C ILE C 471 -50.42 -23.34 12.69
N ALA C 472 -49.75 -23.54 13.83
CA ALA C 472 -50.34 -24.34 14.91
C ALA C 472 -51.59 -23.68 15.47
N THR C 473 -51.54 -22.36 15.68
CA THR C 473 -52.70 -21.66 16.22
C THR C 473 -53.88 -21.72 15.26
N LEU C 474 -53.62 -21.58 13.97
CA LEU C 474 -54.69 -21.69 12.99
C LEU C 474 -55.26 -23.10 12.94
N ALA C 475 -54.38 -24.11 13.04
CA ALA C 475 -54.84 -25.50 12.99
C ALA C 475 -55.71 -25.83 14.18
N SER C 476 -55.28 -25.44 15.38
CA SER C 476 -56.09 -25.62 16.57
C SER C 476 -57.07 -24.45 16.72
N GLY C 477 -57.69 -24.34 17.89
CA GLY C 477 -58.61 -23.25 18.12
C GLY C 477 -59.77 -23.60 19.03
N ILE C 478 -60.98 -23.39 18.53
CA ILE C 478 -62.20 -23.57 19.31
C ILE C 478 -62.89 -24.84 18.81
N LYS C 479 -63.20 -25.73 19.74
CA LYS C 479 -63.96 -26.94 19.45
C LYS C 479 -65.35 -26.83 20.06
N LYS C 480 -66.30 -27.51 19.45
CA LYS C 480 -67.67 -27.48 19.95
C LYS C 480 -67.76 -28.20 21.30
N GLN C 481 -68.57 -27.66 22.19
CA GLN C 481 -68.73 -28.25 23.52
C GLN C 481 -69.50 -29.57 23.41
N GLN C 482 -69.69 -30.21 24.56
CA GLN C 482 -70.31 -31.53 24.57
C GLN C 482 -71.78 -31.46 24.18
N TRP C 483 -72.50 -30.42 24.63
CA TRP C 483 -73.92 -30.35 24.35
C TRP C 483 -74.20 -29.91 22.91
N GLU C 484 -73.37 -29.02 22.37
CA GLU C 484 -73.60 -28.56 21.00
C GLU C 484 -73.47 -29.72 20.00
N CYS C 485 -72.46 -30.57 20.17
CA CYS C 485 -72.29 -31.72 19.31
C CYS C 485 -71.56 -32.82 20.06
N ARG C 486 -71.73 -34.05 19.56
CA ARG C 486 -70.98 -35.17 20.11
C ARG C 486 -69.50 -35.07 19.74
N TYR C 487 -69.21 -34.78 18.47
CA TYR C 487 -67.84 -34.68 18.03
C TYR C 487 -67.26 -33.31 18.39
N SER C 488 -65.92 -33.27 18.44
CA SER C 488 -65.24 -32.04 18.85
C SER C 488 -65.51 -30.90 17.88
N THR C 489 -65.42 -31.18 16.58
CA THR C 489 -65.63 -30.18 15.54
C THR C 489 -66.76 -30.62 14.64
N ALA C 490 -67.82 -29.82 14.58
CA ALA C 490 -68.98 -30.13 13.76
C ALA C 490 -69.88 -28.91 13.71
N PHE C 491 -70.95 -29.02 12.93
CA PHE C 491 -71.97 -27.99 12.81
C PHE C 491 -73.33 -28.66 12.79
N VAL C 492 -74.25 -28.13 13.58
CA VAL C 492 -75.58 -28.71 13.73
C VAL C 492 -76.62 -27.64 13.50
N THR C 493 -77.77 -28.05 12.94
CA THR C 493 -78.85 -27.10 12.70
C THR C 493 -79.40 -26.55 14.01
N PHE C 494 -79.36 -27.33 15.09
CA PHE C 494 -79.68 -26.86 16.42
C PHE C 494 -79.11 -27.85 17.42
N PRO C 495 -78.64 -27.38 18.59
CA PRO C 495 -77.84 -28.23 19.49
C PRO C 495 -78.35 -29.65 19.68
N GLU C 496 -77.41 -30.60 19.66
CA GLU C 496 -77.73 -32.02 19.84
C GLU C 496 -78.36 -32.30 21.20
N MET C 497 -78.15 -31.41 22.17
CA MET C 497 -78.70 -31.63 23.49
C MET C 497 -80.22 -31.68 23.49
N PHE C 498 -80.87 -30.99 22.54
CA PHE C 498 -82.31 -31.07 22.44
C PHE C 498 -82.76 -32.45 21.99
N CYS C 499 -82.06 -33.03 21.01
CA CYS C 499 -82.38 -34.39 20.58
C CYS C 499 -82.08 -35.40 21.67
N ASP C 500 -81.06 -35.14 22.48
CA ASP C 500 -80.69 -36.10 23.52
C ASP C 500 -81.55 -35.98 24.77
N TRP C 501 -82.13 -34.81 25.03
CA TRP C 501 -82.78 -34.54 26.30
C TRP C 501 -84.15 -33.90 26.13
N GLY C 502 -84.73 -33.45 27.24
CA GLY C 502 -86.04 -32.82 27.21
C GLY C 502 -86.27 -32.00 28.45
N PHE C 503 -87.33 -31.20 28.40
CA PHE C 503 -87.68 -30.28 29.49
C PHE C 503 -88.85 -30.84 30.28
N ALA C 504 -88.80 -30.70 31.59
CA ALA C 504 -89.94 -31.05 32.43
C ALA C 504 -90.96 -29.91 32.42
N LEU C 505 -92.23 -30.27 32.37
CA LEU C 505 -93.29 -29.27 32.33
C LEU C 505 -93.68 -28.84 33.74
N GLY C 506 -94.37 -27.70 33.81
CA GLY C 506 -94.84 -27.18 35.08
C GLY C 506 -95.90 -26.14 34.87
N GLY C 507 -96.63 -25.85 35.94
CA GLY C 507 -97.69 -24.85 35.87
C GLY C 507 -99.07 -25.44 35.87
N THR C 508 -99.98 -24.80 35.14
CA THR C 508 -101.38 -25.22 35.11
C THR C 508 -101.96 -24.91 33.74
N THR C 509 -102.86 -25.78 33.27
CA THR C 509 -103.51 -25.59 31.98
C THR C 509 -104.63 -24.54 32.10
N GLY C 510 -105.40 -24.39 31.05
CA GLY C 510 -106.48 -23.40 31.03
C GLY C 510 -107.87 -24.02 31.03
N ALA C 511 -108.78 -23.41 30.27
CA ALA C 511 -110.16 -23.88 30.23
C ALA C 511 -110.27 -25.18 29.43
N GLN C 512 -111.43 -25.80 29.52
CA GLN C 512 -111.70 -27.07 28.87
C GLN C 512 -112.57 -26.88 27.63
N SER C 513 -112.55 -27.88 26.75
CA SER C 513 -113.40 -27.85 25.58
C SER C 513 -114.86 -28.03 25.95
N THR C 514 -115.15 -29.01 26.81
CA THR C 514 -116.52 -29.29 27.23
C THR C 514 -116.47 -29.97 28.59
N GLY C 515 -117.61 -29.94 29.28
CA GLY C 515 -117.72 -30.53 30.59
C GLY C 515 -117.49 -29.52 31.70
N THR C 516 -117.36 -30.05 32.91
CA THR C 516 -117.12 -29.22 34.09
C THR C 516 -115.80 -28.48 33.94
N ALA C 517 -115.83 -27.18 34.22
CA ALA C 517 -114.63 -26.36 34.09
C ALA C 517 -113.61 -26.73 35.16
N HIS C 518 -112.39 -27.03 34.72
CA HIS C 518 -111.31 -27.39 35.62
C HIS C 518 -109.98 -27.17 34.92
N THR C 519 -108.93 -27.07 35.71
CA THR C 519 -107.58 -26.87 35.21
C THR C 519 -106.67 -27.93 35.82
N HIS C 520 -106.04 -28.74 34.97
CA HIS C 520 -105.14 -29.79 35.44
C HIS C 520 -103.80 -29.21 35.85
N THR C 521 -103.17 -29.87 36.82
CA THR C 521 -101.90 -29.41 37.36
C THR C 521 -100.76 -30.12 36.63
N LEU C 522 -99.87 -29.33 36.04
CA LEU C 522 -98.71 -29.88 35.35
C LEU C 522 -97.70 -30.44 36.35
N ASN C 523 -96.89 -31.37 35.88
CA ASN C 523 -95.88 -32.00 36.71
C ASN C 523 -94.73 -32.47 35.82
N THR C 524 -93.78 -33.17 36.41
CA THR C 524 -92.61 -33.65 35.68
C THR C 524 -92.96 -34.75 34.68
N ASP C 525 -94.16 -35.32 34.75
CA ASP C 525 -94.55 -36.36 33.81
C ASP C 525 -94.72 -35.83 32.40
N GLY C 526 -94.86 -34.51 32.23
CA GLY C 526 -94.95 -33.91 30.92
C GLY C 526 -93.56 -33.53 30.43
N LEU C 527 -93.22 -34.00 29.23
CA LEU C 527 -91.91 -33.79 28.64
C LEU C 527 -92.05 -32.97 27.36
N ALA C 528 -91.24 -31.92 27.24
CA ALA C 528 -91.14 -31.13 26.03
C ALA C 528 -89.84 -31.47 25.33
N ALA C 529 -89.93 -31.99 24.11
CA ALA C 529 -88.76 -32.39 23.36
C ALA C 529 -89.11 -32.39 21.88
N LEU C 530 -88.25 -33.00 21.07
CA LEU C 530 -88.49 -33.07 19.63
C LEU C 530 -89.60 -34.07 19.33
N GLN C 531 -90.26 -33.87 18.20
CA GLN C 531 -91.26 -34.80 17.71
C GLN C 531 -90.67 -35.66 16.61
N ILE C 532 -91.45 -36.64 16.17
CA ILE C 532 -91.04 -37.55 15.11
C ILE C 532 -91.98 -37.36 13.93
N GLN C 533 -91.42 -37.32 12.73
CA GLN C 533 -92.19 -37.12 11.50
C GLN C 533 -91.96 -38.31 10.59
N ILE C 534 -93.01 -39.03 10.27
CA ILE C 534 -92.93 -40.12 9.30
C ILE C 534 -92.94 -39.52 7.90
N LEU C 535 -92.38 -40.26 6.95
CA LEU C 535 -92.24 -39.71 5.62
C LEU C 535 -92.24 -40.86 4.60
N PRO C 536 -93.02 -40.74 3.54
CA PRO C 536 -93.11 -41.83 2.55
C PRO C 536 -91.99 -41.73 1.52
N ALA C 537 -91.95 -42.72 0.64
CA ALA C 537 -90.95 -42.74 -0.42
C ALA C 537 -91.14 -41.57 -1.37
N GLY C 538 -90.03 -41.07 -1.91
CA GLY C 538 -90.06 -39.96 -2.83
C GLY C 538 -90.18 -38.60 -2.19
N TYR C 539 -90.23 -38.52 -0.86
CA TYR C 539 -90.33 -37.26 -0.14
C TYR C 539 -88.99 -36.96 0.50
N ALA C 540 -88.44 -35.78 0.20
CA ALA C 540 -87.12 -35.39 0.68
C ALA C 540 -87.26 -34.23 1.65
N ILE C 541 -86.48 -34.27 2.74
CA ILE C 541 -86.52 -33.24 3.77
C ILE C 541 -85.11 -32.84 4.13
N GLY C 542 -84.90 -31.54 4.31
CA GLY C 542 -83.57 -31.05 4.67
C GLY C 542 -83.63 -29.75 5.42
N GLY C 543 -82.55 -29.45 6.12
CA GLY C 543 -82.45 -28.23 6.90
C GLY C 543 -81.12 -27.53 6.64
N TYR C 544 -81.15 -26.22 6.81
CA TYR C 544 -79.96 -25.40 6.59
C TYR C 544 -79.00 -25.54 7.77
N ILE C 545 -77.71 -25.59 7.47
CA ILE C 545 -76.67 -25.71 8.49
C ILE C 545 -75.74 -24.51 8.36
N GLY C 546 -75.50 -23.82 9.47
CA GLY C 546 -74.50 -22.77 9.48
C GLY C 546 -73.11 -23.32 9.69
N ILE C 547 -72.13 -22.56 9.23
CA ILE C 547 -70.71 -22.91 9.37
C ILE C 547 -70.07 -21.90 10.29
N SER C 548 -69.58 -22.37 11.44
CA SER C 548 -68.98 -21.48 12.42
C SER C 548 -67.51 -21.20 12.09
N ASP C 549 -66.72 -22.26 12.00
CA ASP C 549 -65.29 -22.15 11.68
C ASP C 549 -64.98 -23.07 10.51
N THR C 550 -64.19 -22.57 9.57
CA THR C 550 -63.87 -23.34 8.37
C THR C 550 -63.03 -24.56 8.71
N THR C 551 -63.30 -25.66 8.02
CA THR C 551 -62.60 -26.92 8.18
C THR C 551 -62.96 -27.81 7.00
N ILE C 552 -62.58 -29.08 7.08
CA ILE C 552 -62.91 -30.07 6.06
C ILE C 552 -63.93 -31.05 6.66
N VAL C 553 -65.03 -31.26 5.95
CA VAL C 553 -66.09 -32.15 6.43
C VAL C 553 -65.77 -33.56 5.94
N ASP C 554 -66.18 -34.55 6.72
CA ASP C 554 -65.88 -35.94 6.39
C ASP C 554 -67.12 -36.81 6.49
N THR C 555 -68.06 -36.43 7.34
CA THR C 555 -69.24 -37.26 7.56
C THR C 555 -70.43 -36.39 7.92
N ILE C 556 -71.62 -36.95 7.72
CA ILE C 556 -72.87 -36.27 8.04
C ILE C 556 -73.77 -37.22 8.82
N ALA C 557 -74.61 -36.64 9.67
CA ALA C 557 -75.41 -37.41 10.61
C ALA C 557 -76.83 -36.88 10.66
N MET C 558 -77.76 -37.79 10.91
CA MET C 558 -79.17 -37.43 11.07
C MET C 558 -79.83 -38.43 12.00
N LYS C 559 -80.85 -37.97 12.72
CA LYS C 559 -81.57 -38.80 13.67
C LYS C 559 -82.85 -39.31 12.99
N MET C 560 -82.88 -40.61 12.68
CA MET C 560 -84.00 -41.19 11.96
C MET C 560 -84.02 -42.70 12.21
N TYR C 561 -85.12 -43.31 11.79
CA TYR C 561 -85.31 -44.75 11.91
C TYR C 561 -86.33 -45.18 10.86
N LYS C 562 -86.64 -46.48 10.85
CA LYS C 562 -87.64 -47.05 9.96
C LYS C 562 -88.84 -47.54 10.77
N GLU C 563 -90.03 -47.35 10.21
CA GLU C 563 -91.25 -47.73 10.93
C GLU C 563 -91.36 -49.24 11.06
N THR C 564 -91.41 -49.95 9.95
CA THR C 564 -91.51 -51.40 9.94
C THR C 564 -90.14 -52.04 9.74
N SER C 565 -90.07 -53.33 10.03
CA SER C 565 -88.82 -54.08 9.95
C SER C 565 -88.55 -54.61 8.55
N SER C 566 -89.35 -54.23 7.56
CA SER C 566 -89.16 -54.72 6.20
C SER C 566 -87.87 -54.15 5.60
N ALA C 567 -87.36 -54.84 4.58
CA ALA C 567 -86.14 -54.41 3.93
C ALA C 567 -86.33 -53.07 3.23
N ILE C 568 -85.30 -52.23 3.28
CA ILE C 568 -85.35 -50.91 2.69
C ILE C 568 -84.05 -50.66 1.92
N ASN C 569 -84.14 -49.73 0.97
CA ASN C 569 -82.99 -49.32 0.17
C ASN C 569 -83.25 -47.90 -0.33
N ASN C 570 -82.30 -47.39 -1.11
CA ASN C 570 -82.44 -46.09 -1.77
C ASN C 570 -82.75 -44.97 -0.77
N VAL C 571 -82.11 -45.03 0.39
CA VAL C 571 -82.17 -43.96 1.38
C VAL C 571 -80.86 -43.21 1.31
N TYR C 572 -80.92 -41.96 0.88
CA TYR C 572 -79.73 -41.17 0.61
C TYR C 572 -79.67 -39.95 1.52
N LEU C 573 -78.48 -39.68 2.05
CA LEU C 573 -78.18 -38.45 2.75
C LEU C 573 -77.18 -37.67 1.90
N GLU C 574 -77.51 -36.43 1.57
CA GLU C 574 -76.70 -35.63 0.67
C GLU C 574 -76.50 -34.24 1.26
N VAL C 575 -75.49 -33.55 0.74
CA VAL C 575 -75.12 -32.22 1.22
C VAL C 575 -75.17 -31.25 0.05
N PHE C 576 -75.76 -30.09 0.28
CA PHE C 576 -75.90 -29.04 -0.73
C PHE C 576 -75.29 -27.75 -0.20
N ARG C 577 -74.44 -27.13 -1.00
CA ARG C 577 -73.92 -25.81 -0.68
C ARG C 577 -74.83 -24.74 -1.27
N GLU C 578 -75.08 -23.69 -0.50
CA GLU C 578 -75.87 -22.57 -0.99
C GLU C 578 -74.95 -21.51 -1.57
N ASP C 579 -75.16 -21.15 -2.83
CA ASP C 579 -74.33 -20.16 -3.50
C ASP C 579 -74.76 -18.76 -3.08
N SER C 580 -74.20 -17.75 -3.73
CA SER C 580 -74.61 -16.38 -3.44
C SER C 580 -76.06 -16.14 -3.84
N THR C 581 -76.49 -16.72 -4.95
CA THR C 581 -77.85 -16.55 -5.44
C THR C 581 -78.87 -17.35 -4.65
N GLY C 582 -78.42 -18.22 -3.73
CA GLY C 582 -79.31 -19.07 -2.98
C GLY C 582 -79.55 -20.44 -3.59
N ALA C 583 -79.02 -20.69 -4.78
CA ALA C 583 -79.17 -22.01 -5.39
C ALA C 583 -78.34 -23.05 -4.63
N LEU C 584 -78.85 -24.28 -4.63
CA LEU C 584 -78.21 -25.39 -3.92
C LEU C 584 -77.48 -26.27 -4.92
N THR C 585 -76.20 -26.53 -4.65
CA THR C 585 -75.38 -27.40 -5.49
C THR C 585 -74.95 -28.60 -4.68
N SER C 586 -75.16 -29.80 -5.24
CA SER C 586 -74.77 -31.02 -4.55
C SER C 586 -73.26 -31.18 -4.58
N VAL C 587 -72.68 -31.53 -3.43
CA VAL C 587 -71.24 -31.70 -3.31
C VAL C 587 -70.94 -33.04 -2.66
N GLY C 588 -71.96 -33.86 -2.44
CA GLY C 588 -71.76 -35.16 -1.85
C GLY C 588 -73.04 -35.87 -1.47
N SER C 589 -73.04 -37.20 -1.58
CA SER C 589 -74.18 -38.02 -1.21
C SER C 589 -73.69 -39.38 -0.77
N VAL C 590 -74.53 -40.08 0.00
CA VAL C 590 -74.16 -41.37 0.56
C VAL C 590 -75.43 -42.16 0.86
N ASP C 591 -75.36 -43.47 0.66
CA ASP C 591 -76.46 -44.37 0.95
C ASP C 591 -76.38 -44.82 2.40
N VAL C 592 -77.48 -44.65 3.14
CA VAL C 592 -77.52 -44.97 4.56
C VAL C 592 -78.57 -46.02 4.88
N SER C 593 -79.22 -46.60 3.87
CA SER C 593 -80.29 -47.56 4.13
C SER C 593 -79.75 -48.83 4.77
N GLY C 594 -78.50 -49.19 4.51
CA GLY C 594 -77.97 -50.43 5.05
C GLY C 594 -77.84 -50.43 6.56
N GLN C 595 -77.40 -49.30 7.12
CA GLN C 595 -77.11 -49.21 8.55
C GLN C 595 -78.28 -48.68 9.37
N LEU C 596 -79.44 -48.47 8.75
CA LEU C 596 -80.60 -47.97 9.49
C LEU C 596 -81.11 -49.04 10.45
N THR C 597 -81.74 -48.59 11.53
CA THR C 597 -82.29 -49.46 12.56
C THR C 597 -83.71 -49.02 12.89
N THR C 598 -84.53 -49.99 13.32
CA THR C 598 -85.91 -49.68 13.67
C THR C 598 -85.99 -48.71 14.84
N ALA C 599 -85.14 -48.89 15.84
CA ALA C 599 -85.10 -47.97 16.97
C ALA C 599 -84.56 -46.62 16.53
N SER C 600 -85.03 -45.56 17.19
CA SER C 600 -84.61 -44.21 16.88
C SER C 600 -83.15 -44.04 17.31
N ASP C 601 -82.24 -44.05 16.35
CA ASP C 601 -80.82 -43.96 16.62
C ASP C 601 -80.15 -43.07 15.58
N TYR C 602 -78.99 -42.55 15.94
CA TYR C 602 -78.24 -41.67 15.05
C TYR C 602 -77.72 -42.46 13.85
N VAL C 603 -77.68 -41.79 12.70
CA VAL C 603 -77.14 -42.35 11.48
C VAL C 603 -76.00 -41.45 11.04
N GLU C 604 -74.79 -41.99 11.03
CA GLU C 604 -73.58 -41.26 10.66
C GLU C 604 -72.98 -41.94 9.43
N ALA C 605 -72.73 -41.16 8.39
CA ALA C 605 -72.24 -41.71 7.12
C ALA C 605 -71.12 -40.84 6.58
N THR C 606 -70.09 -41.51 6.06
CA THR C 606 -68.91 -40.84 5.53
C THR C 606 -69.15 -40.41 4.08
N LEU C 607 -68.76 -39.18 3.77
CA LEU C 607 -68.87 -38.68 2.41
C LEU C 607 -67.88 -39.39 1.50
N PRO C 608 -68.16 -39.46 0.19
CA PRO C 608 -67.18 -40.05 -0.72
C PRO C 608 -65.84 -39.34 -0.72
N ALA C 609 -65.85 -38.02 -0.51
CA ALA C 609 -64.61 -37.25 -0.44
C ALA C 609 -64.85 -36.03 0.43
N GLY C 610 -63.76 -35.44 0.91
CA GLY C 610 -63.87 -34.25 1.73
C GLY C 610 -64.40 -33.07 0.93
N VAL C 611 -65.19 -32.25 1.60
CA VAL C 611 -65.78 -31.06 1.00
C VAL C 611 -65.39 -29.88 1.88
N ILE C 612 -64.49 -29.02 1.38
CA ILE C 612 -64.04 -27.88 2.16
C ILE C 612 -65.19 -26.90 2.37
N VAL C 613 -65.33 -26.43 3.61
CA VAL C 613 -66.37 -25.49 3.97
C VAL C 613 -65.73 -24.26 4.59
N ASN C 614 -66.41 -23.13 4.48
CA ASN C 614 -65.91 -21.86 5.00
C ASN C 614 -67.00 -21.18 5.82
N ALA C 615 -66.56 -20.42 6.82
CA ALA C 615 -67.50 -19.70 7.67
C ALA C 615 -68.23 -18.64 6.88
N GLY C 616 -69.54 -18.54 7.11
CA GLY C 616 -70.39 -17.58 6.43
C GLY C 616 -71.31 -18.17 5.39
N GLU C 617 -70.97 -19.33 4.85
CA GLU C 617 -71.82 -20.00 3.88
C GLU C 617 -72.79 -20.96 4.59
N ARG C 618 -73.81 -21.38 3.86
CA ARG C 618 -74.84 -22.24 4.41
C ARG C 618 -74.90 -23.55 3.62
N TYR C 619 -75.20 -24.62 4.35
CA TYR C 619 -75.26 -25.96 3.80
C TYR C 619 -76.54 -26.65 4.23
N VAL C 620 -77.01 -27.57 3.40
CA VAL C 620 -78.26 -28.29 3.62
C VAL C 620 -77.96 -29.77 3.64
N VAL C 621 -78.44 -30.48 4.65
CA VAL C 621 -78.33 -31.93 4.73
C VAL C 621 -79.70 -32.50 4.40
N ARG C 622 -79.81 -33.14 3.25
CA ARG C 622 -81.08 -33.61 2.72
C ARG C 622 -81.16 -35.13 2.82
N MET C 623 -82.30 -35.61 3.33
CA MET C 623 -82.64 -37.03 3.30
C MET C 623 -83.66 -37.25 2.20
N ARG C 624 -83.36 -38.19 1.30
CA ARG C 624 -84.12 -38.37 0.07
C ARG C 624 -85.23 -39.41 0.22
N ASN C 625 -84.87 -40.64 0.59
CA ASN C 625 -85.82 -41.74 0.79
C ASN C 625 -86.64 -42.01 -0.48
N ALA C 626 -85.95 -42.47 -1.50
CA ALA C 626 -86.56 -42.87 -2.76
C ALA C 626 -86.68 -44.39 -2.87
N THR C 627 -87.01 -45.06 -1.76
CA THR C 627 -86.97 -46.50 -1.67
C THR C 627 -87.92 -47.15 -2.67
N THR C 628 -87.73 -48.45 -2.86
CA THR C 628 -88.53 -49.26 -3.78
C THR C 628 -89.53 -50.15 -3.06
N VAL C 629 -89.16 -50.73 -1.92
CA VAL C 629 -90.07 -51.60 -1.18
C VAL C 629 -91.29 -50.81 -0.70
N GLY C 630 -91.07 -49.61 -0.17
CA GLY C 630 -92.15 -48.75 0.27
C GLY C 630 -92.20 -48.46 1.76
N ASN C 631 -91.27 -48.97 2.56
CA ASN C 631 -91.29 -48.69 3.99
C ASN C 631 -90.94 -47.22 4.24
N ARG C 632 -91.74 -46.57 5.09
CA ARG C 632 -91.55 -45.16 5.37
C ARG C 632 -90.35 -44.96 6.30
N VAL C 633 -89.90 -43.71 6.37
CA VAL C 633 -88.75 -43.32 7.18
C VAL C 633 -89.19 -42.25 8.17
N GLY C 634 -88.89 -42.44 9.45
CA GLY C 634 -89.24 -41.46 10.46
C GLY C 634 -88.04 -40.67 10.93
N VAL C 635 -88.08 -39.36 10.73
CA VAL C 635 -86.98 -38.46 11.07
C VAL C 635 -87.39 -37.62 12.28
N SER C 636 -86.46 -37.47 13.23
CA SER C 636 -86.72 -36.65 14.40
C SER C 636 -86.59 -35.17 14.02
N VAL C 637 -87.65 -34.41 14.21
CA VAL C 637 -87.70 -33.00 13.87
C VAL C 637 -88.19 -32.22 15.09
N MET C 638 -88.18 -30.90 14.96
CA MET C 638 -88.73 -30.02 15.98
C MET C 638 -89.64 -29.01 15.31
N LYS C 639 -90.82 -28.81 15.90
CA LYS C 639 -91.86 -28.03 15.24
C LYS C 639 -91.44 -26.56 15.12
N GLU C 640 -91.74 -25.98 13.97
CA GLU C 640 -91.46 -24.57 13.72
C GLU C 640 -92.72 -23.74 13.95
N LEU C 641 -92.51 -22.51 14.40
CA LEU C 641 -93.60 -21.59 14.67
C LEU C 641 -93.73 -20.59 13.53
N VAL C 642 -94.97 -20.35 13.09
CA VAL C 642 -95.19 -19.46 11.97
C VAL C 642 -94.85 -18.03 12.36
N GLY C 643 -94.67 -17.18 11.35
CA GLY C 643 -94.30 -15.80 11.56
C GLY C 643 -92.82 -15.53 11.59
N GLY C 644 -91.98 -16.56 11.52
CA GLY C 644 -90.54 -16.40 11.54
C GLY C 644 -89.89 -16.78 10.23
N ARG C 645 -88.56 -16.81 10.25
CA ARG C 645 -87.79 -17.15 9.06
C ARG C 645 -87.98 -18.62 8.70
N GLU C 646 -88.03 -18.89 7.39
CA GLU C 646 -88.17 -20.23 6.87
C GLU C 646 -86.82 -20.67 6.31
N LEU C 647 -86.25 -21.74 6.89
CA LEU C 647 -84.93 -22.20 6.49
C LEU C 647 -84.85 -23.73 6.44
N SER C 648 -85.96 -24.39 6.13
CA SER C 648 -85.99 -25.82 5.89
C SER C 648 -86.65 -26.09 4.55
N ILE C 649 -86.14 -27.09 3.84
CA ILE C 649 -86.66 -27.43 2.51
C ILE C 649 -87.33 -28.79 2.58
N ARG C 650 -88.39 -28.93 1.78
CA ARG C 650 -89.16 -30.17 1.73
C ARG C 650 -89.75 -30.31 0.35
N THR C 651 -89.50 -31.45 -0.29
CA THR C 651 -90.00 -31.74 -1.63
C THR C 651 -90.77 -33.04 -1.62
N GLU C 652 -91.82 -33.10 -2.43
CA GLU C 652 -92.70 -34.26 -2.48
C GLU C 652 -92.60 -35.07 -3.77
N THR C 653 -92.45 -34.41 -4.92
CA THR C 653 -92.39 -35.12 -6.18
C THR C 653 -91.07 -35.90 -6.29
N ALA C 654 -91.16 -37.06 -6.97
CA ALA C 654 -89.98 -37.89 -7.15
C ALA C 654 -88.91 -37.17 -7.96
N THR C 655 -89.33 -36.35 -8.93
CA THR C 655 -88.36 -35.59 -9.71
C THR C 655 -87.58 -34.63 -8.83
N ASP C 656 -88.28 -33.89 -7.95
CA ASP C 656 -87.59 -32.98 -7.04
C ASP C 656 -86.73 -33.73 -6.04
N SER C 657 -87.18 -34.90 -5.59
CA SER C 657 -86.38 -35.70 -4.68
C SER C 657 -85.07 -36.15 -5.35
N ASN C 658 -85.14 -36.55 -6.61
CA ASN C 658 -83.95 -36.97 -7.33
C ASN C 658 -83.16 -35.80 -7.89
N LYS C 659 -83.67 -34.58 -7.79
CA LYS C 659 -82.94 -33.41 -8.28
C LYS C 659 -81.61 -33.26 -7.56
N THR C 660 -80.58 -32.87 -8.31
CA THR C 660 -79.25 -32.67 -7.77
C THR C 660 -78.75 -31.24 -7.88
N PHE C 661 -79.53 -30.35 -8.48
CA PHE C 661 -79.14 -28.94 -8.61
C PHE C 661 -80.41 -28.10 -8.56
N TYR C 662 -80.75 -27.61 -7.38
CA TYR C 662 -81.97 -26.84 -7.20
C TYR C 662 -81.78 -25.39 -7.64
N THR C 663 -82.77 -24.87 -8.36
CA THR C 663 -82.79 -23.47 -8.74
C THR C 663 -83.36 -22.62 -7.61
N PRO C 664 -83.10 -21.32 -7.62
CA PRO C 664 -83.64 -20.47 -6.56
C PRO C 664 -85.16 -20.51 -6.46
N SER C 665 -85.86 -20.61 -7.58
CA SER C 665 -87.32 -20.68 -7.54
C SER C 665 -87.79 -21.94 -6.82
N GLU C 666 -87.19 -23.09 -7.17
CA GLU C 666 -87.55 -24.33 -6.49
C GLU C 666 -87.18 -24.29 -5.02
N VAL C 667 -86.06 -23.64 -4.69
CA VAL C 667 -85.66 -23.49 -3.30
C VAL C 667 -86.71 -22.70 -2.53
N LEU C 668 -87.18 -21.60 -3.11
CA LEU C 668 -88.19 -20.78 -2.46
C LEU C 668 -89.50 -21.56 -2.29
N THR C 669 -89.90 -22.31 -3.32
CA THR C 669 -91.11 -23.11 -3.21
C THR C 669 -91.00 -24.16 -2.12
N ALA C 670 -89.85 -24.84 -2.05
CA ALA C 670 -89.65 -25.84 -1.01
C ALA C 670 -89.66 -25.20 0.38
N GLN C 671 -89.04 -24.03 0.52
CA GLN C 671 -89.04 -23.33 1.80
C GLN C 671 -90.46 -22.96 2.21
N GLY C 672 -91.27 -22.48 1.26
CA GLY C 672 -92.65 -22.15 1.58
C GLY C 672 -93.47 -23.38 1.96
N VAL C 673 -93.26 -24.49 1.25
CA VAL C 673 -94.04 -25.70 1.50
C VAL C 673 -93.67 -26.31 2.85
N SER C 674 -92.39 -26.27 3.21
CA SER C 674 -91.91 -27.00 4.37
C SER C 674 -92.58 -26.55 5.66
N VAL C 675 -92.84 -27.52 6.54
CA VAL C 675 -93.51 -27.25 7.81
C VAL C 675 -92.69 -27.75 9.00
N ILE C 676 -91.70 -28.60 8.79
CA ILE C 676 -90.88 -29.12 9.88
C ILE C 676 -89.44 -28.68 9.69
N MET C 677 -88.58 -29.04 10.64
CA MET C 677 -87.16 -28.70 10.55
C MET C 677 -86.33 -29.84 11.12
N PRO C 678 -85.64 -30.60 10.28
CA PRO C 678 -84.95 -31.81 10.74
C PRO C 678 -83.66 -31.48 11.47
N TRP C 679 -83.17 -32.48 12.20
CA TRP C 679 -81.91 -32.38 12.92
C TRP C 679 -80.80 -32.98 12.06
N ALA C 680 -79.79 -32.17 11.74
CA ALA C 680 -78.72 -32.59 10.84
C ALA C 680 -77.38 -32.17 11.42
N MET C 681 -76.34 -32.92 11.07
CA MET C 681 -75.00 -32.67 11.58
C MET C 681 -73.98 -32.86 10.46
N MET C 682 -73.01 -31.96 10.39
CA MET C 682 -71.86 -32.08 9.50
C MET C 682 -70.61 -32.07 10.37
N ALA C 683 -69.88 -33.18 10.39
CA ALA C 683 -68.84 -33.38 11.39
C ALA C 683 -67.45 -33.28 10.79
N ALA C 684 -66.45 -33.39 11.65
CA ALA C 684 -65.04 -33.37 11.31
C ALA C 684 -64.32 -34.50 12.04
N LYS C 685 -64.84 -35.72 11.89
CA LYS C 685 -64.44 -36.85 12.73
C LYS C 685 -62.92 -37.03 12.77
N ASN C 686 -62.27 -37.08 11.61
CA ASN C 686 -60.83 -37.29 11.54
C ASN C 686 -60.16 -36.15 10.78
N LEU C 687 -59.09 -35.61 11.37
CA LEU C 687 -58.31 -34.54 10.79
C LEU C 687 -56.84 -34.94 10.72
N ALA C 688 -56.15 -34.38 9.73
CA ALA C 688 -54.69 -34.51 9.66
C ALA C 688 -54.10 -33.56 10.68
N THR C 689 -53.93 -34.06 11.91
CA THR C 689 -53.46 -33.23 13.01
C THR C 689 -52.06 -32.71 12.75
N THR C 690 -51.86 -31.41 12.98
CA THR C 690 -50.56 -30.80 12.80
C THR C 690 -49.71 -30.98 14.07
N ASP C 691 -48.42 -30.70 13.93
CA ASP C 691 -47.50 -30.70 15.05
C ASP C 691 -47.50 -29.29 15.64
N GLN C 692 -48.28 -29.10 16.70
CA GLN C 692 -48.42 -27.79 17.31
C GLN C 692 -47.10 -27.33 17.91
N SER C 693 -46.77 -26.06 17.70
CA SER C 693 -45.57 -25.45 18.23
C SER C 693 -45.89 -24.10 18.83
N PHE C 694 -45.18 -23.73 19.89
CA PHE C 694 -45.41 -22.48 20.59
C PHE C 694 -44.07 -21.87 20.98
N SER C 695 -44.09 -20.55 21.15
CA SER C 695 -42.90 -19.82 21.54
C SER C 695 -43.32 -18.54 22.26
N ASP C 696 -42.45 -18.08 23.15
CA ASP C 696 -42.68 -16.87 23.91
C ASP C 696 -41.36 -16.14 24.14
N ASP C 697 -41.34 -14.86 23.81
CA ASP C 697 -40.16 -14.04 24.02
C ASP C 697 -40.05 -13.51 25.44
N PHE C 698 -41.09 -13.71 26.26
CA PHE C 698 -41.09 -13.28 27.66
C PHE C 698 -40.79 -11.78 27.77
N ASN C 699 -41.38 -11.00 26.88
CA ASN C 699 -41.07 -9.58 26.80
C ASN C 699 -42.29 -8.71 27.09
N ARG C 700 -43.03 -9.05 28.13
CA ARG C 700 -44.20 -8.27 28.51
C ARG C 700 -44.13 -7.86 29.98
N SER C 701 -45.21 -7.29 30.51
CA SER C 701 -45.20 -6.73 31.86
C SER C 701 -45.47 -7.78 32.93
N ALA C 702 -46.45 -8.64 32.72
CA ALA C 702 -46.83 -9.65 33.70
C ALA C 702 -46.53 -11.05 33.16
N MET C 703 -46.70 -12.05 34.03
CA MET C 703 -46.45 -13.42 33.62
C MET C 703 -47.42 -13.86 32.53
N GLY C 704 -48.68 -13.47 32.65
CA GLY C 704 -49.68 -13.79 31.65
C GLY C 704 -50.47 -15.04 32.01
N GLY C 705 -51.63 -15.18 31.37
CA GLY C 705 -52.50 -16.32 31.58
C GLY C 705 -52.12 -17.56 30.81
N LEU C 706 -51.05 -17.51 30.01
CA LEU C 706 -50.59 -18.67 29.25
C LEU C 706 -49.57 -19.51 30.01
N TRP C 707 -49.56 -19.43 31.33
CA TRP C 707 -48.58 -20.16 32.12
C TRP C 707 -49.20 -20.53 33.47
N PHE C 708 -49.29 -21.83 33.73
CA PHE C 708 -49.69 -22.31 35.05
C PHE C 708 -48.47 -22.26 35.96
N LEU C 709 -48.56 -21.51 37.05
CA LEU C 709 -47.43 -21.28 37.94
C LEU C 709 -47.58 -22.08 39.21
N LYS C 710 -46.53 -22.80 39.60
CA LYS C 710 -46.52 -23.55 40.84
C LYS C 710 -45.14 -23.45 41.47
N SER C 711 -45.10 -23.08 42.75
CA SER C 711 -43.83 -22.85 43.42
C SER C 711 -43.92 -23.39 44.84
N ASP C 712 -42.75 -23.61 45.43
CA ASP C 712 -42.70 -24.00 46.84
C ASP C 712 -42.60 -22.80 47.78
N THR C 713 -42.53 -21.58 47.24
CA THR C 713 -42.48 -20.40 48.08
C THR C 713 -43.82 -20.17 48.78
N GLY C 714 -44.92 -20.27 48.04
CA GLY C 714 -46.24 -20.10 48.62
C GLY C 714 -47.01 -18.92 48.06
N THR C 715 -46.33 -17.79 47.86
CA THR C 715 -46.96 -16.58 47.34
C THR C 715 -46.34 -16.09 46.04
N ASN C 716 -45.02 -16.17 45.91
CA ASN C 716 -44.33 -15.65 44.74
C ASN C 716 -44.17 -16.74 43.69
N GLN C 717 -44.22 -16.33 42.43
CA GLN C 717 -44.08 -17.27 41.31
C GLN C 717 -43.05 -16.73 40.32
N VAL C 718 -42.94 -17.37 39.16
CA VAL C 718 -42.03 -16.91 38.13
C VAL C 718 -42.51 -15.54 37.64
N GLY C 719 -41.67 -14.52 37.81
CA GLY C 719 -42.01 -13.15 37.45
C GLY C 719 -41.16 -12.68 36.29
N VAL C 720 -41.77 -11.93 35.38
CA VAL C 720 -41.05 -11.37 34.25
C VAL C 720 -40.53 -9.99 34.63
N SER C 721 -39.23 -9.77 34.43
CA SER C 721 -38.59 -8.51 34.69
C SER C 721 -37.54 -8.25 33.61
N GLY C 722 -37.49 -7.02 33.11
CA GLY C 722 -36.54 -6.67 32.08
C GLY C 722 -36.65 -7.52 30.83
N GLY C 723 -37.82 -8.08 30.57
CA GLY C 723 -37.99 -8.97 29.43
C GLY C 723 -37.44 -10.36 29.63
N ARG C 724 -37.31 -10.82 30.86
CA ARG C 724 -36.79 -12.16 31.13
C ARG C 724 -37.48 -12.74 32.35
N ALA C 725 -37.71 -14.05 32.32
CA ALA C 725 -38.27 -14.74 33.48
C ALA C 725 -37.25 -14.81 34.61
N ALA C 726 -37.74 -14.75 35.84
CA ALA C 726 -36.86 -14.74 37.00
C ALA C 726 -37.63 -15.22 38.22
N PHE C 727 -36.86 -15.54 39.26
CA PHE C 727 -37.39 -15.99 40.54
C PHE C 727 -37.80 -14.77 41.35
N SER C 728 -39.09 -14.48 41.37
CA SER C 728 -39.59 -13.35 42.14
C SER C 728 -39.46 -13.63 43.63
N GLY C 729 -39.09 -12.60 44.39
CA GLY C 729 -38.97 -12.71 45.82
C GLY C 729 -37.57 -13.13 46.27
N LEU C 730 -37.34 -12.96 47.57
CA LEU C 730 -36.06 -13.29 48.19
C LEU C 730 -36.09 -14.65 48.90
N THR C 731 -37.19 -15.39 48.79
CA THR C 731 -37.30 -16.66 49.48
C THR C 731 -36.43 -17.71 48.81
N ASP C 732 -36.21 -18.81 49.53
CA ASP C 732 -35.41 -19.93 49.06
C ASP C 732 -36.34 -21.05 48.62
N GLY C 733 -36.19 -21.50 47.38
CA GLY C 733 -37.07 -22.56 46.91
C GLY C 733 -37.01 -22.71 45.40
N ASN C 734 -38.11 -23.21 44.85
CA ASN C 734 -38.23 -23.53 43.43
C ASN C 734 -39.54 -22.97 42.88
N GLN C 735 -39.49 -22.56 41.61
CA GLN C 735 -40.65 -22.07 40.88
C GLN C 735 -40.71 -22.77 39.53
N ASN C 736 -41.92 -23.10 39.09
CA ASN C 736 -42.14 -23.79 37.82
C ASN C 736 -43.29 -23.13 37.09
N ALA C 737 -43.14 -22.98 35.78
CA ALA C 737 -44.18 -22.49 34.91
C ALA C 737 -44.42 -23.52 33.82
N LEU C 738 -45.69 -23.89 33.61
CA LEU C 738 -46.06 -24.89 32.63
C LEU C 738 -46.91 -24.25 31.56
N TYR C 739 -46.59 -24.53 30.29
CA TYR C 739 -47.38 -23.98 29.20
C TYR C 739 -48.74 -24.64 29.17
N ILE C 740 -49.80 -23.82 29.06
CA ILE C 740 -51.14 -24.36 29.02
C ILE C 740 -51.35 -25.21 27.78
N ARG C 741 -50.82 -24.76 26.64
CA ARG C 741 -51.05 -25.44 25.38
C ARG C 741 -50.17 -26.69 25.29
N PRO C 742 -50.74 -27.87 25.14
CA PRO C 742 -49.93 -29.09 24.96
C PRO C 742 -49.54 -29.24 23.50
N THR C 743 -48.69 -30.22 23.24
CA THR C 743 -48.21 -30.50 21.90
C THR C 743 -49.06 -31.61 21.28
N ALA C 744 -48.64 -32.07 20.09
CA ALA C 744 -49.41 -33.09 19.38
C ALA C 744 -49.11 -34.49 19.90
N GLY C 745 -47.86 -34.93 19.78
CA GLY C 745 -47.50 -36.27 20.17
C GLY C 745 -46.39 -36.32 21.21
N ASP C 746 -45.80 -37.50 21.39
CA ASP C 746 -44.73 -37.66 22.37
C ASP C 746 -43.43 -37.02 21.91
N LYS C 747 -43.27 -36.77 20.62
CA LYS C 747 -42.06 -36.13 20.11
C LYS C 747 -42.02 -34.68 20.59
N GLN C 748 -40.99 -34.33 21.35
CA GLN C 748 -40.87 -33.01 21.94
C GLN C 748 -39.49 -32.43 21.66
N TRP C 749 -39.45 -31.11 21.54
CA TRP C 749 -38.20 -30.36 21.37
C TRP C 749 -38.41 -29.01 22.04
N VAL C 750 -37.73 -28.77 23.16
CA VAL C 750 -37.83 -27.50 23.86
C VAL C 750 -36.48 -26.81 23.77
N GLU C 751 -36.52 -25.47 23.76
CA GLU C 751 -35.29 -24.71 23.60
C GLU C 751 -35.46 -23.33 24.20
N ALA C 752 -34.41 -22.86 24.87
CA ALA C 752 -34.41 -21.50 25.40
C ALA C 752 -32.96 -21.09 25.64
N THR C 753 -32.74 -19.77 25.70
CA THR C 753 -31.42 -19.24 25.97
C THR C 753 -31.31 -18.87 27.45
N LEU C 754 -30.18 -19.22 28.04
CA LEU C 754 -29.94 -18.97 29.45
C LEU C 754 -29.13 -17.69 29.62
N TYR C 755 -29.63 -16.77 30.43
CA TYR C 755 -29.01 -15.47 30.61
C TYR C 755 -28.68 -15.25 32.08
N GLU C 756 -27.54 -14.60 32.33
CA GLU C 756 -27.08 -14.28 33.68
C GLU C 756 -26.97 -15.53 34.55
N THR C 757 -26.50 -16.61 33.95
CA THR C 757 -26.27 -17.85 34.69
C THR C 757 -24.81 -18.05 35.07
N GLY C 758 -23.88 -17.32 34.46
CA GLY C 758 -22.49 -17.39 34.82
C GLY C 758 -22.10 -16.62 36.05
N ILE C 759 -23.05 -15.89 36.65
CA ILE C 759 -22.80 -15.16 37.88
C ILE C 759 -23.42 -15.85 39.09
N ALA C 760 -23.87 -17.10 38.93
CA ALA C 760 -24.47 -17.84 40.03
C ALA C 760 -23.42 -18.13 41.09
N ALA C 761 -23.87 -18.25 42.34
CA ALA C 761 -22.97 -18.47 43.46
C ALA C 761 -22.77 -19.96 43.74
N SER C 762 -23.86 -20.67 44.05
CA SER C 762 -23.76 -22.08 44.43
C SER C 762 -25.11 -22.74 44.28
N GLY C 763 -25.16 -23.81 43.49
CA GLY C 763 -26.36 -24.63 43.42
C GLY C 763 -27.54 -24.00 42.73
N ALA C 764 -27.31 -23.00 41.88
CA ALA C 764 -28.41 -22.36 41.16
C ALA C 764 -28.83 -23.27 40.01
N ARG C 765 -30.02 -23.86 40.13
CA ARG C 765 -30.52 -24.81 39.14
C ARG C 765 -31.71 -24.17 38.41
N GLU C 766 -31.58 -24.05 37.09
CA GLU C 766 -32.65 -23.52 36.26
C GLU C 766 -32.56 -24.14 34.89
N GLY C 767 -33.68 -24.10 34.18
CA GLY C 767 -33.69 -24.66 32.83
C GLY C 767 -35.10 -24.94 32.36
N LEU C 768 -35.22 -25.96 31.51
CA LEU C 768 -36.45 -26.26 30.80
C LEU C 768 -37.02 -27.58 31.27
N LEU C 769 -38.35 -27.70 31.14
CA LEU C 769 -39.10 -28.87 31.57
C LEU C 769 -39.82 -29.46 30.36
N MET C 770 -39.66 -30.76 30.16
CA MET C 770 -40.35 -31.47 29.09
C MET C 770 -41.00 -32.72 29.69
N HIS C 771 -42.04 -33.20 29.01
CA HIS C 771 -42.83 -34.33 29.47
C HIS C 771 -43.36 -34.08 30.89
N ALA C 772 -44.09 -32.98 31.02
CA ALA C 772 -44.62 -32.55 32.31
C ALA C 772 -46.10 -32.91 32.40
N ASN C 773 -46.49 -33.51 33.52
CA ASN C 773 -47.90 -33.81 33.75
C ASN C 773 -48.67 -32.54 34.06
N ARG C 774 -49.97 -32.57 33.78
CA ARG C 774 -50.83 -31.43 34.12
C ARG C 774 -50.79 -31.15 35.61
N ASP C 775 -50.69 -32.18 36.43
CA ASP C 775 -50.56 -32.04 37.88
C ASP C 775 -49.12 -32.12 38.33
N LEU C 776 -48.16 -32.11 37.39
CA LEU C 776 -46.73 -32.17 37.70
C LEU C 776 -46.35 -33.45 38.45
N SER C 777 -47.05 -34.55 38.16
CA SER C 777 -46.76 -35.80 38.85
C SER C 777 -45.39 -36.33 38.49
N GLN C 778 -45.00 -36.26 37.22
CA GLN C 778 -43.68 -36.69 36.80
C GLN C 778 -43.22 -35.83 35.64
N VAL C 779 -41.97 -35.34 35.73
CA VAL C 779 -41.41 -34.45 34.72
C VAL C 779 -39.99 -34.88 34.42
N VAL C 780 -39.50 -34.42 33.27
CA VAL C 780 -38.09 -34.51 32.89
C VAL C 780 -37.55 -33.09 32.83
N TYR C 781 -36.54 -32.81 33.65
CA TYR C 781 -36.05 -31.46 33.90
C TYR C 781 -34.60 -31.36 33.51
N LEU C 782 -34.21 -30.21 32.95
CA LEU C 782 -32.83 -29.93 32.58
C LEU C 782 -32.32 -28.82 33.50
N GLY C 783 -31.39 -29.15 34.38
CA GLY C 783 -30.86 -28.17 35.32
C GLY C 783 -29.43 -27.78 35.02
N VAL C 784 -29.19 -26.50 34.75
CA VAL C 784 -27.88 -25.99 34.40
C VAL C 784 -27.44 -25.00 35.48
N ASN C 785 -26.25 -25.21 36.01
CA ASN C 785 -25.64 -24.25 36.92
C ASN C 785 -24.41 -23.65 36.26
N LEU C 786 -23.66 -22.84 37.01
CA LEU C 786 -22.43 -22.27 36.49
C LEU C 786 -21.36 -23.32 36.24
N ASN C 787 -21.53 -24.53 36.76
CA ASN C 787 -20.51 -25.57 36.69
C ASN C 787 -20.88 -26.73 35.79
N THR C 788 -22.11 -27.24 35.86
CA THR C 788 -22.47 -28.46 35.16
C THR C 788 -23.93 -28.40 34.72
N ALA C 789 -24.39 -29.50 34.14
CA ALA C 789 -25.76 -29.65 33.68
C ALA C 789 -26.22 -31.08 33.93
N LYS C 790 -27.40 -31.22 34.51
CA LYS C 790 -27.94 -32.53 34.87
C LYS C 790 -29.35 -32.68 34.33
N ILE C 791 -29.79 -33.93 34.24
CA ILE C 791 -31.15 -34.28 33.87
C ILE C 791 -31.81 -34.93 35.07
N TYR C 792 -33.01 -34.47 35.40
CA TYR C 792 -33.77 -34.94 36.56
C TYR C 792 -35.09 -35.54 36.10
N THR C 793 -35.60 -36.48 36.87
CA THR C 793 -36.87 -37.12 36.59
C THR C 793 -37.71 -37.18 37.86
N GLY C 794 -39.03 -37.12 37.68
CA GLY C 794 -39.96 -37.35 38.76
C GLY C 794 -40.80 -36.14 39.12
N PRO C 795 -41.50 -36.23 40.25
CA PRO C 795 -42.30 -35.09 40.72
C PRO C 795 -41.42 -33.95 41.20
N TRP C 796 -41.99 -32.75 41.18
CA TRP C 796 -41.24 -31.55 41.55
C TRP C 796 -40.83 -31.57 43.02
N ASN C 797 -41.54 -32.32 43.87
CA ASN C 797 -41.17 -32.39 45.28
C ASN C 797 -39.81 -33.05 45.47
N SER C 798 -39.54 -34.11 44.72
CA SER C 798 -38.27 -34.82 44.83
C SER C 798 -37.86 -35.29 43.43
N LEU C 799 -36.67 -34.87 43.01
CA LEU C 799 -36.15 -35.22 41.69
C LEU C 799 -35.04 -36.24 41.82
N THR C 800 -34.91 -37.09 40.80
CA THR C 800 -33.85 -38.08 40.74
C THR C 800 -32.94 -37.78 39.56
N GLU C 801 -31.64 -37.75 39.80
CA GLU C 801 -30.67 -37.41 38.77
C GLU C 801 -30.38 -38.62 37.90
N ARG C 802 -30.63 -38.49 36.60
CA ARG C 802 -30.38 -39.59 35.66
C ARG C 802 -29.01 -39.49 35.00
N ALA C 803 -28.61 -38.28 34.59
CA ALA C 803 -27.33 -38.10 33.96
C ALA C 803 -26.81 -36.70 34.24
N SER C 804 -25.49 -36.53 34.10
CA SER C 804 -24.85 -35.27 34.38
C SER C 804 -23.65 -35.09 33.45
N VAL C 805 -23.26 -33.84 33.24
CA VAL C 805 -22.10 -33.54 32.41
C VAL C 805 -21.55 -32.19 32.84
N SER C 806 -20.23 -32.09 32.90
CA SER C 806 -19.55 -30.88 33.35
C SER C 806 -19.20 -30.02 32.13
N THR C 807 -19.72 -28.80 32.09
CA THR C 807 -19.48 -27.88 30.97
C THR C 807 -19.00 -26.53 31.48
N THR C 808 -18.93 -25.55 30.58
CA THR C 808 -18.53 -24.20 30.94
C THR C 808 -19.17 -23.22 29.97
N GLY C 809 -19.24 -21.95 30.40
CA GLY C 809 -19.84 -20.92 29.58
C GLY C 809 -21.31 -21.15 29.31
N ASN C 810 -22.05 -21.51 30.36
CA ASN C 810 -23.46 -21.90 30.23
C ASN C 810 -24.37 -20.67 30.19
N ASP C 811 -24.19 -19.87 29.16
CA ASP C 811 -25.02 -18.70 28.89
C ASP C 811 -25.40 -18.65 27.42
N VAL C 812 -25.82 -19.80 26.90
CA VAL C 812 -26.08 -19.95 25.47
C VAL C 812 -27.51 -20.40 25.24
N LEU C 813 -27.85 -20.67 23.99
CA LEU C 813 -29.19 -21.14 23.60
C LEU C 813 -29.20 -22.66 23.72
N TRP C 814 -29.62 -23.16 24.88
CA TRP C 814 -29.74 -24.59 25.10
C TRP C 814 -30.99 -25.13 24.43
N GLN C 815 -30.89 -26.36 23.93
CA GLN C 815 -32.02 -27.09 23.39
C GLN C 815 -31.97 -28.51 23.92
N MET C 816 -33.12 -29.16 23.99
CA MET C 816 -33.13 -30.58 24.32
C MET C 816 -34.42 -31.18 23.77
N TYR C 817 -34.29 -32.38 23.22
CA TYR C 817 -35.39 -33.02 22.50
C TYR C 817 -35.43 -34.50 22.84
N PHE C 818 -36.52 -35.14 22.43
CA PHE C 818 -36.74 -36.55 22.68
C PHE C 818 -37.01 -37.26 21.36
N ASP C 819 -36.29 -38.36 21.13
CA ASP C 819 -36.52 -39.21 19.96
C ASP C 819 -37.19 -40.50 20.43
N PRO C 820 -38.43 -40.75 20.03
CA PRO C 820 -39.10 -42.01 20.43
C PRO C 820 -38.65 -43.22 19.66
N ALA C 821 -37.92 -43.05 18.56
CA ALA C 821 -37.43 -44.20 17.81
C ALA C 821 -36.51 -45.05 18.67
N THR C 822 -35.61 -44.42 19.40
CA THR C 822 -34.76 -45.09 20.38
C THR C 822 -35.16 -44.78 21.81
N ALA C 823 -36.22 -43.98 22.01
CA ALA C 823 -36.68 -43.58 23.34
C ALA C 823 -35.55 -42.94 24.14
N ALA C 824 -34.93 -41.93 23.54
CA ALA C 824 -33.76 -41.29 24.13
C ALA C 824 -33.91 -39.77 24.11
N TYR C 825 -33.35 -39.13 25.13
CA TYR C 825 -33.36 -37.67 25.26
C TYR C 825 -31.96 -37.15 24.98
N THR C 826 -31.87 -36.12 24.15
CA THR C 826 -30.58 -35.55 23.75
C THR C 826 -30.59 -34.05 23.97
N VAL C 827 -29.48 -33.52 24.49
CA VAL C 827 -29.35 -32.10 24.79
C VAL C 827 -28.27 -31.51 23.90
N LEU C 828 -28.59 -30.40 23.24
CA LEU C 828 -27.66 -29.70 22.36
C LEU C 828 -27.41 -28.31 22.93
N LYS C 829 -26.15 -28.01 23.21
CA LYS C 829 -25.75 -26.70 23.74
C LYS C 829 -25.17 -25.87 22.60
N ASN C 830 -25.84 -24.75 22.29
CA ASN C 830 -25.40 -23.83 21.25
C ASN C 830 -25.20 -24.55 19.92
N GLY C 831 -26.09 -25.49 19.62
CA GLY C 831 -25.98 -26.26 18.39
C GLY C 831 -24.91 -27.32 18.39
N GLN C 832 -24.32 -27.61 19.53
CA GLN C 832 -23.28 -28.63 19.65
C GLN C 832 -23.80 -29.82 20.44
N ALA C 833 -23.20 -30.99 20.19
CA ALA C 833 -23.70 -32.22 20.81
C ALA C 833 -23.61 -32.16 22.33
N SER C 834 -22.50 -31.66 22.86
CA SER C 834 -22.30 -31.46 24.30
C SER C 834 -22.31 -32.78 25.07
N GLY C 835 -22.48 -33.90 24.37
CA GLY C 835 -22.38 -35.21 24.99
C GLY C 835 -23.38 -35.46 26.10
N LEU C 836 -24.55 -34.83 26.04
CA LEU C 836 -25.59 -35.02 27.06
C LEU C 836 -26.71 -35.84 26.43
N THR C 837 -26.83 -37.10 26.87
CA THR C 837 -27.81 -38.01 26.32
C THR C 837 -28.24 -38.99 27.40
N TRP C 838 -29.54 -39.23 27.50
CA TRP C 838 -30.11 -40.20 28.42
C TRP C 838 -30.92 -41.23 27.64
N THR C 839 -30.76 -42.50 28.01
CA THR C 839 -31.48 -43.60 27.39
C THR C 839 -32.40 -44.23 28.41
N ASP C 840 -33.69 -44.31 28.08
CA ASP C 840 -34.69 -44.86 28.98
C ASP C 840 -34.88 -46.35 28.72
N SER C 841 -33.87 -47.13 29.12
CA SER C 841 -33.96 -48.57 28.98
C SER C 841 -35.08 -49.14 29.85
N GLY C 842 -35.23 -48.63 31.07
CA GLY C 842 -36.24 -49.10 31.99
C GLY C 842 -37.62 -48.51 31.79
N SER C 843 -37.79 -47.60 30.83
CA SER C 843 -39.08 -46.98 30.54
C SER C 843 -39.68 -46.32 31.79
N VAL C 844 -38.85 -45.60 32.54
CA VAL C 844 -39.32 -44.92 33.73
C VAL C 844 -40.23 -43.74 33.38
N VAL C 845 -40.17 -43.25 32.14
CA VAL C 845 -40.96 -42.12 31.70
C VAL C 845 -42.15 -42.63 30.90
N ALA C 846 -43.35 -42.24 31.31
CA ALA C 846 -44.58 -42.64 30.61
C ALA C 846 -44.93 -41.59 29.57
N HIS C 847 -45.22 -42.06 28.36
CA HIS C 847 -45.58 -41.18 27.24
C HIS C 847 -47.04 -41.43 26.88
N GLY C 848 -47.82 -40.36 26.83
CA GLY C 848 -49.22 -40.46 26.51
C GLY C 848 -49.88 -39.11 26.34
N PRO C 849 -51.22 -39.10 26.22
CA PRO C 849 -51.93 -37.82 26.05
C PRO C 849 -51.74 -36.86 27.20
N ASN C 850 -51.49 -37.35 28.41
CA ASN C 850 -51.38 -36.51 29.59
C ASN C 850 -49.94 -36.11 29.90
N TYR C 851 -49.00 -36.42 29.02
CA TYR C 851 -47.58 -36.14 29.24
C TYR C 851 -46.97 -35.43 28.05
N ARG C 852 -47.65 -34.40 27.55
CA ARG C 852 -47.18 -33.62 26.42
C ARG C 852 -47.21 -32.13 26.75
N PHE C 853 -46.68 -31.79 27.92
CA PHE C 853 -46.62 -30.40 28.37
C PHE C 853 -45.18 -30.04 28.71
N GLY C 854 -44.78 -28.83 28.32
CA GLY C 854 -43.48 -28.30 28.63
C GLY C 854 -43.56 -27.08 29.54
N GLY C 855 -42.39 -26.53 29.85
CA GLY C 855 -42.34 -25.37 30.70
C GLY C 855 -40.93 -24.99 31.09
N LEU C 856 -40.84 -24.18 32.14
CA LEU C 856 -39.62 -23.55 32.60
C LEU C 856 -39.51 -23.71 34.11
N ARG C 857 -38.27 -23.82 34.61
CA ARG C 857 -38.04 -24.03 36.03
C ARG C 857 -36.88 -23.18 36.50
N ILE C 858 -37.04 -22.56 37.67
CA ILE C 858 -36.00 -21.78 38.32
C ILE C 858 -35.90 -22.22 39.77
N SER C 859 -34.69 -22.15 40.33
CA SER C 859 -34.49 -22.38 41.75
C SER C 859 -33.58 -21.31 42.32
N ARG C 860 -33.89 -20.84 43.53
CA ARG C 860 -33.10 -19.82 44.20
C ARG C 860 -32.72 -20.33 45.59
N ALA C 861 -31.45 -20.09 45.97
CA ALA C 861 -30.95 -20.52 47.26
C ALA C 861 -29.85 -19.57 47.72
N THR C 862 -29.61 -19.60 49.03
CA THR C 862 -28.55 -18.84 49.72
C THR C 862 -28.35 -17.44 49.14
N PHE C 863 -29.46 -16.69 49.07
CA PHE C 863 -29.44 -15.27 48.73
C PHE C 863 -28.79 -15.02 47.37
N PHE C 864 -28.99 -15.94 46.43
CA PHE C 864 -28.43 -15.77 45.08
C PHE C 864 -29.41 -16.40 44.10
N ASN C 865 -30.16 -15.57 43.40
CA ASN C 865 -31.10 -16.03 42.40
C ASN C 865 -30.35 -16.64 41.22
N ALA C 866 -30.96 -17.67 40.61
CA ALA C 866 -30.38 -18.30 39.45
C ALA C 866 -30.51 -17.38 38.23
N GLY C 867 -30.05 -17.88 37.09
CA GLY C 867 -30.09 -17.09 35.88
C GLY C 867 -31.50 -16.89 35.34
N ARG C 868 -31.62 -15.90 34.47
CA ARG C 868 -32.90 -15.58 33.84
C ARG C 868 -32.97 -16.23 32.46
N ILE C 869 -34.20 -16.42 31.98
CA ILE C 869 -34.44 -17.21 30.77
C ILE C 869 -35.15 -16.33 29.75
N ASP C 870 -34.97 -16.66 28.47
CA ASP C 870 -35.60 -15.92 27.39
C ASP C 870 -35.75 -16.82 26.18
N ASN C 871 -36.61 -16.38 25.26
CA ASN C 871 -36.83 -17.07 23.98
C ASN C 871 -37.24 -18.52 24.18
N TRP C 872 -38.26 -18.74 25.01
CA TRP C 872 -38.73 -20.09 25.27
C TRP C 872 -39.48 -20.61 24.06
N THR C 873 -39.29 -21.89 23.74
CA THR C 873 -39.96 -22.47 22.59
C THR C 873 -40.15 -23.96 22.79
N LEU C 874 -41.34 -24.46 22.45
CA LEU C 874 -41.63 -25.88 22.41
C LEU C 874 -42.17 -26.22 21.03
N LYS C 875 -41.80 -27.38 20.52
CA LYS C 875 -42.30 -27.81 19.21
C LYS C 875 -42.17 -29.32 19.11
N ASP C 876 -42.68 -29.87 18.01
CA ASP C 876 -42.63 -31.29 17.71
C ASP C 876 -41.79 -31.46 16.45
N TRP C 877 -40.50 -31.67 16.63
CA TRP C 877 -39.59 -31.82 15.51
C TRP C 877 -39.92 -33.07 14.71
N ALA C 878 -39.71 -32.99 13.41
CA ALA C 878 -39.96 -34.12 12.52
C ALA C 878 -38.83 -35.13 12.58
#